data_3H8N
# 
_entry.id   3H8N 
# 
_audit_conform.dict_name       mmcif_pdbx.dic 
_audit_conform.dict_version    5.397 
_audit_conform.dict_location   http://mmcif.pdb.org/dictionaries/ascii/mmcif_pdbx.dic 
# 
loop_
_database_2.database_id 
_database_2.database_code 
_database_2.pdbx_database_accession 
_database_2.pdbx_DOI 
PDB   3H8N         pdb_00003h8n 10.2210/pdb3h8n/pdb 
RCSB  RCSB052830   ?            ?                   
WWPDB D_1000052830 ?            ?                   
# 
loop_
_pdbx_audit_revision_history.ordinal 
_pdbx_audit_revision_history.data_content_type 
_pdbx_audit_revision_history.major_revision 
_pdbx_audit_revision_history.minor_revision 
_pdbx_audit_revision_history.revision_date 
1 'Structure model' 1 0 2009-10-20 
2 'Structure model' 1 1 2011-07-13 
3 'Structure model' 1 2 2017-11-01 
4 'Structure model' 1 3 2023-09-06 
5 'Structure model' 1 4 2024-10-09 
# 
_pdbx_audit_revision_details.ordinal             1 
_pdbx_audit_revision_details.revision_ordinal    1 
_pdbx_audit_revision_details.data_content_type   'Structure model' 
_pdbx_audit_revision_details.provider            repository 
_pdbx_audit_revision_details.type                'Initial release' 
_pdbx_audit_revision_details.description         ? 
_pdbx_audit_revision_details.details             ? 
# 
loop_
_pdbx_audit_revision_group.ordinal 
_pdbx_audit_revision_group.revision_ordinal 
_pdbx_audit_revision_group.data_content_type 
_pdbx_audit_revision_group.group 
1 2 'Structure model' 'Version format compliance' 
2 3 'Structure model' 'Refinement description'    
3 4 'Structure model' 'Data collection'           
4 4 'Structure model' 'Database references'       
5 4 'Structure model' 'Refinement description'    
6 5 'Structure model' 'Structure summary'         
# 
loop_
_pdbx_audit_revision_category.ordinal 
_pdbx_audit_revision_category.revision_ordinal 
_pdbx_audit_revision_category.data_content_type 
_pdbx_audit_revision_category.category 
1 3 'Structure model' software                      
2 4 'Structure model' chem_comp_atom                
3 4 'Structure model' chem_comp_bond                
4 4 'Structure model' database_2                    
5 4 'Structure model' pdbx_initial_refinement_model 
6 5 'Structure model' pdbx_entry_details            
7 5 'Structure model' pdbx_modification_feature     
# 
loop_
_pdbx_audit_revision_item.ordinal 
_pdbx_audit_revision_item.revision_ordinal 
_pdbx_audit_revision_item.data_content_type 
_pdbx_audit_revision_item.item 
1 3 'Structure model' '_software.name'                      
2 4 'Structure model' '_database_2.pdbx_DOI'                
3 4 'Structure model' '_database_2.pdbx_database_accession' 
# 
_pdbx_database_status.entry_id                        3H8N 
_pdbx_database_status.status_code                     REL 
_pdbx_database_status.deposit_site                    RCSB 
_pdbx_database_status.process_site                    RCSB 
_pdbx_database_status.recvd_initial_deposition_date   2009-04-29 
_pdbx_database_status.status_code_sf                  REL 
_pdbx_database_status.status_code_mr                  ? 
_pdbx_database_status.SG_entry                        ? 
_pdbx_database_status.pdb_format_compatible           Y 
_pdbx_database_status.status_code_cs                  ? 
_pdbx_database_status.methods_development_category    ? 
_pdbx_database_status.status_code_nmr_data            ? 
# 
loop_
_pdbx_database_related.db_name 
_pdbx_database_related.db_id 
_pdbx_database_related.details 
_pdbx_database_related.content_type 
PDB 1efx 'STRUCTURE OF A COMPLEX BETWEEN THE HUMAN NATURAL KILLER CELL RECEPTOR KIR2DL2 AND A CLASS I MHC LIGAND HLA-CW3' 
unspecified 
PDB 1im9 'Crystal structure of the human natural killer cell inhibitory receptor KIR2DL1 bound to its MHC ligand HLA-Cw4' 
unspecified 
# 
loop_
_audit_author.name 
_audit_author.pdbx_ordinal 
'Graef, T.'      1 
'Bushnell, D.A.' 2 
'Parham, P.'     3 
# 
_citation.id                        primary 
_citation.title                     
'KIR2DS4 is a product of gene conversion with KIR3DL2 that introduced specificity for HLA-A*11 while diminishing avidity for HLA-C.' 
_citation.journal_abbrev            J.Exp.Med. 
_citation.journal_volume            206 
_citation.page_first                2557 
_citation.page_last                 2572 
_citation.year                      2009 
_citation.journal_id_ASTM           JEMEAV 
_citation.country                   US 
_citation.journal_id_ISSN           0022-1007 
_citation.journal_id_CSD            0774 
_citation.book_publisher            ? 
_citation.pdbx_database_id_PubMed   19858347 
_citation.pdbx_database_id_DOI      10.1084/jem.20091010 
# 
loop_
_citation_author.citation_id 
_citation_author.name 
_citation_author.ordinal 
_citation_author.identifier_ORCID 
primary 'Graef, T.'           1  ? 
primary 'Moesta, A.K.'        2  ? 
primary 'Norman, P.J.'        3  ? 
primary 'Abi-Rached, L.'      4  ? 
primary 'Vago, L.'            5  ? 
primary 'Older Aguilar, A.M.' 6  ? 
primary 'Gleimer, M.'         7  ? 
primary 'Hammond, J.A.'       8  ? 
primary 'Guethlein, L.A.'     9  ? 
primary 'Bushnell, D.A.'      10 ? 
primary 'Robinson, P.J.'      11 ? 
primary 'Parham, P.'          12 ? 
# 
loop_
_entity.id 
_entity.type 
_entity.src_method 
_entity.pdbx_description 
_entity.formula_weight 
_entity.pdbx_number_of_molecules 
_entity.pdbx_ec 
_entity.pdbx_mutation 
_entity.pdbx_fragment 
_entity.details 
1 polymer man 'Killer cell immunoglobulin-like receptor 2DS4' 21534.236 1  ? ? ? ? 
2 water   nat water                                           18.015    53 ? ? ? ? 
# 
_entity_name_com.entity_id   1 
_entity_name_com.name        
;MHC class I NK cell receptor, Natural killer-associated transcript 8, NKAT-8, P58 natural killer cell receptor clone CL-39, p58 NK receptor, CL-17, CD158 antigen-like family member I
;
# 
_entity_poly.entity_id                      1 
_entity_poly.type                           'polypeptide(L)' 
_entity_poly.nstd_linkage                   no 
_entity_poly.nstd_monomer                   no 
_entity_poly.pdbx_seq_one_letter_code       
;RKPSFLALPGHLVKSEETVILQCWSDVMFEHFLLHREGKFNNTLHLIGEHHDGVSKANFSIGPMMPVLAGTYRCYGSVPH
SPYQLSAPSDPLDMVIIGLYEKPSLSAQPGPTVQAGENVTLSCSSRSSYDMYHLSREGEAHERRLPAVRSINGTFQADFP
LGPATHGGTYRCFGSFRDAPYEWSNSSDPLLVSVT
;
_entity_poly.pdbx_seq_one_letter_code_can   
;RKPSFLALPGHLVKSEETVILQCWSDVMFEHFLLHREGKFNNTLHLIGEHHDGVSKANFSIGPMMPVLAGTYRCYGSVPH
SPYQLSAPSDPLDMVIIGLYEKPSLSAQPGPTVQAGENVTLSCSSRSSYDMYHLSREGEAHERRLPAVRSINGTFQADFP
LGPATHGGTYRCFGSFRDAPYEWSNSSDPLLVSVT
;
_entity_poly.pdbx_strand_id                 A 
_entity_poly.pdbx_target_identifier         ? 
# 
_pdbx_entity_nonpoly.entity_id   2 
_pdbx_entity_nonpoly.name        water 
_pdbx_entity_nonpoly.comp_id     HOH 
# 
loop_
_entity_poly_seq.entity_id 
_entity_poly_seq.num 
_entity_poly_seq.mon_id 
_entity_poly_seq.hetero 
1 1   ARG n 
1 2   LYS n 
1 3   PRO n 
1 4   SER n 
1 5   PHE n 
1 6   LEU n 
1 7   ALA n 
1 8   LEU n 
1 9   PRO n 
1 10  GLY n 
1 11  HIS n 
1 12  LEU n 
1 13  VAL n 
1 14  LYS n 
1 15  SER n 
1 16  GLU n 
1 17  GLU n 
1 18  THR n 
1 19  VAL n 
1 20  ILE n 
1 21  LEU n 
1 22  GLN n 
1 23  CYS n 
1 24  TRP n 
1 25  SER n 
1 26  ASP n 
1 27  VAL n 
1 28  MET n 
1 29  PHE n 
1 30  GLU n 
1 31  HIS n 
1 32  PHE n 
1 33  LEU n 
1 34  LEU n 
1 35  HIS n 
1 36  ARG n 
1 37  GLU n 
1 38  GLY n 
1 39  LYS n 
1 40  PHE n 
1 41  ASN n 
1 42  ASN n 
1 43  THR n 
1 44  LEU n 
1 45  HIS n 
1 46  LEU n 
1 47  ILE n 
1 48  GLY n 
1 49  GLU n 
1 50  HIS n 
1 51  HIS n 
1 52  ASP n 
1 53  GLY n 
1 54  VAL n 
1 55  SER n 
1 56  LYS n 
1 57  ALA n 
1 58  ASN n 
1 59  PHE n 
1 60  SER n 
1 61  ILE n 
1 62  GLY n 
1 63  PRO n 
1 64  MET n 
1 65  MET n 
1 66  PRO n 
1 67  VAL n 
1 68  LEU n 
1 69  ALA n 
1 70  GLY n 
1 71  THR n 
1 72  TYR n 
1 73  ARG n 
1 74  CYS n 
1 75  TYR n 
1 76  GLY n 
1 77  SER n 
1 78  VAL n 
1 79  PRO n 
1 80  HIS n 
1 81  SER n 
1 82  PRO n 
1 83  TYR n 
1 84  GLN n 
1 85  LEU n 
1 86  SER n 
1 87  ALA n 
1 88  PRO n 
1 89  SER n 
1 90  ASP n 
1 91  PRO n 
1 92  LEU n 
1 93  ASP n 
1 94  MET n 
1 95  VAL n 
1 96  ILE n 
1 97  ILE n 
1 98  GLY n 
1 99  LEU n 
1 100 TYR n 
1 101 GLU n 
1 102 LYS n 
1 103 PRO n 
1 104 SER n 
1 105 LEU n 
1 106 SER n 
1 107 ALA n 
1 108 GLN n 
1 109 PRO n 
1 110 GLY n 
1 111 PRO n 
1 112 THR n 
1 113 VAL n 
1 114 GLN n 
1 115 ALA n 
1 116 GLY n 
1 117 GLU n 
1 118 ASN n 
1 119 VAL n 
1 120 THR n 
1 121 LEU n 
1 122 SER n 
1 123 CYS n 
1 124 SER n 
1 125 SER n 
1 126 ARG n 
1 127 SER n 
1 128 SER n 
1 129 TYR n 
1 130 ASP n 
1 131 MET n 
1 132 TYR n 
1 133 HIS n 
1 134 LEU n 
1 135 SER n 
1 136 ARG n 
1 137 GLU n 
1 138 GLY n 
1 139 GLU n 
1 140 ALA n 
1 141 HIS n 
1 142 GLU n 
1 143 ARG n 
1 144 ARG n 
1 145 LEU n 
1 146 PRO n 
1 147 ALA n 
1 148 VAL n 
1 149 ARG n 
1 150 SER n 
1 151 ILE n 
1 152 ASN n 
1 153 GLY n 
1 154 THR n 
1 155 PHE n 
1 156 GLN n 
1 157 ALA n 
1 158 ASP n 
1 159 PHE n 
1 160 PRO n 
1 161 LEU n 
1 162 GLY n 
1 163 PRO n 
1 164 ALA n 
1 165 THR n 
1 166 HIS n 
1 167 GLY n 
1 168 GLY n 
1 169 THR n 
1 170 TYR n 
1 171 ARG n 
1 172 CYS n 
1 173 PHE n 
1 174 GLY n 
1 175 SER n 
1 176 PHE n 
1 177 ARG n 
1 178 ASP n 
1 179 ALA n 
1 180 PRO n 
1 181 TYR n 
1 182 GLU n 
1 183 TRP n 
1 184 SER n 
1 185 ASN n 
1 186 SER n 
1 187 SER n 
1 188 ASP n 
1 189 PRO n 
1 190 LEU n 
1 191 LEU n 
1 192 VAL n 
1 193 SER n 
1 194 VAL n 
1 195 THR n 
# 
_entity_src_gen.entity_id                          1 
_entity_src_gen.pdbx_src_id                        1 
_entity_src_gen.pdbx_alt_source_flag               sample 
_entity_src_gen.pdbx_seq_type                      ? 
_entity_src_gen.pdbx_beg_seq_num                   ? 
_entity_src_gen.pdbx_end_seq_num                   ? 
_entity_src_gen.gene_src_common_name               human 
_entity_src_gen.gene_src_genus                     ? 
_entity_src_gen.pdbx_gene_src_gene                 'CD158I, KIR2DS4, KIR2DS4*0010101, KKA3, NKAT8' 
_entity_src_gen.gene_src_species                   ? 
_entity_src_gen.gene_src_strain                    ? 
_entity_src_gen.gene_src_tissue                    ? 
_entity_src_gen.gene_src_tissue_fraction           ? 
_entity_src_gen.gene_src_details                   ? 
_entity_src_gen.pdbx_gene_src_fragment             ? 
_entity_src_gen.pdbx_gene_src_scientific_name      'Homo sapiens' 
_entity_src_gen.pdbx_gene_src_ncbi_taxonomy_id     9606 
_entity_src_gen.pdbx_gene_src_variant              ? 
_entity_src_gen.pdbx_gene_src_cell_line            ? 
_entity_src_gen.pdbx_gene_src_atcc                 ? 
_entity_src_gen.pdbx_gene_src_organ                ? 
_entity_src_gen.pdbx_gene_src_organelle            ? 
_entity_src_gen.pdbx_gene_src_cell                 ? 
_entity_src_gen.pdbx_gene_src_cellular_location    ? 
_entity_src_gen.host_org_common_name               ? 
_entity_src_gen.pdbx_host_org_scientific_name      'Escherichia coli' 
_entity_src_gen.pdbx_host_org_ncbi_taxonomy_id     562 
_entity_src_gen.host_org_genus                     ? 
_entity_src_gen.pdbx_host_org_gene                 ? 
_entity_src_gen.pdbx_host_org_organ                ? 
_entity_src_gen.host_org_species                   ? 
_entity_src_gen.pdbx_host_org_tissue               ? 
_entity_src_gen.pdbx_host_org_tissue_fraction      ? 
_entity_src_gen.pdbx_host_org_strain               'BL21-CodonPlus(DE3)-RIL' 
_entity_src_gen.pdbx_host_org_variant              ? 
_entity_src_gen.pdbx_host_org_cell_line            ? 
_entity_src_gen.pdbx_host_org_atcc                 ? 
_entity_src_gen.pdbx_host_org_culture_collection   ? 
_entity_src_gen.pdbx_host_org_cell                 ? 
_entity_src_gen.pdbx_host_org_organelle            ? 
_entity_src_gen.pdbx_host_org_cellular_location    ? 
_entity_src_gen.pdbx_host_org_vector_type          PLASMID 
_entity_src_gen.pdbx_host_org_vector               ? 
_entity_src_gen.host_org_details                   ? 
_entity_src_gen.expression_system_id               ? 
_entity_src_gen.plasmid_name                       pET-28c 
_entity_src_gen.plasmid_details                    ? 
_entity_src_gen.pdbx_description                   ? 
# 
loop_
_chem_comp.id 
_chem_comp.type 
_chem_comp.mon_nstd_flag 
_chem_comp.name 
_chem_comp.pdbx_synonyms 
_chem_comp.formula 
_chem_comp.formula_weight 
ALA 'L-peptide linking' y ALANINE         ? 'C3 H7 N O2'     89.093  
ARG 'L-peptide linking' y ARGININE        ? 'C6 H15 N4 O2 1' 175.209 
ASN 'L-peptide linking' y ASPARAGINE      ? 'C4 H8 N2 O3'    132.118 
ASP 'L-peptide linking' y 'ASPARTIC ACID' ? 'C4 H7 N O4'     133.103 
CYS 'L-peptide linking' y CYSTEINE        ? 'C3 H7 N O2 S'   121.158 
GLN 'L-peptide linking' y GLUTAMINE       ? 'C5 H10 N2 O3'   146.144 
GLU 'L-peptide linking' y 'GLUTAMIC ACID' ? 'C5 H9 N O4'     147.129 
GLY 'peptide linking'   y GLYCINE         ? 'C2 H5 N O2'     75.067  
HIS 'L-peptide linking' y HISTIDINE       ? 'C6 H10 N3 O2 1' 156.162 
HOH non-polymer         . WATER           ? 'H2 O'           18.015  
ILE 'L-peptide linking' y ISOLEUCINE      ? 'C6 H13 N O2'    131.173 
LEU 'L-peptide linking' y LEUCINE         ? 'C6 H13 N O2'    131.173 
LYS 'L-peptide linking' y LYSINE          ? 'C6 H15 N2 O2 1' 147.195 
MET 'L-peptide linking' y METHIONINE      ? 'C5 H11 N O2 S'  149.211 
PHE 'L-peptide linking' y PHENYLALANINE   ? 'C9 H11 N O2'    165.189 
PRO 'L-peptide linking' y PROLINE         ? 'C5 H9 N O2'     115.130 
SER 'L-peptide linking' y SERINE          ? 'C3 H7 N O3'     105.093 
THR 'L-peptide linking' y THREONINE       ? 'C4 H9 N O3'     119.119 
TRP 'L-peptide linking' y TRYPTOPHAN      ? 'C11 H12 N2 O2'  204.225 
TYR 'L-peptide linking' y TYROSINE        ? 'C9 H11 N O3'    181.189 
VAL 'L-peptide linking' y VALINE          ? 'C5 H11 N O2'    117.146 
# 
loop_
_pdbx_poly_seq_scheme.asym_id 
_pdbx_poly_seq_scheme.entity_id 
_pdbx_poly_seq_scheme.seq_id 
_pdbx_poly_seq_scheme.mon_id 
_pdbx_poly_seq_scheme.ndb_seq_num 
_pdbx_poly_seq_scheme.pdb_seq_num 
_pdbx_poly_seq_scheme.auth_seq_num 
_pdbx_poly_seq_scheme.pdb_mon_id 
_pdbx_poly_seq_scheme.auth_mon_id 
_pdbx_poly_seq_scheme.pdb_strand_id 
_pdbx_poly_seq_scheme.pdb_ins_code 
_pdbx_poly_seq_scheme.hetero 
A 1 1   ARG 1   6   6   ARG ARG A . n 
A 1 2   LYS 2   7   7   LYS LYS A . n 
A 1 3   PRO 3   8   8   PRO PRO A . n 
A 1 4   SER 4   9   9   SER SER A . n 
A 1 5   PHE 5   10  10  PHE PHE A . n 
A 1 6   LEU 6   11  11  LEU LEU A . n 
A 1 7   ALA 7   12  12  ALA ALA A . n 
A 1 8   LEU 8   13  13  LEU LEU A . n 
A 1 9   PRO 9   14  14  PRO PRO A . n 
A 1 10  GLY 10  15  15  GLY GLY A . n 
A 1 11  HIS 11  16  16  HIS HIS A . n 
A 1 12  LEU 12  17  17  LEU LEU A . n 
A 1 13  VAL 13  18  18  VAL VAL A . n 
A 1 14  LYS 14  19  19  LYS LYS A . n 
A 1 15  SER 15  20  20  SER SER A . n 
A 1 16  GLU 16  21  21  GLU GLU A . n 
A 1 17  GLU 17  22  22  GLU GLU A . n 
A 1 18  THR 18  23  23  THR THR A . n 
A 1 19  VAL 19  24  24  VAL VAL A . n 
A 1 20  ILE 20  25  25  ILE ILE A . n 
A 1 21  LEU 21  26  26  LEU LEU A . n 
A 1 22  GLN 22  27  27  GLN GLN A . n 
A 1 23  CYS 23  28  28  CYS CYS A . n 
A 1 24  TRP 24  29  29  TRP TRP A . n 
A 1 25  SER 25  30  30  SER SER A . n 
A 1 26  ASP 26  31  31  ASP ASP A . n 
A 1 27  VAL 27  32  32  VAL VAL A . n 
A 1 28  MET 28  33  33  MET MET A . n 
A 1 29  PHE 29  34  34  PHE PHE A . n 
A 1 30  GLU 30  35  35  GLU GLU A . n 
A 1 31  HIS 31  36  36  HIS HIS A . n 
A 1 32  PHE 32  37  37  PHE PHE A . n 
A 1 33  LEU 33  38  38  LEU LEU A . n 
A 1 34  LEU 34  39  39  LEU LEU A . n 
A 1 35  HIS 35  40  40  HIS HIS A . n 
A 1 36  ARG 36  41  41  ARG ARG A . n 
A 1 37  GLU 37  42  42  GLU GLU A . n 
A 1 38  GLY 38  43  43  GLY GLY A . n 
A 1 39  LYS 39  44  44  LYS LYS A . n 
A 1 40  PHE 40  45  45  PHE PHE A . n 
A 1 41  ASN 41  46  46  ASN ASN A . n 
A 1 42  ASN 42  47  47  ASN ASN A . n 
A 1 43  THR 43  48  48  THR THR A . n 
A 1 44  LEU 44  49  49  LEU LEU A . n 
A 1 45  HIS 45  50  50  HIS HIS A . n 
A 1 46  LEU 46  51  51  LEU LEU A . n 
A 1 47  ILE 47  52  52  ILE ILE A . n 
A 1 48  GLY 48  53  53  GLY GLY A . n 
A 1 49  GLU 49  54  54  GLU GLU A . n 
A 1 50  HIS 50  55  55  HIS HIS A . n 
A 1 51  HIS 51  56  56  HIS HIS A . n 
A 1 52  ASP 52  57  57  ASP ASP A . n 
A 1 53  GLY 53  58  58  GLY GLY A . n 
A 1 54  VAL 54  59  59  VAL VAL A . n 
A 1 55  SER 55  60  60  SER SER A . n 
A 1 56  LYS 56  61  61  LYS LYS A . n 
A 1 57  ALA 57  62  62  ALA ALA A . n 
A 1 58  ASN 58  63  63  ASN ASN A . n 
A 1 59  PHE 59  64  64  PHE PHE A . n 
A 1 60  SER 60  65  65  SER SER A . n 
A 1 61  ILE 61  66  66  ILE ILE A . n 
A 1 62  GLY 62  67  67  GLY GLY A . n 
A 1 63  PRO 63  68  68  PRO PRO A . n 
A 1 64  MET 64  69  69  MET MET A . n 
A 1 65  MET 65  70  70  MET MET A . n 
A 1 66  PRO 66  71  71  PRO PRO A . n 
A 1 67  VAL 67  72  72  VAL VAL A . n 
A 1 68  LEU 68  73  73  LEU LEU A . n 
A 1 69  ALA 69  74  74  ALA ALA A . n 
A 1 70  GLY 70  75  75  GLY GLY A . n 
A 1 71  THR 71  76  76  THR THR A . n 
A 1 72  TYR 72  77  77  TYR TYR A . n 
A 1 73  ARG 73  78  78  ARG ARG A . n 
A 1 74  CYS 74  79  79  CYS CYS A . n 
A 1 75  TYR 75  80  80  TYR TYR A . n 
A 1 76  GLY 76  81  81  GLY GLY A . n 
A 1 77  SER 77  82  82  SER SER A . n 
A 1 78  VAL 78  83  83  VAL VAL A . n 
A 1 79  PRO 79  84  84  PRO PRO A . n 
A 1 80  HIS 80  85  85  HIS HIS A . n 
A 1 81  SER 81  86  86  SER SER A . n 
A 1 82  PRO 82  87  87  PRO PRO A . n 
A 1 83  TYR 83  88  88  TYR TYR A . n 
A 1 84  GLN 84  89  89  GLN GLN A . n 
A 1 85  LEU 85  90  90  LEU LEU A . n 
A 1 86  SER 86  91  91  SER SER A . n 
A 1 87  ALA 87  92  92  ALA ALA A . n 
A 1 88  PRO 88  93  93  PRO PRO A . n 
A 1 89  SER 89  94  94  SER SER A . n 
A 1 90  ASP 90  95  95  ASP ASP A . n 
A 1 91  PRO 91  96  96  PRO PRO A . n 
A 1 92  LEU 92  97  97  LEU LEU A . n 
A 1 93  ASP 93  98  98  ASP ASP A . n 
A 1 94  MET 94  99  99  MET MET A . n 
A 1 95  VAL 95  100 100 VAL VAL A . n 
A 1 96  ILE 96  101 101 ILE ILE A . n 
A 1 97  ILE 97  102 102 ILE ILE A . n 
A 1 98  GLY 98  103 103 GLY GLY A . n 
A 1 99  LEU 99  104 104 LEU LEU A . n 
A 1 100 TYR 100 105 105 TYR TYR A . n 
A 1 101 GLU 101 106 106 GLU GLU A . n 
A 1 102 LYS 102 107 107 LYS LYS A . n 
A 1 103 PRO 103 108 108 PRO PRO A . n 
A 1 104 SER 104 109 109 SER SER A . n 
A 1 105 LEU 105 110 110 LEU LEU A . n 
A 1 106 SER 106 111 111 SER SER A . n 
A 1 107 ALA 107 112 112 ALA ALA A . n 
A 1 108 GLN 108 113 113 GLN GLN A . n 
A 1 109 PRO 109 114 114 PRO PRO A . n 
A 1 110 GLY 110 115 115 GLY GLY A . n 
A 1 111 PRO 111 116 116 PRO PRO A . n 
A 1 112 THR 112 117 117 THR THR A . n 
A 1 113 VAL 113 118 118 VAL VAL A . n 
A 1 114 GLN 114 119 119 GLN GLN A . n 
A 1 115 ALA 115 120 120 ALA ALA A . n 
A 1 116 GLY 116 121 121 GLY GLY A . n 
A 1 117 GLU 117 122 122 GLU GLU A . n 
A 1 118 ASN 118 123 123 ASN ASN A . n 
A 1 119 VAL 119 124 124 VAL VAL A . n 
A 1 120 THR 120 125 125 THR THR A . n 
A 1 121 LEU 121 126 126 LEU LEU A . n 
A 1 122 SER 122 127 127 SER SER A . n 
A 1 123 CYS 123 128 128 CYS CYS A . n 
A 1 124 SER 124 129 129 SER SER A . n 
A 1 125 SER 125 130 130 SER SER A . n 
A 1 126 ARG 126 131 131 ARG ARG A . n 
A 1 127 SER 127 132 132 SER SER A . n 
A 1 128 SER 128 133 133 SER SER A . n 
A 1 129 TYR 129 134 134 TYR TYR A . n 
A 1 130 ASP 130 135 135 ASP ASP A . n 
A 1 131 MET 131 136 136 MET MET A . n 
A 1 132 TYR 132 137 137 TYR TYR A . n 
A 1 133 HIS 133 138 138 HIS HIS A . n 
A 1 134 LEU 134 139 139 LEU LEU A . n 
A 1 135 SER 135 140 140 SER SER A . n 
A 1 136 ARG 136 141 141 ARG ARG A . n 
A 1 137 GLU 137 142 142 GLU GLU A . n 
A 1 138 GLY 138 143 143 GLY GLY A . n 
A 1 139 GLU 139 144 144 GLU GLU A . n 
A 1 140 ALA 140 145 145 ALA ALA A . n 
A 1 141 HIS 141 146 146 HIS HIS A . n 
A 1 142 GLU 142 147 147 GLU GLU A . n 
A 1 143 ARG 143 148 148 ARG ARG A . n 
A 1 144 ARG 144 149 149 ARG ARG A . n 
A 1 145 LEU 145 150 150 LEU LEU A . n 
A 1 146 PRO 146 151 151 PRO PRO A . n 
A 1 147 ALA 147 152 152 ALA ALA A . n 
A 1 148 VAL 148 153 153 VAL VAL A . n 
A 1 149 ARG 149 154 154 ARG ARG A . n 
A 1 150 SER 150 155 155 SER SER A . n 
A 1 151 ILE 151 156 156 ILE ILE A . n 
A 1 152 ASN 152 157 157 ASN ASN A . n 
A 1 153 GLY 153 158 158 GLY GLY A . n 
A 1 154 THR 154 159 159 THR THR A . n 
A 1 155 PHE 155 160 160 PHE PHE A . n 
A 1 156 GLN 156 161 161 GLN GLN A . n 
A 1 157 ALA 157 162 162 ALA ALA A . n 
A 1 158 ASP 158 163 163 ASP ASP A . n 
A 1 159 PHE 159 164 164 PHE PHE A . n 
A 1 160 PRO 160 165 165 PRO PRO A . n 
A 1 161 LEU 161 166 166 LEU LEU A . n 
A 1 162 GLY 162 167 167 GLY GLY A . n 
A 1 163 PRO 163 168 168 PRO PRO A . n 
A 1 164 ALA 164 169 169 ALA ALA A . n 
A 1 165 THR 165 170 170 THR THR A . n 
A 1 166 HIS 166 171 171 HIS HIS A . n 
A 1 167 GLY 167 172 172 GLY GLY A . n 
A 1 168 GLY 168 173 173 GLY GLY A . n 
A 1 169 THR 169 174 174 THR THR A . n 
A 1 170 TYR 170 175 175 TYR TYR A . n 
A 1 171 ARG 171 176 176 ARG ARG A . n 
A 1 172 CYS 172 177 177 CYS CYS A . n 
A 1 173 PHE 173 178 178 PHE PHE A . n 
A 1 174 GLY 174 179 179 GLY GLY A . n 
A 1 175 SER 175 180 180 SER SER A . n 
A 1 176 PHE 176 181 181 PHE PHE A . n 
A 1 177 ARG 177 182 182 ARG ARG A . n 
A 1 178 ASP 178 183 183 ASP ASP A . n 
A 1 179 ALA 179 184 184 ALA ALA A . n 
A 1 180 PRO 180 185 185 PRO PRO A . n 
A 1 181 TYR 181 186 186 TYR TYR A . n 
A 1 182 GLU 182 187 187 GLU GLU A . n 
A 1 183 TRP 183 188 188 TRP TRP A . n 
A 1 184 SER 184 189 189 SER SER A . n 
A 1 185 ASN 185 190 190 ASN ASN A . n 
A 1 186 SER 186 191 191 SER SER A . n 
A 1 187 SER 187 192 192 SER SER A . n 
A 1 188 ASP 188 193 193 ASP ASP A . n 
A 1 189 PRO 189 194 194 PRO PRO A . n 
A 1 190 LEU 190 195 195 LEU LEU A . n 
A 1 191 LEU 191 196 196 LEU LEU A . n 
A 1 192 VAL 192 197 197 VAL VAL A . n 
A 1 193 SER 193 198 198 SER SER A . n 
A 1 194 VAL 194 199 199 VAL VAL A . n 
A 1 195 THR 195 200 200 THR THR A . n 
# 
loop_
_pdbx_nonpoly_scheme.asym_id 
_pdbx_nonpoly_scheme.entity_id 
_pdbx_nonpoly_scheme.mon_id 
_pdbx_nonpoly_scheme.ndb_seq_num 
_pdbx_nonpoly_scheme.pdb_seq_num 
_pdbx_nonpoly_scheme.auth_seq_num 
_pdbx_nonpoly_scheme.pdb_mon_id 
_pdbx_nonpoly_scheme.auth_mon_id 
_pdbx_nonpoly_scheme.pdb_strand_id 
_pdbx_nonpoly_scheme.pdb_ins_code 
B 2 HOH 1  1   1  HOH HOH A . 
B 2 HOH 2  2   2  HOH HOH A . 
B 2 HOH 3  3   3  HOH HOH A . 
B 2 HOH 4  4   4  HOH HOH A . 
B 2 HOH 5  5   5  HOH HOH A . 
B 2 HOH 6  201 6  HOH HOH A . 
B 2 HOH 7  202 7  HOH HOH A . 
B 2 HOH 8  203 8  HOH HOH A . 
B 2 HOH 9  204 9  HOH HOH A . 
B 2 HOH 10 205 10 HOH HOH A . 
B 2 HOH 11 206 11 HOH HOH A . 
B 2 HOH 12 207 12 HOH HOH A . 
B 2 HOH 13 208 13 HOH HOH A . 
B 2 HOH 14 209 14 HOH HOH A . 
B 2 HOH 15 210 15 HOH HOH A . 
B 2 HOH 16 211 16 HOH HOH A . 
B 2 HOH 17 212 17 HOH HOH A . 
B 2 HOH 18 213 18 HOH HOH A . 
B 2 HOH 19 214 19 HOH HOH A . 
B 2 HOH 20 215 20 HOH HOH A . 
B 2 HOH 21 216 21 HOH HOH A . 
B 2 HOH 22 217 22 HOH HOH A . 
B 2 HOH 23 218 23 HOH HOH A . 
B 2 HOH 24 219 24 HOH HOH A . 
B 2 HOH 25 220 25 HOH HOH A . 
B 2 HOH 26 221 26 HOH HOH A . 
B 2 HOH 27 222 27 HOH HOH A . 
B 2 HOH 28 223 28 HOH HOH A . 
B 2 HOH 29 224 29 HOH HOH A . 
B 2 HOH 30 225 30 HOH HOH A . 
B 2 HOH 31 226 31 HOH HOH A . 
B 2 HOH 32 227 32 HOH HOH A . 
B 2 HOH 33 228 33 HOH HOH A . 
B 2 HOH 34 229 34 HOH HOH A . 
B 2 HOH 35 230 35 HOH HOH A . 
B 2 HOH 36 231 36 HOH HOH A . 
B 2 HOH 37 232 37 HOH HOH A . 
B 2 HOH 38 233 38 HOH HOH A . 
B 2 HOH 39 234 39 HOH HOH A . 
B 2 HOH 40 235 40 HOH HOH A . 
B 2 HOH 41 236 41 HOH HOH A . 
B 2 HOH 42 237 42 HOH HOH A . 
B 2 HOH 43 238 43 HOH HOH A . 
B 2 HOH 44 239 44 HOH HOH A . 
B 2 HOH 45 240 45 HOH HOH A . 
B 2 HOH 46 241 46 HOH HOH A . 
B 2 HOH 47 242 47 HOH HOH A . 
B 2 HOH 48 243 48 HOH HOH A . 
B 2 HOH 49 244 49 HOH HOH A . 
B 2 HOH 50 245 50 HOH HOH A . 
B 2 HOH 51 246 51 HOH HOH A . 
B 2 HOH 52 247 52 HOH HOH A . 
B 2 HOH 53 248 53 HOH HOH A . 
# 
loop_
_software.pdbx_ordinal 
_software.name 
_software.version 
_software.date 
_software.type 
_software.contact_author 
_software.contact_author_email 
_software.classification 
_software.location 
_software.language 
_software.citation_id 
1 PHENIX      .     ?               package 'Paul D. Adams' PDAdams@lbl.gov       refinement        http://www.phenix-online.org/ 
C++ ? 
2 PDB_EXTRACT 3.005 'June 11, 2008' package PDB             help@deposit.rcsb.org 'data extraction' 
http://sw-tools.pdb.org/apps/PDB_EXTRACT/ C++ ? 
3 Blu-Ice     ICE   ?               ?       ?               ?                     'data collection' ? ?   ? 
4 HKL-2000    .     ?               ?       ?               ?                     'data reduction'  ? ?   ? 
5 SCALEPACK   .     ?               ?       ?               ?                     'data scaling'    ? ?   ? 
6 PHASER      .     ?               ?       ?               ?                     phasing           ? ?   ? 
# 
_cell.length_a           51.232 
_cell.length_b           62.851 
_cell.length_c           65.934 
_cell.angle_alpha        90.000 
_cell.angle_beta         90.000 
_cell.angle_gamma        90.000 
_cell.entry_id           3H8N 
_cell.pdbx_unique_axis   ? 
_cell.Z_PDB              4 
_cell.length_a_esd       ? 
_cell.length_b_esd       ? 
_cell.length_c_esd       ? 
_cell.angle_alpha_esd    ? 
_cell.angle_beta_esd     ? 
_cell.angle_gamma_esd    ? 
# 
_symmetry.space_group_name_H-M             'P 21 21 21' 
_symmetry.entry_id                         3H8N 
_symmetry.pdbx_full_space_group_name_H-M   ? 
_symmetry.Int_Tables_number                19 
_symmetry.cell_setting                     ? 
_symmetry.space_group_name_Hall            ? 
# 
_exptl.crystals_number   1 
_exptl.entry_id          3H8N 
_exptl.method            'X-RAY DIFFRACTION' 
# 
_exptl_crystal.id                    1 
_exptl_crystal.density_Matthews      2.46 
_exptl_crystal.density_meas          ? 
_exptl_crystal.density_percent_sol   50.10 
_exptl_crystal.description           ? 
_exptl_crystal.F_000                 ? 
_exptl_crystal.preparation           ? 
# 
_exptl_crystal_grow.crystal_id      1 
_exptl_crystal_grow.method          'VAPOR DIFFUSION, HANGING DROP' 
_exptl_crystal_grow.pH              8.5 
_exptl_crystal_grow.temp            283 
_exptl_crystal_grow.pdbx_details    '0.22 M Mg-Formate, 100 mM BIS-TRIS, pH 5.5, VAPOR DIFFUSION, HANGING DROP, temperature 283K' 
_exptl_crystal_grow.temp_details    ? 
_exptl_crystal_grow.pdbx_pH_range   ? 
# 
_diffrn.id                     1 
_diffrn.ambient_temp           100.0 
_diffrn.ambient_temp_details   ? 
_diffrn.crystal_id             1 
# 
_diffrn_detector.diffrn_id              1 
_diffrn_detector.detector               CCD 
_diffrn_detector.type                   'MARMOSAIC 325 mm CCD' 
_diffrn_detector.pdbx_collection_date   2008-01-07 
_diffrn_detector.details                ? 
# 
_diffrn_radiation.diffrn_id                        1 
_diffrn_radiation.pdbx_diffrn_protocol             'SINGLE WAVELENGTH' 
_diffrn_radiation.monochromator                    ? 
_diffrn_radiation.wavelength_id                    1 
_diffrn_radiation.pdbx_monochromatic_or_laue_m_l   M 
_diffrn_radiation.pdbx_scattering_type             x-ray 
# 
_diffrn_radiation_wavelength.id           1 
_diffrn_radiation_wavelength.wavelength   0.979 
_diffrn_radiation_wavelength.wt           1.0 
# 
_diffrn_source.diffrn_id                   1 
_diffrn_source.source                      SYNCHROTRON 
_diffrn_source.type                        'SSRL BEAMLINE BL11-1' 
_diffrn_source.pdbx_wavelength             ? 
_diffrn_source.pdbx_wavelength_list        0.979 
_diffrn_source.pdbx_synchrotron_site       SSRL 
_diffrn_source.pdbx_synchrotron_beamline   BL11-1 
# 
_reflns.entry_id                     3H8N 
_reflns.B_iso_Wilson_estimate        44.260 
_reflns.observed_criterion_sigma_F   ? 
_reflns.observed_criterion_sigma_I   -3 
_reflns.d_resolution_high            2.5 
_reflns.d_resolution_low             40.45 
_reflns.number_all                   7814 
_reflns.number_obs                   7795 
_reflns.percent_possible_obs         99.8 
_reflns.pdbx_Rmerge_I_obs            ? 
_reflns.pdbx_Rsym_value              0.050 
_reflns.pdbx_netI_over_sigmaI        64.4 
_reflns.pdbx_redundancy              13.7 
_reflns.R_free_details               ? 
_reflns.limit_h_max                  ? 
_reflns.limit_h_min                  ? 
_reflns.limit_k_max                  ? 
_reflns.limit_k_min                  ? 
_reflns.limit_l_max                  ? 
_reflns.limit_l_min                  ? 
_reflns.observed_criterion_F_max     ? 
_reflns.observed_criterion_F_min     ? 
_reflns.pdbx_chi_squared             ? 
_reflns.pdbx_scaling_rejects         ? 
_reflns.pdbx_diffrn_id               1 
_reflns.pdbx_ordinal                 1 
# 
_reflns_shell.d_res_high             2.50 
_reflns_shell.d_res_low              2.59 
_reflns_shell.percent_possible_obs   ? 
_reflns_shell.percent_possible_all   97.0 
_reflns_shell.Rmerge_I_obs           ? 
_reflns_shell.meanI_over_sigI_obs    9.7 
_reflns_shell.pdbx_Rsym_value        0.207 
_reflns_shell.pdbx_redundancy        10.0 
_reflns_shell.number_unique_all      751 
_reflns_shell.number_measured_all    ? 
_reflns_shell.number_measured_obs    ? 
_reflns_shell.number_unique_obs      ? 
_reflns_shell.pdbx_chi_squared       ? 
_reflns_shell.pdbx_diffrn_id         ? 
_reflns_shell.pdbx_ordinal           1 
# 
_refine.entry_id                                 3H8N 
_refine.ls_d_res_high                            2.5 
_refine.ls_d_res_low                             40.45 
_refine.pdbx_ls_sigma_F                          1.92 
_refine.pdbx_data_cutoff_high_absF               ? 
_refine.pdbx_data_cutoff_low_absF                ? 
_refine.ls_percent_reflns_obs                    99.690 
_refine.ls_number_reflns_obs                     7778 
_refine.ls_number_reflns_all                     ? 
_refine.pdbx_ls_cross_valid_method               ? 
_refine.pdbx_R_Free_selection_details            RANDOM 
_refine.details                                  ? 
_refine.ls_R_factor_all                          ? 
_refine.ls_R_factor_obs                          0.241 
_refine.ls_R_factor_R_work                       0.238 
_refine.ls_wR_factor_R_work                      ? 
_refine.ls_R_factor_R_free                       0.284 
_refine.ls_wR_factor_R_free                      ? 
_refine.ls_percent_reflns_R_free                 4.590 
_refine.ls_number_reflns_R_free                  357 
_refine.ls_R_factor_R_free_error                 ? 
_refine.B_iso_mean                               45.112 
_refine.solvent_model_param_bsol                 50.131 
_refine.solvent_model_param_ksol                 0.356 
_refine.pdbx_isotropic_thermal_model             ? 
_refine.aniso_B[1][1]                            3.744 
_refine.aniso_B[2][2]                            7.791 
_refine.aniso_B[3][3]                            -11.535 
_refine.aniso_B[1][2]                            0.000 
_refine.aniso_B[1][3]                            -0.000 
_refine.aniso_B[2][3]                            -0.000 
_refine.correlation_coeff_Fo_to_Fc               ? 
_refine.correlation_coeff_Fo_to_Fc_free          ? 
_refine.overall_SU_R_Cruickshank_DPI             ? 
_refine.overall_SU_R_free                        ? 
_refine.pdbx_overall_ESU_R                       ? 
_refine.pdbx_overall_ESU_R_Free                  ? 
_refine.overall_SU_ML                            0.480 
_refine.overall_SU_B                             ? 
_refine.solvent_model_details                    'FLAT BULK SOLVENT MODEL' 
_refine.pdbx_solvent_vdw_probe_radii             1.110 
_refine.pdbx_solvent_ion_probe_radii             ? 
_refine.pdbx_solvent_shrinkage_radii             0.900 
_refine.ls_number_parameters                     ? 
_refine.ls_number_restraints                     ? 
_refine.pdbx_starting_model                      1IM9 
_refine.pdbx_method_to_determine_struct          'MOLECULAR REPLACEMENT' 
_refine.pdbx_stereochemistry_target_values       ML 
_refine.pdbx_stereochem_target_val_spec_case     ? 
_refine.overall_FOM_work_R_set                   0.739 
_refine.B_iso_max                                88.15 
_refine.B_iso_min                                24.00 
_refine.occupancy_max                            1.00 
_refine.occupancy_min                            1.00 
_refine.pdbx_ls_sigma_I                          ? 
_refine.ls_redundancy_reflns_obs                 ? 
_refine.ls_R_factor_R_free_error_details         ? 
_refine.pdbx_data_cutoff_high_rms_absF           ? 
_refine.overall_FOM_free_R_set                   ? 
_refine.pdbx_overall_phase_error                 ? 
_refine.pdbx_refine_id                           'X-RAY DIFFRACTION' 
_refine.pdbx_diffrn_id                           1 
_refine.pdbx_TLS_residual_ADP_flag               ? 
_refine.pdbx_overall_SU_R_free_Cruickshank_DPI   ? 
_refine.pdbx_overall_SU_R_Blow_DPI               ? 
_refine.pdbx_overall_SU_R_free_Blow_DPI          ? 
# 
_refine_hist.pdbx_refine_id                   'X-RAY DIFFRACTION' 
_refine_hist.cycle_id                         LAST 
_refine_hist.pdbx_number_atoms_protein        1514 
_refine_hist.pdbx_number_atoms_nucleic_acid   0 
_refine_hist.pdbx_number_atoms_ligand         0 
_refine_hist.number_atoms_solvent             53 
_refine_hist.number_atoms_total               1567 
_refine_hist.d_res_high                       2.5 
_refine_hist.d_res_low                        40.45 
# 
loop_
_refine_ls_restr.type 
_refine_ls_restr.number 
_refine_ls_restr.dev_ideal 
_refine_ls_restr.dev_ideal_target 
_refine_ls_restr.weight 
_refine_ls_restr.pdbx_refine_id 
_refine_ls_restr.pdbx_restraint_function 
f_bond_d           1562 0.010  ? ? 'X-RAY DIFFRACTION' ? 
f_angle_d          2122 1.358  ? ? 'X-RAY DIFFRACTION' ? 
f_chiral_restr     225  0.093  ? ? 'X-RAY DIFFRACTION' ? 
f_plane_restr      279  0.013  ? ? 'X-RAY DIFFRACTION' ? 
f_dihedral_angle_d 559  19.234 ? ? 'X-RAY DIFFRACTION' ? 
# 
loop_
_refine_ls_shell.d_res_high 
_refine_ls_shell.d_res_low 
_refine_ls_shell.pdbx_total_number_of_bins_used 
_refine_ls_shell.percent_reflns_obs 
_refine_ls_shell.number_reflns_R_work 
_refine_ls_shell.R_factor_all 
_refine_ls_shell.R_factor_R_work 
_refine_ls_shell.R_factor_R_free 
_refine_ls_shell.percent_reflns_R_free 
_refine_ls_shell.number_reflns_R_free 
_refine_ls_shell.R_factor_R_free_error 
_refine_ls_shell.number_reflns_all 
_refine_ls_shell.number_reflns_obs 
_refine_ls_shell.redundancy_reflns_obs 
_refine_ls_shell.pdbx_refine_id 
2.50  2.859  3 53.000 2411 . 0.304 0.402 . 119 . 2530 . . 'X-RAY DIFFRACTION' 
2.859 3.601  3 54.000 2441 . 0.250 0.346 . 114 . 2555 . . 'X-RAY DIFFRACTION' 
3.601 40.460 3 57.000 2569 . 0.212 0.227 . 124 . 2693 . . 'X-RAY DIFFRACTION' 
# 
_struct.entry_id                  3H8N 
_struct.title                     'Crystal Structure Analysis of KIR2DS4' 
_struct.pdbx_model_details        ? 
_struct.pdbx_CASP_flag            N 
_struct.pdbx_model_type_details   ? 
# 
_struct_keywords.entry_id        3H8N 
_struct_keywords.text            
;ligand-binding domains, Cell membrane, Disulfide bond, Glycoprotein, Immunoglobulin domain, Membrane, Polymorphism, Receptor, Transmembrane, IMMUNE SYSTEM
;
_struct_keywords.pdbx_keywords   'IMMUNE SYSTEM' 
# 
loop_
_struct_asym.id 
_struct_asym.pdbx_blank_PDB_chainid_flag 
_struct_asym.pdbx_modified 
_struct_asym.entity_id 
_struct_asym.details 
A N N 1 ? 
B N N 2 ? 
# 
_struct_ref.id                         1 
_struct_ref.db_name                    UNP 
_struct_ref.db_code                    KI2S4_HUMAN 
_struct_ref.pdbx_db_accession          P43632 
_struct_ref.entity_id                  1 
_struct_ref.pdbx_seq_one_letter_code   
;RKPSFLALPGHLVKSEETVILQCWSDVMFEHFLLHREGKFNNTLHLIGEHHDGVSKANFSIGPMMPVLAGTYRCYGSVPH
SPYQLSAPSDPLDMVIIGLYEKPSLSAQPGPTVQAGENVTLSCSSRSSYDMYHLSREGEAHERRLPAVRSINGTFQADFP
LGPATHGGTYRCFGSFRDAPYEWSNSSDPLLVSVT
;
_struct_ref.pdbx_align_begin           27 
_struct_ref.pdbx_db_isoform            ? 
# 
_struct_ref_seq.align_id                      1 
_struct_ref_seq.ref_id                        1 
_struct_ref_seq.pdbx_PDB_id_code              3H8N 
_struct_ref_seq.pdbx_strand_id                A 
_struct_ref_seq.seq_align_beg                 1 
_struct_ref_seq.pdbx_seq_align_beg_ins_code   ? 
_struct_ref_seq.seq_align_end                 195 
_struct_ref_seq.pdbx_seq_align_end_ins_code   ? 
_struct_ref_seq.pdbx_db_accession             P43632 
_struct_ref_seq.db_align_beg                  27 
_struct_ref_seq.pdbx_db_align_beg_ins_code    ? 
_struct_ref_seq.db_align_end                  221 
_struct_ref_seq.pdbx_db_align_end_ins_code    ? 
_struct_ref_seq.pdbx_auth_seq_align_beg       6 
_struct_ref_seq.pdbx_auth_seq_align_end       200 
# 
_pdbx_struct_assembly.id                   1 
_pdbx_struct_assembly.details              author_and_software_defined_assembly 
_pdbx_struct_assembly.method_details       PISA 
_pdbx_struct_assembly.oligomeric_details   monomeric 
_pdbx_struct_assembly.oligomeric_count     1 
# 
_pdbx_struct_assembly_gen.assembly_id       1 
_pdbx_struct_assembly_gen.oper_expression   1 
_pdbx_struct_assembly_gen.asym_id_list      A,B 
# 
_pdbx_struct_oper_list.id                   1 
_pdbx_struct_oper_list.type                 'identity operation' 
_pdbx_struct_oper_list.name                 1_555 
_pdbx_struct_oper_list.symmetry_operation   x,y,z 
_pdbx_struct_oper_list.matrix[1][1]         1.0000000000 
_pdbx_struct_oper_list.matrix[1][2]         0.0000000000 
_pdbx_struct_oper_list.matrix[1][3]         0.0000000000 
_pdbx_struct_oper_list.vector[1]            0.0000000000 
_pdbx_struct_oper_list.matrix[2][1]         0.0000000000 
_pdbx_struct_oper_list.matrix[2][2]         1.0000000000 
_pdbx_struct_oper_list.matrix[2][3]         0.0000000000 
_pdbx_struct_oper_list.vector[2]            0.0000000000 
_pdbx_struct_oper_list.matrix[3][1]         0.0000000000 
_pdbx_struct_oper_list.matrix[3][2]         0.0000000000 
_pdbx_struct_oper_list.matrix[3][3]         1.0000000000 
_pdbx_struct_oper_list.vector[3]            0.0000000000 
# 
_struct_biol.id        1 
_struct_biol.details   ? 
# 
loop_
_struct_conn.id 
_struct_conn.conn_type_id 
_struct_conn.pdbx_leaving_atom_flag 
_struct_conn.pdbx_PDB_id 
_struct_conn.ptnr1_label_asym_id 
_struct_conn.ptnr1_label_comp_id 
_struct_conn.ptnr1_label_seq_id 
_struct_conn.ptnr1_label_atom_id 
_struct_conn.pdbx_ptnr1_label_alt_id 
_struct_conn.pdbx_ptnr1_PDB_ins_code 
_struct_conn.pdbx_ptnr1_standard_comp_id 
_struct_conn.ptnr1_symmetry 
_struct_conn.ptnr2_label_asym_id 
_struct_conn.ptnr2_label_comp_id 
_struct_conn.ptnr2_label_seq_id 
_struct_conn.ptnr2_label_atom_id 
_struct_conn.pdbx_ptnr2_label_alt_id 
_struct_conn.pdbx_ptnr2_PDB_ins_code 
_struct_conn.ptnr1_auth_asym_id 
_struct_conn.ptnr1_auth_comp_id 
_struct_conn.ptnr1_auth_seq_id 
_struct_conn.ptnr2_auth_asym_id 
_struct_conn.ptnr2_auth_comp_id 
_struct_conn.ptnr2_auth_seq_id 
_struct_conn.ptnr2_symmetry 
_struct_conn.pdbx_ptnr3_label_atom_id 
_struct_conn.pdbx_ptnr3_label_seq_id 
_struct_conn.pdbx_ptnr3_label_comp_id 
_struct_conn.pdbx_ptnr3_label_asym_id 
_struct_conn.pdbx_ptnr3_label_alt_id 
_struct_conn.pdbx_ptnr3_PDB_ins_code 
_struct_conn.details 
_struct_conn.pdbx_dist_value 
_struct_conn.pdbx_value_order 
_struct_conn.pdbx_role 
disulf1 disulf ? ? A CYS 23  SG ? ? ? 1_555 A CYS 74  SG ? ? A CYS 28  A CYS 79  1_555 ? ? ? ? ? ? ? 2.041 ? ? 
disulf2 disulf ? ? A CYS 123 SG ? ? ? 1_555 A CYS 172 SG ? ? A CYS 128 A CYS 177 1_555 ? ? ? ? ? ? ? 2.054 ? ? 
# 
_struct_conn_type.id          disulf 
_struct_conn_type.criteria    ? 
_struct_conn_type.reference   ? 
# 
loop_
_pdbx_modification_feature.ordinal 
_pdbx_modification_feature.label_comp_id 
_pdbx_modification_feature.label_asym_id 
_pdbx_modification_feature.label_seq_id 
_pdbx_modification_feature.label_alt_id 
_pdbx_modification_feature.modified_residue_label_comp_id 
_pdbx_modification_feature.modified_residue_label_asym_id 
_pdbx_modification_feature.modified_residue_label_seq_id 
_pdbx_modification_feature.modified_residue_label_alt_id 
_pdbx_modification_feature.auth_comp_id 
_pdbx_modification_feature.auth_asym_id 
_pdbx_modification_feature.auth_seq_id 
_pdbx_modification_feature.PDB_ins_code 
_pdbx_modification_feature.symmetry 
_pdbx_modification_feature.modified_residue_auth_comp_id 
_pdbx_modification_feature.modified_residue_auth_asym_id 
_pdbx_modification_feature.modified_residue_auth_seq_id 
_pdbx_modification_feature.modified_residue_PDB_ins_code 
_pdbx_modification_feature.modified_residue_symmetry 
_pdbx_modification_feature.comp_id_linking_atom 
_pdbx_modification_feature.modified_residue_id_linking_atom 
_pdbx_modification_feature.modified_residue_id 
_pdbx_modification_feature.ref_pcm_id 
_pdbx_modification_feature.ref_comp_id 
_pdbx_modification_feature.type 
_pdbx_modification_feature.category 
1 CYS A 23  ? CYS A 74  ? CYS A 28  ? 1_555 CYS A 79  ? 1_555 SG SG . . . None 'Disulfide bridge' 
2 CYS A 123 ? CYS A 172 ? CYS A 128 ? 1_555 CYS A 177 ? 1_555 SG SG . . . None 'Disulfide bridge' 
# 
loop_
_struct_mon_prot_cis.pdbx_id 
_struct_mon_prot_cis.label_comp_id 
_struct_mon_prot_cis.label_seq_id 
_struct_mon_prot_cis.label_asym_id 
_struct_mon_prot_cis.label_alt_id 
_struct_mon_prot_cis.pdbx_PDB_ins_code 
_struct_mon_prot_cis.auth_comp_id 
_struct_mon_prot_cis.auth_seq_id 
_struct_mon_prot_cis.auth_asym_id 
_struct_mon_prot_cis.pdbx_label_comp_id_2 
_struct_mon_prot_cis.pdbx_label_seq_id_2 
_struct_mon_prot_cis.pdbx_label_asym_id_2 
_struct_mon_prot_cis.pdbx_PDB_ins_code_2 
_struct_mon_prot_cis.pdbx_auth_comp_id_2 
_struct_mon_prot_cis.pdbx_auth_seq_id_2 
_struct_mon_prot_cis.pdbx_auth_asym_id_2 
_struct_mon_prot_cis.pdbx_PDB_model_num 
_struct_mon_prot_cis.pdbx_omega_angle 
1 LEU 8   A . ? LEU 13  A PRO 9   A ? PRO 14  A 1 4.65  
2 GLY 62  A . ? GLY 67  A PRO 63  A ? PRO 68  A 1 -2.17 
3 SER 81  A . ? SER 86  A PRO 82  A ? PRO 87  A 1 8.97  
4 GLN 108 A . ? GLN 113 A PRO 109 A ? PRO 114 A 1 6.18  
# 
loop_
_struct_sheet.id 
_struct_sheet.type 
_struct_sheet.number_strands 
_struct_sheet.details 
A ? 3 ? 
B ? 5 ? 
C ? 4 ? 
D ? 5 ? 
# 
loop_
_struct_sheet_order.sheet_id 
_struct_sheet_order.range_id_1 
_struct_sheet_order.range_id_2 
_struct_sheet_order.offset 
_struct_sheet_order.sense 
A 1 2 ? anti-parallel 
A 2 3 ? anti-parallel 
B 1 2 ? parallel      
B 2 3 ? anti-parallel 
B 3 4 ? anti-parallel 
B 4 5 ? anti-parallel 
C 1 2 ? anti-parallel 
C 2 3 ? anti-parallel 
C 3 4 ? anti-parallel 
D 1 2 ? parallel      
D 2 3 ? anti-parallel 
D 3 4 ? anti-parallel 
D 4 5 ? anti-parallel 
# 
loop_
_struct_sheet_range.sheet_id 
_struct_sheet_range.id 
_struct_sheet_range.beg_label_comp_id 
_struct_sheet_range.beg_label_asym_id 
_struct_sheet_range.beg_label_seq_id 
_struct_sheet_range.pdbx_beg_PDB_ins_code 
_struct_sheet_range.end_label_comp_id 
_struct_sheet_range.end_label_asym_id 
_struct_sheet_range.end_label_seq_id 
_struct_sheet_range.pdbx_end_PDB_ins_code 
_struct_sheet_range.beg_auth_comp_id 
_struct_sheet_range.beg_auth_asym_id 
_struct_sheet_range.beg_auth_seq_id 
_struct_sheet_range.end_auth_comp_id 
_struct_sheet_range.end_auth_asym_id 
_struct_sheet_range.end_auth_seq_id 
A 1 SER A 4   ? LEU A 8   ? SER A 9   LEU A 13  
A 2 VAL A 19  ? SER A 25  ? VAL A 24  SER A 30  
A 3 SER A 55  ? ILE A 61  ? SER A 60  ILE A 66  
B 1 LEU A 12  ? LYS A 14  ? LEU A 17  LYS A 19  
B 2 LEU A 92  ? ILE A 97  ? LEU A 97  ILE A 102 
B 3 GLY A 70  ? SER A 77  ? GLY A 75  SER A 82  
B 4 HIS A 31  ? ARG A 36  ? HIS A 36  ARG A 41  
B 5 ASN A 42  ? LEU A 46  ? ASN A 47  LEU A 51  
C 1 SER A 104 ? GLN A 108 ? SER A 109 GLN A 113 
C 2 ASN A 118 ? SER A 125 ? ASN A 123 SER A 130 
C 3 PHE A 155 ? PRO A 163 ? PHE A 160 PRO A 168 
C 4 VAL A 148 ? ARG A 149 ? VAL A 153 ARG A 154 
D 1 THR A 112 ? VAL A 113 ? THR A 117 VAL A 118 
D 2 LEU A 190 ? VAL A 194 ? LEU A 195 VAL A 199 
D 3 GLY A 168 ? SER A 175 ? GLY A 173 SER A 180 
D 4 MET A 131 ? ARG A 136 ? MET A 136 ARG A 141 
D 5 ARG A 143 ? PRO A 146 ? ARG A 148 PRO A 151 
# 
loop_
_pdbx_struct_sheet_hbond.sheet_id 
_pdbx_struct_sheet_hbond.range_id_1 
_pdbx_struct_sheet_hbond.range_id_2 
_pdbx_struct_sheet_hbond.range_1_label_atom_id 
_pdbx_struct_sheet_hbond.range_1_label_comp_id 
_pdbx_struct_sheet_hbond.range_1_label_asym_id 
_pdbx_struct_sheet_hbond.range_1_label_seq_id 
_pdbx_struct_sheet_hbond.range_1_PDB_ins_code 
_pdbx_struct_sheet_hbond.range_1_auth_atom_id 
_pdbx_struct_sheet_hbond.range_1_auth_comp_id 
_pdbx_struct_sheet_hbond.range_1_auth_asym_id 
_pdbx_struct_sheet_hbond.range_1_auth_seq_id 
_pdbx_struct_sheet_hbond.range_2_label_atom_id 
_pdbx_struct_sheet_hbond.range_2_label_comp_id 
_pdbx_struct_sheet_hbond.range_2_label_asym_id 
_pdbx_struct_sheet_hbond.range_2_label_seq_id 
_pdbx_struct_sheet_hbond.range_2_PDB_ins_code 
_pdbx_struct_sheet_hbond.range_2_auth_atom_id 
_pdbx_struct_sheet_hbond.range_2_auth_comp_id 
_pdbx_struct_sheet_hbond.range_2_auth_asym_id 
_pdbx_struct_sheet_hbond.range_2_auth_seq_id 
A 1 2 N SER A 4   ? N SER A 9   O TRP A 24  ? O TRP A 29  
A 2 3 N LEU A 21  ? N LEU A 26  O PHE A 59  ? O PHE A 64  
B 1 2 N VAL A 13  ? N VAL A 18  O VAL A 95  ? O VAL A 100 
B 2 3 O MET A 94  ? O MET A 99  N GLY A 70  ? N GLY A 75  
B 3 4 O ARG A 73  ? O ARG A 78  N HIS A 35  ? N HIS A 40  
B 4 5 N ARG A 36  ? N ARG A 41  O ASN A 42  ? O ASN A 47  
C 1 2 N SER A 104 ? N SER A 109 O SER A 124 ? O SER A 129 
C 2 3 N VAL A 119 ? N VAL A 124 O LEU A 161 ? O LEU A 166 
C 3 4 O GLN A 156 ? O GLN A 161 N VAL A 148 ? N VAL A 153 
D 1 2 N VAL A 113 ? N VAL A 118 O SER A 193 ? O SER A 198 
D 2 3 O LEU A 190 ? O LEU A 195 N TYR A 170 ? N TYR A 175 
D 3 4 O ARG A 171 ? O ARG A 176 N SER A 135 ? N SER A 140 
D 4 5 N TYR A 132 ? N TYR A 137 O LEU A 145 ? O LEU A 150 
# 
_pdbx_entry_details.entry_id                   3H8N 
_pdbx_entry_details.compound_details           ? 
_pdbx_entry_details.source_details             ? 
_pdbx_entry_details.nonpolymer_details         ? 
_pdbx_entry_details.sequence_details           ? 
_pdbx_entry_details.has_ligand_of_interest     ? 
_pdbx_entry_details.has_protein_modification   Y 
# 
_pdbx_validate_close_contact.id               1 
_pdbx_validate_close_contact.PDB_model_num    1 
_pdbx_validate_close_contact.auth_atom_id_1   O 
_pdbx_validate_close_contact.auth_asym_id_1   A 
_pdbx_validate_close_contact.auth_comp_id_1   PHE 
_pdbx_validate_close_contact.auth_seq_id_1    34 
_pdbx_validate_close_contact.PDB_ins_code_1   ? 
_pdbx_validate_close_contact.label_alt_id_1   ? 
_pdbx_validate_close_contact.auth_atom_id_2   O 
_pdbx_validate_close_contact.auth_asym_id_2   A 
_pdbx_validate_close_contact.auth_comp_id_2   SER 
_pdbx_validate_close_contact.auth_seq_id_2    82 
_pdbx_validate_close_contact.PDB_ins_code_2   ? 
_pdbx_validate_close_contact.label_alt_id_2   ? 
_pdbx_validate_close_contact.dist             2.19 
# 
_pdbx_validate_rmsd_angle.id                         1 
_pdbx_validate_rmsd_angle.PDB_model_num              1 
_pdbx_validate_rmsd_angle.auth_atom_id_1             C 
_pdbx_validate_rmsd_angle.auth_asym_id_1             A 
_pdbx_validate_rmsd_angle.auth_comp_id_1             SER 
_pdbx_validate_rmsd_angle.auth_seq_id_1              86 
_pdbx_validate_rmsd_angle.PDB_ins_code_1             ? 
_pdbx_validate_rmsd_angle.label_alt_id_1             ? 
_pdbx_validate_rmsd_angle.auth_atom_id_2             N 
_pdbx_validate_rmsd_angle.auth_asym_id_2             A 
_pdbx_validate_rmsd_angle.auth_comp_id_2             PRO 
_pdbx_validate_rmsd_angle.auth_seq_id_2              87 
_pdbx_validate_rmsd_angle.PDB_ins_code_2             ? 
_pdbx_validate_rmsd_angle.label_alt_id_2             ? 
_pdbx_validate_rmsd_angle.auth_atom_id_3             CD 
_pdbx_validate_rmsd_angle.auth_asym_id_3             A 
_pdbx_validate_rmsd_angle.auth_comp_id_3             PRO 
_pdbx_validate_rmsd_angle.auth_seq_id_3              87 
_pdbx_validate_rmsd_angle.PDB_ins_code_3             ? 
_pdbx_validate_rmsd_angle.label_alt_id_3             ? 
_pdbx_validate_rmsd_angle.angle_value                104.28 
_pdbx_validate_rmsd_angle.angle_target_value         120.60 
_pdbx_validate_rmsd_angle.angle_deviation            -16.32 
_pdbx_validate_rmsd_angle.angle_standard_deviation   2.20 
_pdbx_validate_rmsd_angle.linker_flag                Y 
# 
loop_
_pdbx_validate_torsion.id 
_pdbx_validate_torsion.PDB_model_num 
_pdbx_validate_torsion.auth_comp_id 
_pdbx_validate_torsion.auth_asym_id 
_pdbx_validate_torsion.auth_seq_id 
_pdbx_validate_torsion.PDB_ins_code 
_pdbx_validate_torsion.label_alt_id 
_pdbx_validate_torsion.phi 
_pdbx_validate_torsion.psi 
1  1 GLU A 35  ? ? 74.37   -8.37   
2  1 PHE A 45  ? ? 30.85   57.47   
3  1 ILE A 52  ? ? -91.36  46.75   
4  1 PRO A 71  ? ? -47.56  -18.25  
5  1 SER A 86  ? ? -34.93  125.66  
6  1 TYR A 88  ? ? 78.66   179.25  
7  1 PRO A 93  ? ? -69.43  -179.32 
8  1 ALA A 120 ? ? -39.31  140.75  
9  1 SER A 133 ? ? -92.69  47.30   
10 1 THR A 170 ? ? -109.51 -74.97  
11 1 SER A 189 ? ? -65.29  -175.53 
# 
_pdbx_validate_peptide_omega.id               1 
_pdbx_validate_peptide_omega.PDB_model_num    1 
_pdbx_validate_peptide_omega.auth_comp_id_1   HIS 
_pdbx_validate_peptide_omega.auth_asym_id_1   A 
_pdbx_validate_peptide_omega.auth_seq_id_1    56 
_pdbx_validate_peptide_omega.PDB_ins_code_1   ? 
_pdbx_validate_peptide_omega.label_alt_id_1   ? 
_pdbx_validate_peptide_omega.auth_comp_id_2   ASP 
_pdbx_validate_peptide_omega.auth_asym_id_2   A 
_pdbx_validate_peptide_omega.auth_seq_id_2    57 
_pdbx_validate_peptide_omega.PDB_ins_code_2   ? 
_pdbx_validate_peptide_omega.label_alt_id_2   ? 
_pdbx_validate_peptide_omega.omega            -127.30 
# 
loop_
_chem_comp_atom.comp_id 
_chem_comp_atom.atom_id 
_chem_comp_atom.type_symbol 
_chem_comp_atom.pdbx_aromatic_flag 
_chem_comp_atom.pdbx_stereo_config 
_chem_comp_atom.pdbx_ordinal 
ALA N    N N N 1   
ALA CA   C N S 2   
ALA C    C N N 3   
ALA O    O N N 4   
ALA CB   C N N 5   
ALA OXT  O N N 6   
ALA H    H N N 7   
ALA H2   H N N 8   
ALA HA   H N N 9   
ALA HB1  H N N 10  
ALA HB2  H N N 11  
ALA HB3  H N N 12  
ALA HXT  H N N 13  
ARG N    N N N 14  
ARG CA   C N S 15  
ARG C    C N N 16  
ARG O    O N N 17  
ARG CB   C N N 18  
ARG CG   C N N 19  
ARG CD   C N N 20  
ARG NE   N N N 21  
ARG CZ   C N N 22  
ARG NH1  N N N 23  
ARG NH2  N N N 24  
ARG OXT  O N N 25  
ARG H    H N N 26  
ARG H2   H N N 27  
ARG HA   H N N 28  
ARG HB2  H N N 29  
ARG HB3  H N N 30  
ARG HG2  H N N 31  
ARG HG3  H N N 32  
ARG HD2  H N N 33  
ARG HD3  H N N 34  
ARG HE   H N N 35  
ARG HH11 H N N 36  
ARG HH12 H N N 37  
ARG HH21 H N N 38  
ARG HH22 H N N 39  
ARG HXT  H N N 40  
ASN N    N N N 41  
ASN CA   C N S 42  
ASN C    C N N 43  
ASN O    O N N 44  
ASN CB   C N N 45  
ASN CG   C N N 46  
ASN OD1  O N N 47  
ASN ND2  N N N 48  
ASN OXT  O N N 49  
ASN H    H N N 50  
ASN H2   H N N 51  
ASN HA   H N N 52  
ASN HB2  H N N 53  
ASN HB3  H N N 54  
ASN HD21 H N N 55  
ASN HD22 H N N 56  
ASN HXT  H N N 57  
ASP N    N N N 58  
ASP CA   C N S 59  
ASP C    C N N 60  
ASP O    O N N 61  
ASP CB   C N N 62  
ASP CG   C N N 63  
ASP OD1  O N N 64  
ASP OD2  O N N 65  
ASP OXT  O N N 66  
ASP H    H N N 67  
ASP H2   H N N 68  
ASP HA   H N N 69  
ASP HB2  H N N 70  
ASP HB3  H N N 71  
ASP HD2  H N N 72  
ASP HXT  H N N 73  
CYS N    N N N 74  
CYS CA   C N R 75  
CYS C    C N N 76  
CYS O    O N N 77  
CYS CB   C N N 78  
CYS SG   S N N 79  
CYS OXT  O N N 80  
CYS H    H N N 81  
CYS H2   H N N 82  
CYS HA   H N N 83  
CYS HB2  H N N 84  
CYS HB3  H N N 85  
CYS HG   H N N 86  
CYS HXT  H N N 87  
GLN N    N N N 88  
GLN CA   C N S 89  
GLN C    C N N 90  
GLN O    O N N 91  
GLN CB   C N N 92  
GLN CG   C N N 93  
GLN CD   C N N 94  
GLN OE1  O N N 95  
GLN NE2  N N N 96  
GLN OXT  O N N 97  
GLN H    H N N 98  
GLN H2   H N N 99  
GLN HA   H N N 100 
GLN HB2  H N N 101 
GLN HB3  H N N 102 
GLN HG2  H N N 103 
GLN HG3  H N N 104 
GLN HE21 H N N 105 
GLN HE22 H N N 106 
GLN HXT  H N N 107 
GLU N    N N N 108 
GLU CA   C N S 109 
GLU C    C N N 110 
GLU O    O N N 111 
GLU CB   C N N 112 
GLU CG   C N N 113 
GLU CD   C N N 114 
GLU OE1  O N N 115 
GLU OE2  O N N 116 
GLU OXT  O N N 117 
GLU H    H N N 118 
GLU H2   H N N 119 
GLU HA   H N N 120 
GLU HB2  H N N 121 
GLU HB3  H N N 122 
GLU HG2  H N N 123 
GLU HG3  H N N 124 
GLU HE2  H N N 125 
GLU HXT  H N N 126 
GLY N    N N N 127 
GLY CA   C N N 128 
GLY C    C N N 129 
GLY O    O N N 130 
GLY OXT  O N N 131 
GLY H    H N N 132 
GLY H2   H N N 133 
GLY HA2  H N N 134 
GLY HA3  H N N 135 
GLY HXT  H N N 136 
HIS N    N N N 137 
HIS CA   C N S 138 
HIS C    C N N 139 
HIS O    O N N 140 
HIS CB   C N N 141 
HIS CG   C Y N 142 
HIS ND1  N Y N 143 
HIS CD2  C Y N 144 
HIS CE1  C Y N 145 
HIS NE2  N Y N 146 
HIS OXT  O N N 147 
HIS H    H N N 148 
HIS H2   H N N 149 
HIS HA   H N N 150 
HIS HB2  H N N 151 
HIS HB3  H N N 152 
HIS HD1  H N N 153 
HIS HD2  H N N 154 
HIS HE1  H N N 155 
HIS HE2  H N N 156 
HIS HXT  H N N 157 
HOH O    O N N 158 
HOH H1   H N N 159 
HOH H2   H N N 160 
ILE N    N N N 161 
ILE CA   C N S 162 
ILE C    C N N 163 
ILE O    O N N 164 
ILE CB   C N S 165 
ILE CG1  C N N 166 
ILE CG2  C N N 167 
ILE CD1  C N N 168 
ILE OXT  O N N 169 
ILE H    H N N 170 
ILE H2   H N N 171 
ILE HA   H N N 172 
ILE HB   H N N 173 
ILE HG12 H N N 174 
ILE HG13 H N N 175 
ILE HG21 H N N 176 
ILE HG22 H N N 177 
ILE HG23 H N N 178 
ILE HD11 H N N 179 
ILE HD12 H N N 180 
ILE HD13 H N N 181 
ILE HXT  H N N 182 
LEU N    N N N 183 
LEU CA   C N S 184 
LEU C    C N N 185 
LEU O    O N N 186 
LEU CB   C N N 187 
LEU CG   C N N 188 
LEU CD1  C N N 189 
LEU CD2  C N N 190 
LEU OXT  O N N 191 
LEU H    H N N 192 
LEU H2   H N N 193 
LEU HA   H N N 194 
LEU HB2  H N N 195 
LEU HB3  H N N 196 
LEU HG   H N N 197 
LEU HD11 H N N 198 
LEU HD12 H N N 199 
LEU HD13 H N N 200 
LEU HD21 H N N 201 
LEU HD22 H N N 202 
LEU HD23 H N N 203 
LEU HXT  H N N 204 
LYS N    N N N 205 
LYS CA   C N S 206 
LYS C    C N N 207 
LYS O    O N N 208 
LYS CB   C N N 209 
LYS CG   C N N 210 
LYS CD   C N N 211 
LYS CE   C N N 212 
LYS NZ   N N N 213 
LYS OXT  O N N 214 
LYS H    H N N 215 
LYS H2   H N N 216 
LYS HA   H N N 217 
LYS HB2  H N N 218 
LYS HB3  H N N 219 
LYS HG2  H N N 220 
LYS HG3  H N N 221 
LYS HD2  H N N 222 
LYS HD3  H N N 223 
LYS HE2  H N N 224 
LYS HE3  H N N 225 
LYS HZ1  H N N 226 
LYS HZ2  H N N 227 
LYS HZ3  H N N 228 
LYS HXT  H N N 229 
MET N    N N N 230 
MET CA   C N S 231 
MET C    C N N 232 
MET O    O N N 233 
MET CB   C N N 234 
MET CG   C N N 235 
MET SD   S N N 236 
MET CE   C N N 237 
MET OXT  O N N 238 
MET H    H N N 239 
MET H2   H N N 240 
MET HA   H N N 241 
MET HB2  H N N 242 
MET HB3  H N N 243 
MET HG2  H N N 244 
MET HG3  H N N 245 
MET HE1  H N N 246 
MET HE2  H N N 247 
MET HE3  H N N 248 
MET HXT  H N N 249 
PHE N    N N N 250 
PHE CA   C N S 251 
PHE C    C N N 252 
PHE O    O N N 253 
PHE CB   C N N 254 
PHE CG   C Y N 255 
PHE CD1  C Y N 256 
PHE CD2  C Y N 257 
PHE CE1  C Y N 258 
PHE CE2  C Y N 259 
PHE CZ   C Y N 260 
PHE OXT  O N N 261 
PHE H    H N N 262 
PHE H2   H N N 263 
PHE HA   H N N 264 
PHE HB2  H N N 265 
PHE HB3  H N N 266 
PHE HD1  H N N 267 
PHE HD2  H N N 268 
PHE HE1  H N N 269 
PHE HE2  H N N 270 
PHE HZ   H N N 271 
PHE HXT  H N N 272 
PRO N    N N N 273 
PRO CA   C N S 274 
PRO C    C N N 275 
PRO O    O N N 276 
PRO CB   C N N 277 
PRO CG   C N N 278 
PRO CD   C N N 279 
PRO OXT  O N N 280 
PRO H    H N N 281 
PRO HA   H N N 282 
PRO HB2  H N N 283 
PRO HB3  H N N 284 
PRO HG2  H N N 285 
PRO HG3  H N N 286 
PRO HD2  H N N 287 
PRO HD3  H N N 288 
PRO HXT  H N N 289 
SER N    N N N 290 
SER CA   C N S 291 
SER C    C N N 292 
SER O    O N N 293 
SER CB   C N N 294 
SER OG   O N N 295 
SER OXT  O N N 296 
SER H    H N N 297 
SER H2   H N N 298 
SER HA   H N N 299 
SER HB2  H N N 300 
SER HB3  H N N 301 
SER HG   H N N 302 
SER HXT  H N N 303 
THR N    N N N 304 
THR CA   C N S 305 
THR C    C N N 306 
THR O    O N N 307 
THR CB   C N R 308 
THR OG1  O N N 309 
THR CG2  C N N 310 
THR OXT  O N N 311 
THR H    H N N 312 
THR H2   H N N 313 
THR HA   H N N 314 
THR HB   H N N 315 
THR HG1  H N N 316 
THR HG21 H N N 317 
THR HG22 H N N 318 
THR HG23 H N N 319 
THR HXT  H N N 320 
TRP N    N N N 321 
TRP CA   C N S 322 
TRP C    C N N 323 
TRP O    O N N 324 
TRP CB   C N N 325 
TRP CG   C Y N 326 
TRP CD1  C Y N 327 
TRP CD2  C Y N 328 
TRP NE1  N Y N 329 
TRP CE2  C Y N 330 
TRP CE3  C Y N 331 
TRP CZ2  C Y N 332 
TRP CZ3  C Y N 333 
TRP CH2  C Y N 334 
TRP OXT  O N N 335 
TRP H    H N N 336 
TRP H2   H N N 337 
TRP HA   H N N 338 
TRP HB2  H N N 339 
TRP HB3  H N N 340 
TRP HD1  H N N 341 
TRP HE1  H N N 342 
TRP HE3  H N N 343 
TRP HZ2  H N N 344 
TRP HZ3  H N N 345 
TRP HH2  H N N 346 
TRP HXT  H N N 347 
TYR N    N N N 348 
TYR CA   C N S 349 
TYR C    C N N 350 
TYR O    O N N 351 
TYR CB   C N N 352 
TYR CG   C Y N 353 
TYR CD1  C Y N 354 
TYR CD2  C Y N 355 
TYR CE1  C Y N 356 
TYR CE2  C Y N 357 
TYR CZ   C Y N 358 
TYR OH   O N N 359 
TYR OXT  O N N 360 
TYR H    H N N 361 
TYR H2   H N N 362 
TYR HA   H N N 363 
TYR HB2  H N N 364 
TYR HB3  H N N 365 
TYR HD1  H N N 366 
TYR HD2  H N N 367 
TYR HE1  H N N 368 
TYR HE2  H N N 369 
TYR HH   H N N 370 
TYR HXT  H N N 371 
VAL N    N N N 372 
VAL CA   C N S 373 
VAL C    C N N 374 
VAL O    O N N 375 
VAL CB   C N N 376 
VAL CG1  C N N 377 
VAL CG2  C N N 378 
VAL OXT  O N N 379 
VAL H    H N N 380 
VAL H2   H N N 381 
VAL HA   H N N 382 
VAL HB   H N N 383 
VAL HG11 H N N 384 
VAL HG12 H N N 385 
VAL HG13 H N N 386 
VAL HG21 H N N 387 
VAL HG22 H N N 388 
VAL HG23 H N N 389 
VAL HXT  H N N 390 
# 
loop_
_chem_comp_bond.comp_id 
_chem_comp_bond.atom_id_1 
_chem_comp_bond.atom_id_2 
_chem_comp_bond.value_order 
_chem_comp_bond.pdbx_aromatic_flag 
_chem_comp_bond.pdbx_stereo_config 
_chem_comp_bond.pdbx_ordinal 
ALA N   CA   sing N N 1   
ALA N   H    sing N N 2   
ALA N   H2   sing N N 3   
ALA CA  C    sing N N 4   
ALA CA  CB   sing N N 5   
ALA CA  HA   sing N N 6   
ALA C   O    doub N N 7   
ALA C   OXT  sing N N 8   
ALA CB  HB1  sing N N 9   
ALA CB  HB2  sing N N 10  
ALA CB  HB3  sing N N 11  
ALA OXT HXT  sing N N 12  
ARG N   CA   sing N N 13  
ARG N   H    sing N N 14  
ARG N   H2   sing N N 15  
ARG CA  C    sing N N 16  
ARG CA  CB   sing N N 17  
ARG CA  HA   sing N N 18  
ARG C   O    doub N N 19  
ARG C   OXT  sing N N 20  
ARG CB  CG   sing N N 21  
ARG CB  HB2  sing N N 22  
ARG CB  HB3  sing N N 23  
ARG CG  CD   sing N N 24  
ARG CG  HG2  sing N N 25  
ARG CG  HG3  sing N N 26  
ARG CD  NE   sing N N 27  
ARG CD  HD2  sing N N 28  
ARG CD  HD3  sing N N 29  
ARG NE  CZ   sing N N 30  
ARG NE  HE   sing N N 31  
ARG CZ  NH1  sing N N 32  
ARG CZ  NH2  doub N N 33  
ARG NH1 HH11 sing N N 34  
ARG NH1 HH12 sing N N 35  
ARG NH2 HH21 sing N N 36  
ARG NH2 HH22 sing N N 37  
ARG OXT HXT  sing N N 38  
ASN N   CA   sing N N 39  
ASN N   H    sing N N 40  
ASN N   H2   sing N N 41  
ASN CA  C    sing N N 42  
ASN CA  CB   sing N N 43  
ASN CA  HA   sing N N 44  
ASN C   O    doub N N 45  
ASN C   OXT  sing N N 46  
ASN CB  CG   sing N N 47  
ASN CB  HB2  sing N N 48  
ASN CB  HB3  sing N N 49  
ASN CG  OD1  doub N N 50  
ASN CG  ND2  sing N N 51  
ASN ND2 HD21 sing N N 52  
ASN ND2 HD22 sing N N 53  
ASN OXT HXT  sing N N 54  
ASP N   CA   sing N N 55  
ASP N   H    sing N N 56  
ASP N   H2   sing N N 57  
ASP CA  C    sing N N 58  
ASP CA  CB   sing N N 59  
ASP CA  HA   sing N N 60  
ASP C   O    doub N N 61  
ASP C   OXT  sing N N 62  
ASP CB  CG   sing N N 63  
ASP CB  HB2  sing N N 64  
ASP CB  HB3  sing N N 65  
ASP CG  OD1  doub N N 66  
ASP CG  OD2  sing N N 67  
ASP OD2 HD2  sing N N 68  
ASP OXT HXT  sing N N 69  
CYS N   CA   sing N N 70  
CYS N   H    sing N N 71  
CYS N   H2   sing N N 72  
CYS CA  C    sing N N 73  
CYS CA  CB   sing N N 74  
CYS CA  HA   sing N N 75  
CYS C   O    doub N N 76  
CYS C   OXT  sing N N 77  
CYS CB  SG   sing N N 78  
CYS CB  HB2  sing N N 79  
CYS CB  HB3  sing N N 80  
CYS SG  HG   sing N N 81  
CYS OXT HXT  sing N N 82  
GLN N   CA   sing N N 83  
GLN N   H    sing N N 84  
GLN N   H2   sing N N 85  
GLN CA  C    sing N N 86  
GLN CA  CB   sing N N 87  
GLN CA  HA   sing N N 88  
GLN C   O    doub N N 89  
GLN C   OXT  sing N N 90  
GLN CB  CG   sing N N 91  
GLN CB  HB2  sing N N 92  
GLN CB  HB3  sing N N 93  
GLN CG  CD   sing N N 94  
GLN CG  HG2  sing N N 95  
GLN CG  HG3  sing N N 96  
GLN CD  OE1  doub N N 97  
GLN CD  NE2  sing N N 98  
GLN NE2 HE21 sing N N 99  
GLN NE2 HE22 sing N N 100 
GLN OXT HXT  sing N N 101 
GLU N   CA   sing N N 102 
GLU N   H    sing N N 103 
GLU N   H2   sing N N 104 
GLU CA  C    sing N N 105 
GLU CA  CB   sing N N 106 
GLU CA  HA   sing N N 107 
GLU C   O    doub N N 108 
GLU C   OXT  sing N N 109 
GLU CB  CG   sing N N 110 
GLU CB  HB2  sing N N 111 
GLU CB  HB3  sing N N 112 
GLU CG  CD   sing N N 113 
GLU CG  HG2  sing N N 114 
GLU CG  HG3  sing N N 115 
GLU CD  OE1  doub N N 116 
GLU CD  OE2  sing N N 117 
GLU OE2 HE2  sing N N 118 
GLU OXT HXT  sing N N 119 
GLY N   CA   sing N N 120 
GLY N   H    sing N N 121 
GLY N   H2   sing N N 122 
GLY CA  C    sing N N 123 
GLY CA  HA2  sing N N 124 
GLY CA  HA3  sing N N 125 
GLY C   O    doub N N 126 
GLY C   OXT  sing N N 127 
GLY OXT HXT  sing N N 128 
HIS N   CA   sing N N 129 
HIS N   H    sing N N 130 
HIS N   H2   sing N N 131 
HIS CA  C    sing N N 132 
HIS CA  CB   sing N N 133 
HIS CA  HA   sing N N 134 
HIS C   O    doub N N 135 
HIS C   OXT  sing N N 136 
HIS CB  CG   sing N N 137 
HIS CB  HB2  sing N N 138 
HIS CB  HB3  sing N N 139 
HIS CG  ND1  sing Y N 140 
HIS CG  CD2  doub Y N 141 
HIS ND1 CE1  doub Y N 142 
HIS ND1 HD1  sing N N 143 
HIS CD2 NE2  sing Y N 144 
HIS CD2 HD2  sing N N 145 
HIS CE1 NE2  sing Y N 146 
HIS CE1 HE1  sing N N 147 
HIS NE2 HE2  sing N N 148 
HIS OXT HXT  sing N N 149 
HOH O   H1   sing N N 150 
HOH O   H2   sing N N 151 
ILE N   CA   sing N N 152 
ILE N   H    sing N N 153 
ILE N   H2   sing N N 154 
ILE CA  C    sing N N 155 
ILE CA  CB   sing N N 156 
ILE CA  HA   sing N N 157 
ILE C   O    doub N N 158 
ILE C   OXT  sing N N 159 
ILE CB  CG1  sing N N 160 
ILE CB  CG2  sing N N 161 
ILE CB  HB   sing N N 162 
ILE CG1 CD1  sing N N 163 
ILE CG1 HG12 sing N N 164 
ILE CG1 HG13 sing N N 165 
ILE CG2 HG21 sing N N 166 
ILE CG2 HG22 sing N N 167 
ILE CG2 HG23 sing N N 168 
ILE CD1 HD11 sing N N 169 
ILE CD1 HD12 sing N N 170 
ILE CD1 HD13 sing N N 171 
ILE OXT HXT  sing N N 172 
LEU N   CA   sing N N 173 
LEU N   H    sing N N 174 
LEU N   H2   sing N N 175 
LEU CA  C    sing N N 176 
LEU CA  CB   sing N N 177 
LEU CA  HA   sing N N 178 
LEU C   O    doub N N 179 
LEU C   OXT  sing N N 180 
LEU CB  CG   sing N N 181 
LEU CB  HB2  sing N N 182 
LEU CB  HB3  sing N N 183 
LEU CG  CD1  sing N N 184 
LEU CG  CD2  sing N N 185 
LEU CG  HG   sing N N 186 
LEU CD1 HD11 sing N N 187 
LEU CD1 HD12 sing N N 188 
LEU CD1 HD13 sing N N 189 
LEU CD2 HD21 sing N N 190 
LEU CD2 HD22 sing N N 191 
LEU CD2 HD23 sing N N 192 
LEU OXT HXT  sing N N 193 
LYS N   CA   sing N N 194 
LYS N   H    sing N N 195 
LYS N   H2   sing N N 196 
LYS CA  C    sing N N 197 
LYS CA  CB   sing N N 198 
LYS CA  HA   sing N N 199 
LYS C   O    doub N N 200 
LYS C   OXT  sing N N 201 
LYS CB  CG   sing N N 202 
LYS CB  HB2  sing N N 203 
LYS CB  HB3  sing N N 204 
LYS CG  CD   sing N N 205 
LYS CG  HG2  sing N N 206 
LYS CG  HG3  sing N N 207 
LYS CD  CE   sing N N 208 
LYS CD  HD2  sing N N 209 
LYS CD  HD3  sing N N 210 
LYS CE  NZ   sing N N 211 
LYS CE  HE2  sing N N 212 
LYS CE  HE3  sing N N 213 
LYS NZ  HZ1  sing N N 214 
LYS NZ  HZ2  sing N N 215 
LYS NZ  HZ3  sing N N 216 
LYS OXT HXT  sing N N 217 
MET N   CA   sing N N 218 
MET N   H    sing N N 219 
MET N   H2   sing N N 220 
MET CA  C    sing N N 221 
MET CA  CB   sing N N 222 
MET CA  HA   sing N N 223 
MET C   O    doub N N 224 
MET C   OXT  sing N N 225 
MET CB  CG   sing N N 226 
MET CB  HB2  sing N N 227 
MET CB  HB3  sing N N 228 
MET CG  SD   sing N N 229 
MET CG  HG2  sing N N 230 
MET CG  HG3  sing N N 231 
MET SD  CE   sing N N 232 
MET CE  HE1  sing N N 233 
MET CE  HE2  sing N N 234 
MET CE  HE3  sing N N 235 
MET OXT HXT  sing N N 236 
PHE N   CA   sing N N 237 
PHE N   H    sing N N 238 
PHE N   H2   sing N N 239 
PHE CA  C    sing N N 240 
PHE CA  CB   sing N N 241 
PHE CA  HA   sing N N 242 
PHE C   O    doub N N 243 
PHE C   OXT  sing N N 244 
PHE CB  CG   sing N N 245 
PHE CB  HB2  sing N N 246 
PHE CB  HB3  sing N N 247 
PHE CG  CD1  doub Y N 248 
PHE CG  CD2  sing Y N 249 
PHE CD1 CE1  sing Y N 250 
PHE CD1 HD1  sing N N 251 
PHE CD2 CE2  doub Y N 252 
PHE CD2 HD2  sing N N 253 
PHE CE1 CZ   doub Y N 254 
PHE CE1 HE1  sing N N 255 
PHE CE2 CZ   sing Y N 256 
PHE CE2 HE2  sing N N 257 
PHE CZ  HZ   sing N N 258 
PHE OXT HXT  sing N N 259 
PRO N   CA   sing N N 260 
PRO N   CD   sing N N 261 
PRO N   H    sing N N 262 
PRO CA  C    sing N N 263 
PRO CA  CB   sing N N 264 
PRO CA  HA   sing N N 265 
PRO C   O    doub N N 266 
PRO C   OXT  sing N N 267 
PRO CB  CG   sing N N 268 
PRO CB  HB2  sing N N 269 
PRO CB  HB3  sing N N 270 
PRO CG  CD   sing N N 271 
PRO CG  HG2  sing N N 272 
PRO CG  HG3  sing N N 273 
PRO CD  HD2  sing N N 274 
PRO CD  HD3  sing N N 275 
PRO OXT HXT  sing N N 276 
SER N   CA   sing N N 277 
SER N   H    sing N N 278 
SER N   H2   sing N N 279 
SER CA  C    sing N N 280 
SER CA  CB   sing N N 281 
SER CA  HA   sing N N 282 
SER C   O    doub N N 283 
SER C   OXT  sing N N 284 
SER CB  OG   sing N N 285 
SER CB  HB2  sing N N 286 
SER CB  HB3  sing N N 287 
SER OG  HG   sing N N 288 
SER OXT HXT  sing N N 289 
THR N   CA   sing N N 290 
THR N   H    sing N N 291 
THR N   H2   sing N N 292 
THR CA  C    sing N N 293 
THR CA  CB   sing N N 294 
THR CA  HA   sing N N 295 
THR C   O    doub N N 296 
THR C   OXT  sing N N 297 
THR CB  OG1  sing N N 298 
THR CB  CG2  sing N N 299 
THR CB  HB   sing N N 300 
THR OG1 HG1  sing N N 301 
THR CG2 HG21 sing N N 302 
THR CG2 HG22 sing N N 303 
THR CG2 HG23 sing N N 304 
THR OXT HXT  sing N N 305 
TRP N   CA   sing N N 306 
TRP N   H    sing N N 307 
TRP N   H2   sing N N 308 
TRP CA  C    sing N N 309 
TRP CA  CB   sing N N 310 
TRP CA  HA   sing N N 311 
TRP C   O    doub N N 312 
TRP C   OXT  sing N N 313 
TRP CB  CG   sing N N 314 
TRP CB  HB2  sing N N 315 
TRP CB  HB3  sing N N 316 
TRP CG  CD1  doub Y N 317 
TRP CG  CD2  sing Y N 318 
TRP CD1 NE1  sing Y N 319 
TRP CD1 HD1  sing N N 320 
TRP CD2 CE2  doub Y N 321 
TRP CD2 CE3  sing Y N 322 
TRP NE1 CE2  sing Y N 323 
TRP NE1 HE1  sing N N 324 
TRP CE2 CZ2  sing Y N 325 
TRP CE3 CZ3  doub Y N 326 
TRP CE3 HE3  sing N N 327 
TRP CZ2 CH2  doub Y N 328 
TRP CZ2 HZ2  sing N N 329 
TRP CZ3 CH2  sing Y N 330 
TRP CZ3 HZ3  sing N N 331 
TRP CH2 HH2  sing N N 332 
TRP OXT HXT  sing N N 333 
TYR N   CA   sing N N 334 
TYR N   H    sing N N 335 
TYR N   H2   sing N N 336 
TYR CA  C    sing N N 337 
TYR CA  CB   sing N N 338 
TYR CA  HA   sing N N 339 
TYR C   O    doub N N 340 
TYR C   OXT  sing N N 341 
TYR CB  CG   sing N N 342 
TYR CB  HB2  sing N N 343 
TYR CB  HB3  sing N N 344 
TYR CG  CD1  doub Y N 345 
TYR CG  CD2  sing Y N 346 
TYR CD1 CE1  sing Y N 347 
TYR CD1 HD1  sing N N 348 
TYR CD2 CE2  doub Y N 349 
TYR CD2 HD2  sing N N 350 
TYR CE1 CZ   doub Y N 351 
TYR CE1 HE1  sing N N 352 
TYR CE2 CZ   sing Y N 353 
TYR CE2 HE2  sing N N 354 
TYR CZ  OH   sing N N 355 
TYR OH  HH   sing N N 356 
TYR OXT HXT  sing N N 357 
VAL N   CA   sing N N 358 
VAL N   H    sing N N 359 
VAL N   H2   sing N N 360 
VAL CA  C    sing N N 361 
VAL CA  CB   sing N N 362 
VAL CA  HA   sing N N 363 
VAL C   O    doub N N 364 
VAL C   OXT  sing N N 365 
VAL CB  CG1  sing N N 366 
VAL CB  CG2  sing N N 367 
VAL CB  HB   sing N N 368 
VAL CG1 HG11 sing N N 369 
VAL CG1 HG12 sing N N 370 
VAL CG1 HG13 sing N N 371 
VAL CG2 HG21 sing N N 372 
VAL CG2 HG22 sing N N 373 
VAL CG2 HG23 sing N N 374 
VAL OXT HXT  sing N N 375 
# 
_pdbx_initial_refinement_model.id               1 
_pdbx_initial_refinement_model.entity_id_list   ? 
_pdbx_initial_refinement_model.type             'experimental model' 
_pdbx_initial_refinement_model.source_name      PDB 
_pdbx_initial_refinement_model.accession_code   1IM9 
_pdbx_initial_refinement_model.details          ? 
# 
_atom_sites.entry_id                    3H8N 
_atom_sites.fract_transf_matrix[1][1]   0.01935928 
_atom_sites.fract_transf_matrix[1][2]   -0.00211846 
_atom_sites.fract_transf_matrix[1][3]   -0.00131214 
_atom_sites.fract_transf_matrix[2][1]   0.00127567 
_atom_sites.fract_transf_matrix[2][2]   0.00190542 
_atom_sites.fract_transf_matrix[2][3]   0.01574490 
_atom_sites.fract_transf_matrix[3][1]   -0.00150684 
_atom_sites.fract_transf_matrix[3][2]   -0.01496760 
_atom_sites.fract_transf_matrix[3][3]   0.00193344 
_atom_sites.fract_transf_vector[1]      -0.246635 
_atom_sites.fract_transf_vector[2]      0.144898 
_atom_sites.fract_transf_vector[3]      -0.019053 
# 
loop_
_atom_type.symbol 
C 
N 
O 
S 
# 
loop_
_atom_site.group_PDB 
_atom_site.id 
_atom_site.type_symbol 
_atom_site.label_atom_id 
_atom_site.label_alt_id 
_atom_site.label_comp_id 
_atom_site.label_asym_id 
_atom_site.label_entity_id 
_atom_site.label_seq_id 
_atom_site.pdbx_PDB_ins_code 
_atom_site.Cartn_x 
_atom_site.Cartn_y 
_atom_site.Cartn_z 
_atom_site.occupancy 
_atom_site.B_iso_or_equiv 
_atom_site.pdbx_formal_charge 
_atom_site.auth_seq_id 
_atom_site.auth_comp_id 
_atom_site.auth_asym_id 
_atom_site.auth_atom_id 
_atom_site.pdbx_PDB_model_num 
ATOM   1    N N   . ARG A 1 1   ? -6.348  16.178  15.283  1.00 58.65 ? 6   ARG A N   1 
ATOM   2    C CA  . ARG A 1 1   ? -5.148  16.950  15.577  1.00 59.38 ? 6   ARG A CA  1 
ATOM   3    C C   . ARG A 1 1   ? -4.018  16.440  14.705  1.00 57.16 ? 6   ARG A C   1 
ATOM   4    O O   . ARG A 1 1   ? -2.927  17.016  14.652  1.00 56.00 ? 6   ARG A O   1 
ATOM   5    C CB  . ARG A 1 1   ? -4.753  16.785  17.040  1.00 57.80 ? 6   ARG A CB  1 
ATOM   6    C CG  . ARG A 1 1   ? -3.477  17.513  17.382  1.00 53.30 ? 6   ARG A CG  1 
ATOM   7    C CD  . ARG A 1 1   ? -3.714  19.004  17.383  1.00 52.99 ? 6   ARG A CD  1 
ATOM   8    N NE  . ARG A 1 1   ? -2.483  19.753  17.612  1.00 64.73 ? 6   ARG A NE  1 
ATOM   9    C CZ  . ARG A 1 1   ? -1.640  19.529  18.618  1.00 67.77 ? 6   ARG A CZ  1 
ATOM   10   N NH1 . ARG A 1 1   ? -0.545  20.279  18.740  1.00 60.27 ? 6   ARG A NH1 1 
ATOM   11   N NH2 . ARG A 1 1   ? -1.880  18.553  19.495  1.00 55.52 ? 6   ARG A NH2 1 
ATOM   12   N N   . LYS A 1 2   ? -4.308  15.341  14.024  1.00 52.12 ? 7   LYS A N   1 
ATOM   13   C CA  . LYS A 1 2   ? -3.322  14.626  13.243  1.00 50.95 ? 7   LYS A CA  1 
ATOM   14   C C   . LYS A 1 2   ? -3.043  15.304  11.913  1.00 56.31 ? 7   LYS A C   1 
ATOM   15   O O   . LYS A 1 2   ? -3.973  15.655  11.188  1.00 58.01 ? 7   LYS A O   1 
ATOM   16   C CB  . LYS A 1 2   ? -3.844  13.232  12.977  1.00 44.06 ? 7   LYS A CB  1 
ATOM   17   C CG  . LYS A 1 2   ? -5.187  13.230  12.307  1.00 47.51 ? 7   LYS A CG  1 
ATOM   18   C CD  . LYS A 1 2   ? -5.819  11.863  12.377  1.00 46.51 ? 7   LYS A CD  1 
ATOM   19   C CE  . LYS A 1 2   ? -6.849  11.704  11.287  1.00 49.96 ? 7   LYS A CE  1 
ATOM   20   N NZ  . LYS A 1 2   ? -7.304  10.295  11.184  1.00 54.25 ? 7   LYS A NZ  1 
ATOM   21   N N   . PRO A 1 3   ? -1.757  15.478  11.577  1.00 56.52 ? 8   PRO A N   1 
ATOM   22   C CA  . PRO A 1 3   ? -1.410  15.928  10.227  1.00 54.50 ? 8   PRO A CA  1 
ATOM   23   C C   . PRO A 1 3   ? -2.060  15.018  9.193   1.00 51.42 ? 8   PRO A C   1 
ATOM   24   O O   . PRO A 1 3   ? -2.406  13.880  9.520   1.00 49.05 ? 8   PRO A O   1 
ATOM   25   C CB  . PRO A 1 3   ? 0.112   15.744  10.175  1.00 57.18 ? 8   PRO A CB  1 
ATOM   26   C CG  . PRO A 1 3   ? 0.566   15.768  11.607  1.00 51.35 ? 8   PRO A CG  1 
ATOM   27   C CD  . PRO A 1 3   ? -0.573  15.263  12.433  1.00 53.25 ? 8   PRO A CD  1 
ATOM   28   N N   . SER A 1 4   ? -2.234  15.509  7.969   1.00 55.29 ? 9   SER A N   1 
ATOM   29   C CA  . SER A 1 4   ? -2.651  14.652  6.860   1.00 51.82 ? 9   SER A CA  1 
ATOM   30   C C   . SER A 1 4   ? -1.417  13.925  6.326   1.00 45.33 ? 9   SER A C   1 
ATOM   31   O O   . SER A 1 4   ? -0.300  14.392  6.483   1.00 44.69 ? 9   SER A O   1 
ATOM   32   C CB  . SER A 1 4   ? -3.329  15.466  5.754   1.00 55.13 ? 9   SER A CB  1 
ATOM   33   O OG  . SER A 1 4   ? -4.230  16.427  6.290   1.00 59.86 ? 9   SER A OG  1 
ATOM   34   N N   . PHE A 1 5   ? -1.620  12.773  5.707   1.00 44.36 ? 10  PHE A N   1 
ATOM   35   C CA  . PHE A 1 5   ? -0.501  11.908  5.349   1.00 45.47 ? 10  PHE A CA  1 
ATOM   36   C C   . PHE A 1 5   ? -0.726  11.204  4.015   1.00 42.13 ? 10  PHE A C   1 
ATOM   37   O O   . PHE A 1 5   ? -1.724  10.524  3.801   1.00 40.88 ? 10  PHE A O   1 
ATOM   38   C CB  . PHE A 1 5   ? -0.229  10.881  6.457   1.00 46.26 ? 10  PHE A CB  1 
ATOM   39   C CG  . PHE A 1 5   ? 1.136   10.251  6.377   1.00 39.88 ? 10  PHE A CG  1 
ATOM   40   C CD1 . PHE A 1 5   ? 2.225   10.979  5.932   1.00 40.52 ? 10  PHE A CD1 1 
ATOM   41   C CD2 . PHE A 1 5   ? 1.333   8.951   6.767   1.00 35.03 ? 10  PHE A CD2 1 
ATOM   42   C CE1 . PHE A 1 5   ? 3.470   10.415  5.862   1.00 33.22 ? 10  PHE A CE1 1 
ATOM   43   C CE2 . PHE A 1 5   ? 2.574   8.389   6.699   1.00 38.92 ? 10  PHE A CE2 1 
ATOM   44   C CZ  . PHE A 1 5   ? 3.647   9.127   6.252   1.00 35.57 ? 10  PHE A CZ  1 
ATOM   45   N N   . LEU A 1 6   ? 0.239   11.355  3.128   1.00 44.23 ? 11  LEU A N   1 
ATOM   46   C CA  . LEU A 1 6   ? 0.006   11.100  1.733   1.00 42.17 ? 11  LEU A CA  1 
ATOM   47   C C   . LEU A 1 6   ? 1.289   10.614  1.095   1.00 44.10 ? 11  LEU A C   1 
ATOM   48   O O   . LEU A 1 6   ? 2.365   11.160  1.352   1.00 42.61 ? 11  LEU A O   1 
ATOM   49   C CB  . LEU A 1 6   ? -0.421  12.412  1.077   1.00 44.90 ? 11  LEU A CB  1 
ATOM   50   C CG  . LEU A 1 6   ? -1.017  12.360  -0.317  1.00 45.02 ? 11  LEU A CG  1 
ATOM   51   C CD1 . LEU A 1 6   ? -2.068  11.266  -0.412  1.00 51.57 ? 11  LEU A CD1 1 
ATOM   52   C CD2 . LEU A 1 6   ? -1.610  13.710  -0.634  1.00 51.31 ? 11  LEU A CD2 1 
ATOM   53   N N   . ALA A 1 7   ? 1.165   9.584   0.266   1.00 41.49 ? 12  ALA A N   1 
ATOM   54   C CA  . ALA A 1 7   ? 2.271   9.107   -0.544  1.00 40.09 ? 12  ALA A CA  1 
ATOM   55   C C   . ALA A 1 7   ? 2.134   9.617   -1.988  1.00 38.12 ? 12  ALA A C   1 
ATOM   56   O O   . ALA A 1 7   ? 1.034   9.702   -2.520  1.00 41.53 ? 12  ALA A O   1 
ATOM   57   C CB  . ALA A 1 7   ? 2.310   7.589   -0.511  1.00 41.28 ? 12  ALA A CB  1 
ATOM   58   N N   . LEU A 1 8   ? 3.247   9.960   -2.624  1.00 39.89 ? 13  LEU A N   1 
ATOM   59   C CA  . LEU A 1 8   ? 3.204   10.401  -4.018  1.00 38.49 ? 13  LEU A CA  1 
ATOM   60   C C   . LEU A 1 8   ? 4.361   9.814   -4.817  1.00 35.42 ? 13  LEU A C   1 
ATOM   61   O O   . LEU A 1 8   ? 5.520   10.103  -4.530  1.00 37.98 ? 13  LEU A O   1 
ATOM   62   C CB  . LEU A 1 8   ? 3.235   11.924  -4.117  1.00 39.78 ? 13  LEU A CB  1 
ATOM   63   C CG  . LEU A 1 8   ? 2.196   12.773  -3.398  1.00 35.39 ? 13  LEU A CG  1 
ATOM   64   C CD1 . LEU A 1 8   ? 2.810   14.105  -3.055  1.00 41.37 ? 13  LEU A CD1 1 
ATOM   65   C CD2 . LEU A 1 8   ? 0.959   12.949  -4.250  1.00 38.03 ? 13  LEU A CD2 1 
ATOM   66   N N   . PRO A 1 9   ? 4.048   9.008   -5.845  1.00 36.06 ? 14  PRO A N   1 
ATOM   67   C CA  . PRO A 1 9   ? 2.695   8.704   -6.343  1.00 44.14 ? 14  PRO A CA  1 
ATOM   68   C C   . PRO A 1 9   ? 1.815   7.962   -5.335  1.00 46.30 ? 14  PRO A C   1 
ATOM   69   O O   . PRO A 1 9   ? 0.706   8.404   -5.033  1.00 53.99 ? 14  PRO A O   1 
ATOM   70   C CB  . PRO A 1 9   ? 2.954   7.793   -7.553  1.00 40.68 ? 14  PRO A CB  1 
ATOM   71   C CG  . PRO A 1 9   ? 4.397   7.979   -7.884  1.00 37.69 ? 14  PRO A CG  1 
ATOM   72   C CD  . PRO A 1 9   ? 5.078   8.276   -6.594  1.00 35.24 ? 14  PRO A CD  1 
ATOM   73   N N   . GLY A 1 10  ? 2.303   6.848   -4.812  1.00 44.22 ? 15  GLY A N   1 
ATOM   74   C CA  . GLY A 1 10  ? 1.476   6.024   -3.948  1.00 46.90 ? 15  GLY A CA  1 
ATOM   75   C C   . GLY A 1 10  ? 2.277   5.201   -2.963  1.00 45.96 ? 15  GLY A C   1 
ATOM   76   O O   . GLY A 1 10  ? 3.488   5.368   -2.832  1.00 36.20 ? 15  GLY A O   1 
ATOM   77   N N   . HIS A 1 11  ? 1.593   4.298   -2.272  1.00 46.53 ? 16  HIS A N   1 
ATOM   78   C CA  . HIS A 1 11  ? 2.237   3.529   -1.230  1.00 37.63 ? 16  HIS A CA  1 
ATOM   79   C C   . HIS A 1 11  ? 2.873   2.258   -1.780  1.00 37.66 ? 16  HIS A C   1 
ATOM   80   O O   . HIS A 1 11  ? 3.612   1.579   -1.070  1.00 37.81 ? 16  HIS A O   1 
ATOM   81   C CB  . HIS A 1 11  ? 1.268   3.257   -0.069  1.00 40.68 ? 16  HIS A CB  1 
ATOM   82   C CG  . HIS A 1 11  ? 0.304   2.129   -0.310  1.00 45.00 ? 16  HIS A CG  1 
ATOM   83   N ND1 . HIS A 1 11  ? -0.591  2.116   -1.360  1.00 44.53 ? 16  HIS A ND1 1 
ATOM   84   C CD2 . HIS A 1 11  ? 0.069   0.995   0.395   1.00 40.71 ? 16  HIS A CD2 1 
ATOM   85   C CE1 . HIS A 1 11  ? -1.322  1.018   -1.301  1.00 39.73 ? 16  HIS A CE1 1 
ATOM   86   N NE2 . HIS A 1 11  ? -0.943  0.320   -0.246  1.00 38.60 ? 16  HIS A NE2 1 
ATOM   87   N N   . LEU A 1 12  ? 2.605   1.941   -3.047  1.00 37.97 ? 17  LEU A N   1 
ATOM   88   C CA  . LEU A 1 12  ? 3.211   0.758   -3.669  1.00 35.16 ? 17  LEU A CA  1 
ATOM   89   C C   . LEU A 1 12  ? 4.308   1.195   -4.619  1.00 42.28 ? 17  LEU A C   1 
ATOM   90   O O   . LEU A 1 12  ? 4.026   1.766   -5.669  1.00 42.14 ? 17  LEU A O   1 
ATOM   91   C CB  . LEU A 1 12  ? 2.178   -0.084  -4.422  1.00 34.38 ? 17  LEU A CB  1 
ATOM   92   C CG  . LEU A 1 12  ? 0.917   -0.527  -3.670  1.00 33.40 ? 17  LEU A CG  1 
ATOM   93   C CD1 . LEU A 1 12  ? -0.132  -0.962  -4.655  1.00 28.86 ? 17  LEU A CD1 1 
ATOM   94   C CD2 . LEU A 1 12  ? 1.216   -1.600  -2.649  1.00 30.24 ? 17  LEU A CD2 1 
ATOM   95   N N   . VAL A 1 13  ? 5.559   0.922   -4.254  1.00 45.04 ? 18  VAL A N   1 
ATOM   96   C CA  . VAL A 1 13  ? 6.701   1.448   -4.999  1.00 42.97 ? 18  VAL A CA  1 
ATOM   97   C C   . VAL A 1 13  ? 7.715   0.372   -5.381  1.00 44.18 ? 18  VAL A C   1 
ATOM   98   O O   . VAL A 1 13  ? 8.130   -0.435  -4.546  1.00 43.42 ? 18  VAL A O   1 
ATOM   99   C CB  . VAL A 1 13  ? 7.395   2.584   -4.212  1.00 41.99 ? 18  VAL A CB  1 
ATOM   100  C CG1 . VAL A 1 13  ? 6.384   3.665   -3.865  1.00 44.86 ? 18  VAL A CG1 1 
ATOM   101  C CG2 . VAL A 1 13  ? 8.016   2.066   -2.946  1.00 44.02 ? 18  VAL A CG2 1 
ATOM   102  N N   . LYS A 1 14  ? 8.099   0.361   -6.653  1.00 42.43 ? 19  LYS A N   1 
ATOM   103  C CA  . LYS A 1 14  ? 9.095   -0.579  -7.142  1.00 44.71 ? 19  LYS A CA  1 
ATOM   104  C C   . LYS A 1 14  ? 10.418  -0.426  -6.402  1.00 44.52 ? 19  LYS A C   1 
ATOM   105  O O   . LYS A 1 14  ? 10.728  0.640   -5.860  1.00 43.60 ? 19  LYS A O   1 
ATOM   106  C CB  . LYS A 1 14  ? 9.332   -0.391  -8.643  1.00 49.55 ? 19  LYS A CB  1 
ATOM   107  C CG  . LYS A 1 14  ? 8.214   -0.905  -9.532  1.00 51.51 ? 19  LYS A CG  1 
ATOM   108  C CD  . LYS A 1 14  ? 8.780   -1.635  -10.753 1.00 58.76 ? 19  LYS A CD  1 
ATOM   109  C CE  . LYS A 1 14  ? 7.701   -2.370  -11.556 1.00 60.70 ? 19  LYS A CE  1 
ATOM   110  N NZ  . LYS A 1 14  ? 7.086   -3.522  -10.818 1.00 57.12 ? 19  LYS A NZ  1 
ATOM   111  N N   . SER A 1 15  ? 11.198  -1.500  -6.394  1.00 42.55 ? 20  SER A N   1 
ATOM   112  C CA  . SER A 1 15  ? 12.529  -1.479  -5.817  1.00 42.75 ? 20  SER A CA  1 
ATOM   113  C C   . SER A 1 15  ? 13.381  -0.465  -6.559  1.00 46.34 ? 20  SER A C   1 
ATOM   114  O O   . SER A 1 15  ? 13.202  -0.243  -7.757  1.00 45.80 ? 20  SER A O   1 
ATOM   115  C CB  . SER A 1 15  ? 13.177  -2.861  -5.899  1.00 46.65 ? 20  SER A CB  1 
ATOM   116  O OG  . SER A 1 15  ? 14.290  -2.965  -5.020  1.00 50.68 ? 20  SER A OG  1 
ATOM   117  N N   . GLU A 1 16  ? 14.300  0.158   -5.829  1.00 48.86 ? 21  GLU A N   1 
ATOM   118  C CA  . GLU A 1 16  ? 15.210  1.151   -6.389  1.00 46.59 ? 21  GLU A CA  1 
ATOM   119  C C   . GLU A 1 16  ? 14.549  2.421   -6.907  1.00 45.19 ? 21  GLU A C   1 
ATOM   120  O O   . GLU A 1 16  ? 15.226  3.277   -7.471  1.00 50.97 ? 21  GLU A O   1 
ATOM   121  C CB  . GLU A 1 16  ? 16.094  0.534   -7.468  1.00 54.46 ? 21  GLU A CB  1 
ATOM   122  C CG  . GLU A 1 16  ? 17.330  -0.155  -6.908  1.00 58.41 ? 21  GLU A CG  1 
ATOM   123  C CD  . GLU A 1 16  ? 18.163  -0.815  -7.984  1.00 65.72 ? 21  GLU A CD  1 
ATOM   124  O OE1 . GLU A 1 16  ? 17.653  -0.971  -9.115  1.00 65.96 ? 21  GLU A OE1 1 
ATOM   125  O OE2 . GLU A 1 16  ? 19.325  -1.181  -7.700  1.00 74.75 ? 21  GLU A OE2 1 
ATOM   126  N N   . GLU A 1 17  ? 13.242  2.555   -6.712  1.00 41.74 ? 22  GLU A N   1 
ATOM   127  C CA  . GLU A 1 17  ? 12.581  3.821   -7.012  1.00 44.28 ? 22  GLU A CA  1 
ATOM   128  C C   . GLU A 1 17  ? 12.520  4.723   -5.772  1.00 45.09 ? 22  GLU A C   1 
ATOM   129  O O   . GLU A 1 17  ? 12.841  4.284   -4.669  1.00 44.34 ? 22  GLU A O   1 
ATOM   130  C CB  . GLU A 1 17  ? 11.189  3.577   -7.572  1.00 41.51 ? 22  GLU A CB  1 
ATOM   131  C CG  . GLU A 1 17  ? 11.209  3.074   -8.997  1.00 46.77 ? 22  GLU A CG  1 
ATOM   132  C CD  . GLU A 1 17  ? 9.820   2.957   -9.589  1.00 53.20 ? 22  GLU A CD  1 
ATOM   133  O OE1 . GLU A 1 17  ? 8.826   3.162   -8.850  1.00 48.52 ? 22  GLU A OE1 1 
ATOM   134  O OE2 . GLU A 1 17  ? 9.726   2.661   -10.803 1.00 58.18 ? 22  GLU A OE2 1 
ATOM   135  N N   . THR A 1 18  ? 12.127  5.981   -5.950  1.00 39.97 ? 23  THR A N   1 
ATOM   136  C CA  . THR A 1 18  ? 11.952  6.869   -4.806  1.00 37.45 ? 23  THR A CA  1 
ATOM   137  C C   . THR A 1 18  ? 10.510  7.336   -4.737  1.00 36.01 ? 23  THR A C   1 
ATOM   138  O O   . THR A 1 18  ? 9.816   7.369   -5.748  1.00 34.18 ? 23  THR A O   1 
ATOM   139  C CB  . THR A 1 18  ? 12.853  8.112   -4.868  1.00 38.10 ? 23  THR A CB  1 
ATOM   140  O OG1 . THR A 1 18  ? 12.417  8.955   -5.944  1.00 42.02 ? 23  THR A OG1 1 
ATOM   141  C CG2 . THR A 1 18  ? 14.306  7.717   -5.052  1.00 37.01 ? 23  THR A CG2 1 
ATOM   142  N N   . VAL A 1 19  ? 10.068  7.678   -3.532  1.00 33.28 ? 24  VAL A N   1 
ATOM   143  C CA  . VAL A 1 19  ? 8.718   8.156   -3.311  1.00 34.15 ? 24  VAL A CA  1 
ATOM   144  C C   . VAL A 1 19  ? 8.758   9.398   -2.425  1.00 34.23 ? 24  VAL A C   1 
ATOM   145  O O   . VAL A 1 19  ? 9.744   9.657   -1.732  1.00 32.31 ? 24  VAL A O   1 
ATOM   146  C CB  . VAL A 1 19  ? 7.833   7.055   -2.667  1.00 31.98 ? 24  VAL A CB  1 
ATOM   147  C CG1 . VAL A 1 19  ? 8.297   6.744   -1.255  1.00 27.70 ? 24  VAL A CG1 1 
ATOM   148  C CG2 . VAL A 1 19  ? 6.386   7.473   -2.667  1.00 33.37 ? 24  VAL A CG2 1 
ATOM   149  N N   . ILE A 1 20  ? 7.695   10.184  -2.464  1.00 36.14 ? 25  ILE A N   1 
ATOM   150  C CA  . ILE A 1 20  ? 7.576   11.299  -1.540  1.00 38.32 ? 25  ILE A CA  1 
ATOM   151  C C   . ILE A 1 20  ? 6.511   11.017  -0.493  1.00 36.48 ? 25  ILE A C   1 
ATOM   152  O O   . ILE A 1 20  ? 5.403   10.609  -0.820  1.00 36.87 ? 25  ILE A O   1 
ATOM   153  C CB  . ILE A 1 20  ? 7.228   12.596  -2.267  1.00 34.71 ? 25  ILE A CB  1 
ATOM   154  C CG1 . ILE A 1 20  ? 8.438   13.102  -3.061  1.00 41.22 ? 25  ILE A CG1 1 
ATOM   155  C CG2 . ILE A 1 20  ? 6.777   13.640  -1.274  1.00 36.21 ? 25  ILE A CG2 1 
ATOM   156  C CD1 . ILE A 1 20  ? 9.586   13.678  -2.196  1.00 36.77 ? 25  ILE A CD1 1 
ATOM   157  N N   . LEU A 1 21  ? 6.869   11.207  0.769   1.00 38.09 ? 26  LEU A N   1 
ATOM   158  C CA  . LEU A 1 21  ? 5.898   11.127  1.849   1.00 36.74 ? 26  LEU A CA  1 
ATOM   159  C C   . LEU A 1 21  ? 5.569   12.523  2.355   1.00 36.39 ? 26  LEU A C   1 
ATOM   160  O O   . LEU A 1 21  ? 6.435   13.261  2.828   1.00 37.71 ? 26  LEU A O   1 
ATOM   161  C CB  . LEU A 1 21  ? 6.408   10.233  2.974   1.00 35.24 ? 26  LEU A CB  1 
ATOM   162  C CG  . LEU A 1 21  ? 6.352   8.757   2.589   1.00 35.84 ? 26  LEU A CG  1 
ATOM   163  C CD1 . LEU A 1 21  ? 6.561   7.873   3.799   1.00 34.54 ? 26  LEU A CD1 1 
ATOM   164  C CD2 . LEU A 1 21  ? 5.019   8.447   1.911   1.00 34.67 ? 26  LEU A CD2 1 
ATOM   165  N N   . GLN A 1 22  ? 4.310   12.902  2.217   1.00 39.57 ? 27  GLN A N   1 
ATOM   166  C CA  . GLN A 1 22  ? 3.918   14.262  2.547   1.00 44.60 ? 27  GLN A CA  1 
ATOM   167  C C   . GLN A 1 22  ? 3.003   14.294  3.768   1.00 44.72 ? 27  GLN A C   1 
ATOM   168  O O   . GLN A 1 22  ? 2.007   13.561  3.851   1.00 38.31 ? 27  GLN A O   1 
ATOM   169  C CB  . GLN A 1 22  ? 3.261   14.919  1.339   1.00 40.83 ? 27  GLN A CB  1 
ATOM   170  C CG  . GLN A 1 22  ? 2.653   16.281  1.591   1.00 49.18 ? 27  GLN A CG  1 
ATOM   171  C CD  . GLN A 1 22  ? 2.000   16.845  0.338   1.00 54.12 ? 27  GLN A CD  1 
ATOM   172  O OE1 . GLN A 1 22  ? 0.812   17.176  0.337   1.00 55.13 ? 27  GLN A OE1 1 
ATOM   173  N NE2 . GLN A 1 22  ? 2.775   16.944  -0.740  1.00 48.84 ? 27  GLN A NE2 1 
ATOM   174  N N   . CYS A 1 23  ? 3.391   15.127  4.727   1.00 44.29 ? 28  CYS A N   1 
ATOM   175  C CA  . CYS A 1 23  ? 2.612   15.380  5.925   1.00 46.89 ? 28  CYS A CA  1 
ATOM   176  C C   . CYS A 1 23  ? 2.239   16.854  5.913   1.00 51.43 ? 28  CYS A C   1 
ATOM   177  O O   . CYS A 1 23  ? 3.098   17.715  5.708   1.00 50.56 ? 28  CYS A O   1 
ATOM   178  C CB  . CYS A 1 23  ? 3.437   15.081  7.174   1.00 45.57 ? 28  CYS A CB  1 
ATOM   179  S SG  . CYS A 1 23  ? 4.623   13.718  6.998   1.00 52.67 ? 28  CYS A SG  1 
ATOM   180  N N   . TRP A 1 24  ? 0.964   17.146  6.133   1.00 49.89 ? 29  TRP A N   1 
ATOM   181  C CA  . TRP A 1 24  ? 0.499   18.523  6.081   1.00 55.79 ? 29  TRP A CA  1 
ATOM   182  C C   . TRP A 1 24  ? -0.796  18.704  6.866   1.00 60.10 ? 29  TRP A C   1 
ATOM   183  O O   . TRP A 1 24  ? -1.584  17.762  6.989   1.00 58.55 ? 29  TRP A O   1 
ATOM   184  C CB  . TRP A 1 24  ? 0.289   18.935  4.624   1.00 57.54 ? 29  TRP A CB  1 
ATOM   185  C CG  . TRP A 1 24  ? -0.917  18.318  3.999   1.00 53.71 ? 29  TRP A CG  1 
ATOM   186  C CD1 . TRP A 1 24  ? -0.966  17.175  3.254   1.00 51.93 ? 29  TRP A CD1 1 
ATOM   187  C CD2 . TRP A 1 24  ? -2.257  18.818  4.061   1.00 57.00 ? 29  TRP A CD2 1 
ATOM   188  N NE1 . TRP A 1 24  ? -2.261  16.932  2.850   1.00 53.51 ? 29  TRP A NE1 1 
ATOM   189  C CE2 . TRP A 1 24  ? -3.071  17.926  3.337   1.00 58.00 ? 29  TRP A CE2 1 
ATOM   190  C CE3 . TRP A 1 24  ? -2.849  19.937  4.663   1.00 60.38 ? 29  TRP A CE3 1 
ATOM   191  C CZ2 . TRP A 1 24  ? -4.447  18.117  3.195   1.00 63.97 ? 29  TRP A CZ2 1 
ATOM   192  C CZ3 . TRP A 1 24  ? -4.213  20.128  4.523   1.00 57.26 ? 29  TRP A CZ3 1 
ATOM   193  C CH2 . TRP A 1 24  ? -4.997  19.221  3.795   1.00 63.68 ? 29  TRP A CH2 1 
ATOM   194  N N   . SER A 1 25  ? -1.035  19.911  7.381   1.00 60.15 ? 30  SER A N   1 
ATOM   195  C CA  . SER A 1 25  ? -2.274  20.161  8.121   1.00 60.49 ? 30  SER A CA  1 
ATOM   196  C C   . SER A 1 25  ? -2.706  21.629  8.237   1.00 69.57 ? 30  SER A C   1 
ATOM   197  O O   . SER A 1 25  ? -1.909  22.551  8.000   1.00 62.78 ? 30  SER A O   1 
ATOM   198  C CB  . SER A 1 25  ? -2.164  19.562  9.518   1.00 55.97 ? 30  SER A CB  1 
ATOM   199  O OG  . SER A 1 25  ? -3.413  19.604  10.169  1.00 58.90 ? 30  SER A OG  1 
ATOM   200  N N   . ASP A 1 26  ? -3.978  21.822  8.611   1.00 71.02 ? 31  ASP A N   1 
ATOM   201  C CA  . ASP A 1 26  ? -4.510  23.133  9.003   1.00 71.89 ? 31  ASP A CA  1 
ATOM   202  C C   . ASP A 1 26  ? -3.545  23.799  9.965   1.00 70.99 ? 31  ASP A C   1 
ATOM   203  O O   . ASP A 1 26  ? -2.983  24.864  9.685   1.00 70.16 ? 31  ASP A O   1 
ATOM   204  C CB  . ASP A 1 26  ? -5.848  22.973  9.731   1.00 74.21 ? 31  ASP A CB  1 
ATOM   205  C CG  . ASP A 1 26  ? -7.037  22.924  8.792   1.00 79.50 ? 31  ASP A CG  1 
ATOM   206  O OD1 . ASP A 1 26  ? -6.939  23.433  7.651   1.00 75.73 ? 31  ASP A OD1 1 
ATOM   207  O OD2 . ASP A 1 26  ? -8.084  22.387  9.218   1.00 73.71 ? 31  ASP A OD2 1 
ATOM   208  N N   . VAL A 1 27  ? -3.381  23.158  11.118  1.00 66.71 ? 32  VAL A N   1 
ATOM   209  C CA  . VAL A 1 27  ? -2.391  23.564  12.099  1.00 65.61 ? 32  VAL A CA  1 
ATOM   210  C C   . VAL A 1 27  ? -1.055  23.769  11.419  1.00 65.59 ? 32  VAL A C   1 
ATOM   211  O O   . VAL A 1 27  ? -0.665  23.002  10.535  1.00 66.79 ? 32  VAL A O   1 
ATOM   212  C CB  . VAL A 1 27  ? -2.203  22.486  13.159  1.00 57.57 ? 32  VAL A CB  1 
ATOM   213  C CG1 . VAL A 1 27  ? -3.357  22.489  14.138  1.00 52.53 ? 32  VAL A CG1 1 
ATOM   214  C CG2 . VAL A 1 27  ? -2.105  21.146  12.477  1.00 67.55 ? 32  VAL A CG2 1 
ATOM   215  N N   . MET A 1 28  ? -0.356  24.811  11.837  1.00 61.15 ? 33  MET A N   1 
ATOM   216  C CA  . MET A 1 28  ? 0.966   25.093  11.319  1.00 66.43 ? 33  MET A CA  1 
ATOM   217  C C   . MET A 1 28  ? 1.974   24.527  12.300  1.00 66.38 ? 33  MET A C   1 
ATOM   218  O O   . MET A 1 28  ? 1.925   24.846  13.480  1.00 68.46 ? 33  MET A O   1 
ATOM   219  C CB  . MET A 1 28  ? 1.134   26.599  11.171  1.00 71.55 ? 33  MET A CB  1 
ATOM   220  C CG  . MET A 1 28  ? -0.127  27.275  10.646  1.00 73.22 ? 33  MET A CG  1 
ATOM   221  S SD  . MET A 1 28  ? -0.448  26.977  8.891   1.00 68.71 ? 33  MET A SD  1 
ATOM   222  C CE  . MET A 1 28  ? 0.539   28.281  8.158   1.00 75.30 ? 33  MET A CE  1 
ATOM   223  N N   . PHE A 1 29  ? 2.883   23.684  11.823  1.00 67.17 ? 34  PHE A N   1 
ATOM   224  C CA  . PHE A 1 29  ? 3.705   22.903  12.742  1.00 58.92 ? 34  PHE A CA  1 
ATOM   225  C C   . PHE A 1 29  ? 5.171   23.301  12.847  1.00 56.53 ? 34  PHE A C   1 
ATOM   226  O O   . PHE A 1 29  ? 5.711   23.335  13.935  1.00 62.72 ? 34  PHE A O   1 
ATOM   227  C CB  . PHE A 1 29  ? 3.591   21.410  12.436  1.00 60.51 ? 34  PHE A CB  1 
ATOM   228  C CG  . PHE A 1 29  ? 2.388   20.752  13.043  1.00 50.94 ? 34  PHE A CG  1 
ATOM   229  C CD1 . PHE A 1 29  ? 2.245   20.681  14.416  1.00 51.53 ? 34  PHE A CD1 1 
ATOM   230  C CD2 . PHE A 1 29  ? 1.422   20.177  12.243  1.00 52.76 ? 34  PHE A CD2 1 
ATOM   231  C CE1 . PHE A 1 29  ? 1.155   20.071  14.981  1.00 49.75 ? 34  PHE A CE1 1 
ATOM   232  C CE2 . PHE A 1 29  ? 0.328   19.557  12.796  1.00 56.70 ? 34  PHE A CE2 1 
ATOM   233  C CZ  . PHE A 1 29  ? 0.189   19.504  14.174  1.00 57.41 ? 34  PHE A CZ  1 
ATOM   234  N N   . GLU A 1 30  ? 5.834   23.566  11.733  1.00 58.07 ? 35  GLU A N   1 
ATOM   235  C CA  . GLU A 1 30  ? 7.242   23.955  11.805  1.00 62.22 ? 35  GLU A CA  1 
ATOM   236  C C   . GLU A 1 30  ? 8.189   22.786  12.121  1.00 63.65 ? 35  GLU A C   1 
ATOM   237  O O   . GLU A 1 30  ? 9.416   22.931  12.072  1.00 62.69 ? 35  GLU A O   1 
ATOM   238  C CB  . GLU A 1 30  ? 7.426   25.069  12.845  1.00 69.08 ? 35  GLU A CB  1 
ATOM   239  C CG  . GLU A 1 30  ? 8.859   25.559  13.028  1.00 68.34 ? 35  GLU A CG  1 
ATOM   240  C CD  . GLU A 1 30  ? 8.975   26.569  14.153  1.00 70.42 ? 35  GLU A CD  1 
ATOM   241  O OE1 . GLU A 1 30  ? 8.882   26.156  15.330  1.00 69.40 ? 35  GLU A OE1 1 
ATOM   242  O OE2 . GLU A 1 30  ? 9.158   27.771  13.862  1.00 69.15 ? 35  GLU A OE2 1 
ATOM   243  N N   . HIS A 1 31  ? 7.618   21.632  12.456  1.00 60.64 ? 36  HIS A N   1 
ATOM   244  C CA  . HIS A 1 31  ? 8.414   20.427  12.697  1.00 57.70 ? 36  HIS A CA  1 
ATOM   245  C C   . HIS A 1 31  ? 7.607   19.156  12.477  1.00 55.17 ? 36  HIS A C   1 
ATOM   246  O O   . HIS A 1 31  ? 6.612   18.906  13.160  1.00 51.61 ? 36  HIS A O   1 
ATOM   247  C CB  . HIS A 1 31  ? 8.992   20.418  14.108  1.00 55.06 ? 36  HIS A CB  1 
ATOM   248  C CG  . HIS A 1 31  ? 10.241  21.227  14.255  1.00 60.94 ? 36  HIS A CG  1 
ATOM   249  N ND1 . HIS A 1 31  ? 10.231  22.556  14.620  1.00 64.18 ? 36  HIS A ND1 1 
ATOM   250  C CD2 . HIS A 1 31  ? 11.542  20.893  14.087  1.00 60.04 ? 36  HIS A CD2 1 
ATOM   251  C CE1 . HIS A 1 31  ? 11.474  23.003  14.677  1.00 65.27 ? 36  HIS A CE1 1 
ATOM   252  N NE2 . HIS A 1 31  ? 12.289  22.013  14.360  1.00 56.00 ? 36  HIS A NE2 1 
ATOM   253  N N   . PHE A 1 32  ? 8.039   18.357  11.509  1.00 50.22 ? 37  PHE A N   1 
ATOM   254  C CA  . PHE A 1 32  ? 7.424   17.057  11.287  1.00 47.15 ? 37  PHE A CA  1 
ATOM   255  C C   . PHE A 1 32  ? 8.406   15.933  11.570  1.00 41.48 ? 37  PHE A C   1 
ATOM   256  O O   . PHE A 1 32  ? 9.581   15.996  11.208  1.00 42.03 ? 37  PHE A O   1 
ATOM   257  C CB  . PHE A 1 32  ? 6.882   16.943  9.863   1.00 46.46 ? 37  PHE A CB  1 
ATOM   258  C CG  . PHE A 1 32  ? 5.794   17.916  9.561   1.00 45.91 ? 37  PHE A CG  1 
ATOM   259  C CD1 . PHE A 1 32  ? 4.476   17.600  9.824   1.00 50.44 ? 37  PHE A CD1 1 
ATOM   260  C CD2 . PHE A 1 32  ? 6.089   19.160  9.025   1.00 51.13 ? 37  PHE A CD2 1 
ATOM   261  C CE1 . PHE A 1 32  ? 3.461   18.511  9.553   1.00 52.25 ? 37  PHE A CE1 1 
ATOM   262  C CE2 . PHE A 1 32  ? 5.088   20.070  8.747   1.00 51.05 ? 37  PHE A CE2 1 
ATOM   263  C CZ  . PHE A 1 32  ? 3.769   19.746  9.014   1.00 51.19 ? 37  PHE A CZ  1 
ATOM   264  N N   . LEU A 1 33  ? 7.914   14.910  12.249  1.00 41.79 ? 38  LEU A N   1 
ATOM   265  C CA  . LEU A 1 33  ? 8.685   13.712  12.469  1.00 34.74 ? 38  LEU A CA  1 
ATOM   266  C C   . LEU A 1 33  ? 8.006   12.566  11.758  1.00 34.32 ? 38  LEU A C   1 
ATOM   267  O O   . LEU A 1 33  ? 6.864   12.236  12.050  1.00 35.83 ? 38  LEU A O   1 
ATOM   268  C CB  . LEU A 1 33  ? 8.804   13.412  13.952  1.00 37.76 ? 38  LEU A CB  1 
ATOM   269  C CG  . LEU A 1 33  ? 9.653   14.367  14.787  1.00 37.60 ? 38  LEU A CG  1 
ATOM   270  C CD1 . LEU A 1 33  ? 9.613   13.912  16.227  1.00 43.51 ? 38  LEU A CD1 1 
ATOM   271  C CD2 . LEU A 1 33  ? 11.089  14.428  14.297  1.00 37.86 ? 38  LEU A CD2 1 
ATOM   272  N N   . LEU A 1 34  ? 8.715   11.993  10.796  1.00 33.46 ? 39  LEU A N   1 
ATOM   273  C CA  . LEU A 1 34  ? 8.239   10.833  10.066  1.00 35.32 ? 39  LEU A CA  1 
ATOM   274  C C   . LEU A 1 34  ? 8.731   9.564   10.749  1.00 32.56 ? 39  LEU A C   1 
ATOM   275  O O   . LEU A 1 34  ? 9.925   9.308   10.815  1.00 30.05 ? 39  LEU A O   1 
ATOM   276  C CB  . LEU A 1 34  ? 8.738   10.875  8.626   1.00 33.64 ? 39  LEU A CB  1 
ATOM   277  C CG  . LEU A 1 34  ? 8.249   9.751   7.730   1.00 31.62 ? 39  LEU A CG  1 
ATOM   278  C CD1 . LEU A 1 34  ? 6.757   9.864   7.558   1.00 32.74 ? 39  LEU A CD1 1 
ATOM   279  C CD2 . LEU A 1 34  ? 8.955   9.807   6.390   1.00 31.88 ? 39  LEU A CD2 1 
ATOM   280  N N   . HIS A 1 35  ? 7.800   8.778   11.268  1.00 31.53 ? 40  HIS A N   1 
ATOM   281  C CA  . HIS A 1 35  ? 8.161   7.570   11.991  1.00 35.79 ? 40  HIS A CA  1 
ATOM   282  C C   . HIS A 1 35  ? 7.748   6.294   11.245  1.00 37.47 ? 40  HIS A C   1 
ATOM   283  O O   . HIS A 1 35  ? 6.569   6.099   10.927  1.00 34.38 ? 40  HIS A O   1 
ATOM   284  C CB  . HIS A 1 35  ? 7.546   7.592   13.392  1.00 34.52 ? 40  HIS A CB  1 
ATOM   285  C CG  . HIS A 1 35  ? 7.966   6.442   14.253  1.00 36.66 ? 40  HIS A CG  1 
ATOM   286  N ND1 . HIS A 1 35  ? 9.235   6.331   14.779  1.00 36.63 ? 40  HIS A ND1 1 
ATOM   287  C CD2 . HIS A 1 35  ? 7.286   5.352   14.678  1.00 35.03 ? 40  HIS A CD2 1 
ATOM   288  C CE1 . HIS A 1 35  ? 9.320   5.223   15.490  1.00 40.18 ? 40  HIS A CE1 1 
ATOM   289  N NE2 . HIS A 1 35  ? 8.150   4.612   15.447  1.00 41.83 ? 40  HIS A NE2 1 
ATOM   290  N N   . ARG A 1 36  ? 8.729   5.441   10.953  1.00 34.89 ? 41  ARG A N   1 
ATOM   291  C CA  . ARG A 1 36  ? 8.454   4.102   10.453  1.00 34.98 ? 41  ARG A CA  1 
ATOM   292  C C   . ARG A 1 36  ? 8.530   3.105   11.603  1.00 39.23 ? 41  ARG A C   1 
ATOM   293  O O   . ARG A 1 36  ? 9.544   3.043   12.291  1.00 39.09 ? 41  ARG A O   1 
ATOM   294  C CB  . ARG A 1 36  ? 9.459   3.698   9.384   1.00 36.05 ? 41  ARG A CB  1 
ATOM   295  C CG  . ARG A 1 36  ? 9.339   2.217   9.014   1.00 38.96 ? 41  ARG A CG  1 
ATOM   296  C CD  . ARG A 1 36  ? 10.400  1.774   8.039   1.00 33.37 ? 41  ARG A CD  1 
ATOM   297  N NE  . ARG A 1 36  ? 11.729  1.718   8.647   1.00 35.29 ? 41  ARG A NE  1 
ATOM   298  C CZ  . ARG A 1 36  ? 12.738  2.519   8.312   1.00 33.55 ? 41  ARG A CZ  1 
ATOM   299  N NH1 . ARG A 1 36  ? 12.565  3.452   7.381   1.00 34.34 ? 41  ARG A NH1 1 
ATOM   300  N NH2 . ARG A 1 36  ? 13.914  2.386   8.901   1.00 32.15 ? 41  ARG A NH2 1 
ATOM   301  N N   . GLU A 1 37  ? 7.470   2.324   11.802  1.00 41.14 ? 42  GLU A N   1 
ATOM   302  C CA  . GLU A 1 37  ? 7.427   1.355   12.900  1.00 39.67 ? 42  GLU A CA  1 
ATOM   303  C C   . GLU A 1 37  ? 7.967   -0.025  12.540  1.00 41.05 ? 42  GLU A C   1 
ATOM   304  O O   . GLU A 1 37  ? 8.080   -0.397  11.371  1.00 35.74 ? 42  GLU A O   1 
ATOM   305  C CB  . GLU A 1 37  ? 5.998   1.169   13.407  1.00 41.80 ? 42  GLU A CB  1 
ATOM   306  C CG  . GLU A 1 37  ? 5.138   2.429   13.417  1.00 49.03 ? 42  GLU A CG  1 
ATOM   307  C CD  . GLU A 1 37  ? 3.652   2.104   13.445  1.00 51.33 ? 42  GLU A CD  1 
ATOM   308  O OE1 . GLU A 1 37  ? 3.302   0.926   13.194  1.00 49.75 ? 42  GLU A OE1 1 
ATOM   309  O OE2 . GLU A 1 37  ? 2.838   3.018   13.712  1.00 51.80 ? 42  GLU A OE2 1 
ATOM   310  N N   . GLY A 1 38  ? 8.269   -0.791  13.583  1.00 48.00 ? 43  GLY A N   1 
ATOM   311  C CA  . GLY A 1 38  ? 8.606   -2.196  13.447  1.00 45.28 ? 43  GLY A CA  1 
ATOM   312  C C   . GLY A 1 38  ? 10.060  -2.485  13.755  1.00 49.18 ? 43  GLY A C   1 
ATOM   313  O O   . GLY A 1 38  ? 10.706  -1.760  14.521  1.00 53.56 ? 43  GLY A O   1 
ATOM   314  N N   . LYS A 1 39  ? 10.568  -3.563  13.166  1.00 51.61 ? 44  LYS A N   1 
ATOM   315  C CA  . LYS A 1 39  ? 12.002  -3.814  13.131  1.00 60.18 ? 44  LYS A CA  1 
ATOM   316  C C   . LYS A 1 39  ? 12.659  -2.764  12.244  1.00 58.76 ? 44  LYS A C   1 
ATOM   317  O O   . LYS A 1 39  ? 12.056  -2.258  11.281  1.00 56.16 ? 44  LYS A O   1 
ATOM   318  C CB  . LYS A 1 39  ? 12.320  -5.220  12.610  1.00 62.83 ? 44  LYS A CB  1 
ATOM   319  C CG  . LYS A 1 39  ? 11.758  -6.327  13.481  1.00 64.43 ? 44  LYS A CG  1 
ATOM   320  C CD  . LYS A 1 39  ? 12.173  -7.689  12.948  1.00 76.59 ? 44  LYS A CD  1 
ATOM   321  C CE  . LYS A 1 39  ? 13.661  -7.963  13.161  1.00 80.74 ? 44  LYS A CE  1 
ATOM   322  N NZ  . LYS A 1 39  ? 14.006  -8.127  14.610  1.00 69.87 ? 44  LYS A NZ  1 
ATOM   323  N N   . PHE A 1 40  ? 13.913  -2.469  12.560  1.00 55.77 ? 45  PHE A N   1 
ATOM   324  C CA  . PHE A 1 40  ? 14.552  -1.261  12.066  1.00 53.06 ? 45  PHE A CA  1 
ATOM   325  C C   . PHE A 1 40  ? 13.540  -0.132  11.869  1.00 43.39 ? 45  PHE A C   1 
ATOM   326  O O   . PHE A 1 40  ? 13.401  0.419   10.787  1.00 42.03 ? 45  PHE A O   1 
ATOM   327  C CB  . PHE A 1 40  ? 15.352  -1.500  10.785  1.00 47.53 ? 45  PHE A CB  1 
ATOM   328  C CG  . PHE A 1 40  ? 16.262  -0.359  10.445  1.00 49.44 ? 45  PHE A CG  1 
ATOM   329  C CD1 . PHE A 1 40  ? 16.990  0.284   11.438  1.00 48.61 ? 45  PHE A CD1 1 
ATOM   330  C CD2 . PHE A 1 40  ? 16.374  0.088   9.150   1.00 46.86 ? 45  PHE A CD2 1 
ATOM   331  C CE1 . PHE A 1 40  ? 17.813  1.335   11.133  1.00 46.13 ? 45  PHE A CE1 1 
ATOM   332  C CE2 . PHE A 1 40  ? 17.202  1.139   8.839   1.00 50.31 ? 45  PHE A CE2 1 
ATOM   333  C CZ  . PHE A 1 40  ? 17.921  1.766   9.828   1.00 48.48 ? 45  PHE A CZ  1 
ATOM   334  N N   . ASN A 1 41  ? 12.836  0.225   12.928  1.00 44.28 ? 46  ASN A N   1 
ATOM   335  C CA  . ASN A 1 41  ? 12.042  1.431   12.861  1.00 45.80 ? 46  ASN A CA  1 
ATOM   336  C C   . ASN A 1 41  ? 12.998  2.620   12.772  1.00 43.56 ? 46  ASN A C   1 
ATOM   337  O O   . ASN A 1 41  ? 14.209  2.476   12.944  1.00 41.57 ? 46  ASN A O   1 
ATOM   338  C CB  . ASN A 1 41  ? 11.080  1.541   14.052  1.00 48.07 ? 46  ASN A CB  1 
ATOM   339  C CG  . ASN A 1 41  ? 11.778  1.912   15.336  1.00 49.14 ? 46  ASN A CG  1 
ATOM   340  O OD1 . ASN A 1 41  ? 13.000  1.939   15.399  1.00 52.41 ? 46  ASN A OD1 1 
ATOM   341  N ND2 . ASN A 1 41  ? 11.001  2.198   16.375  1.00 52.40 ? 46  ASN A ND2 1 
ATOM   342  N N   . ASN A 1 42  ? 12.461  3.795   12.485  1.00 39.99 ? 47  ASN A N   1 
ATOM   343  C CA  . ASN A 1 42  ? 13.299  4.960   12.317  1.00 33.40 ? 47  ASN A CA  1 
ATOM   344  C C   . ASN A 1 42  ? 12.441  6.200   12.368  1.00 36.42 ? 47  ASN A C   1 
ATOM   345  O O   . ASN A 1 42  ? 11.269  6.176   11.999  1.00 36.63 ? 47  ASN A O   1 
ATOM   346  C CB  . ASN A 1 42  ? 14.036  4.877   10.982  1.00 34.45 ? 47  ASN A CB  1 
ATOM   347  C CG  . ASN A 1 42  ? 15.217  5.834   10.896  1.00 35.91 ? 47  ASN A CG  1 
ATOM   348  O OD1 . ASN A 1 42  ? 15.852  6.149   11.897  1.00 37.23 ? 47  ASN A OD1 1 
ATOM   349  N ND2 . ASN A 1 42  ? 15.516  6.289   9.688   1.00 29.67 ? 47  ASN A ND2 1 
ATOM   350  N N   . THR A 1 43  ? 13.025  7.289   12.843  1.00 39.45 ? 48  THR A N   1 
ATOM   351  C CA  . THR A 1 43  ? 12.318  8.552   12.875  1.00 35.43 ? 48  THR A CA  1 
ATOM   352  C C   . THR A 1 43  ? 13.141  9.565   12.114  1.00 34.15 ? 48  THR A C   1 
ATOM   353  O O   . THR A 1 43  ? 14.328  9.720   12.366  1.00 38.16 ? 48  THR A O   1 
ATOM   354  C CB  . THR A 1 43  ? 12.101  9.047   14.306  1.00 35.34 ? 48  THR A CB  1 
ATOM   355  O OG1 . THR A 1 43  ? 11.528  8.000   15.095  1.00 37.25 ? 48  THR A OG1 1 
ATOM   356  C CG2 . THR A 1 43  ? 11.167  10.251  14.311  1.00 37.25 ? 48  THR A CG2 1 
ATOM   357  N N   . LEU A 1 44  ? 12.498  10.239  11.174  1.00 32.62 ? 49  LEU A N   1 
ATOM   358  C CA  . LEU A 1 44  ? 13.153  11.241  10.359  1.00 37.30 ? 49  LEU A CA  1 
ATOM   359  C C   . LEU A 1 44  ? 12.564  12.613  10.659  1.00 36.58 ? 49  LEU A C   1 
ATOM   360  O O   . LEU A 1 44  ? 11.382  12.730  10.948  1.00 33.67 ? 49  LEU A O   1 
ATOM   361  C CB  . LEU A 1 44  ? 12.987  10.897  8.876   1.00 34.32 ? 49  LEU A CB  1 
ATOM   362  C CG  . LEU A 1 44  ? 13.627  9.566   8.452   1.00 34.66 ? 49  LEU A CG  1 
ATOM   363  C CD1 . LEU A 1 44  ? 13.070  9.063   7.132   1.00 36.27 ? 49  LEU A CD1 1 
ATOM   364  C CD2 . LEU A 1 44  ? 15.135  9.701   8.380   1.00 33.66 ? 49  LEU A CD2 1 
ATOM   365  N N   . HIS A 1 45  ? 13.396  13.645  10.572  1.00 38.91 ? 50  HIS A N   1 
ATOM   366  C CA  . HIS A 1 45  ? 12.982  15.003  10.909  1.00 38.98 ? 50  HIS A CA  1 
ATOM   367  C C   . HIS A 1 45  ? 13.093  15.969  9.730   1.00 41.08 ? 50  HIS A C   1 
ATOM   368  O O   . HIS A 1 45  ? 14.040  15.923  8.955   1.00 38.93 ? 50  HIS A O   1 
ATOM   369  C CB  . HIS A 1 45  ? 13.803  15.514  12.095  1.00 41.00 ? 50  HIS A CB  1 
ATOM   370  C CG  . HIS A 1 45  ? 13.909  17.003  12.159  1.00 47.02 ? 50  HIS A CG  1 
ATOM   371  N ND1 . HIS A 1 45  ? 12.840  17.811  12.478  1.00 46.82 ? 50  HIS A ND1 1 
ATOM   372  C CD2 . HIS A 1 45  ? 14.957  17.832  11.936  1.00 41.53 ? 50  HIS A CD2 1 
ATOM   373  C CE1 . HIS A 1 45  ? 13.224  19.073  12.451  1.00 51.26 ? 50  HIS A CE1 1 
ATOM   374  N NE2 . HIS A 1 45  ? 14.504  19.112  12.128  1.00 51.01 ? 50  HIS A NE2 1 
ATOM   375  N N   . LEU A 1 46  ? 12.107  16.850  9.614   1.00 45.99 ? 51  LEU A N   1 
ATOM   376  C CA  . LEU A 1 46  ? 12.061  17.842  8.550   1.00 42.82 ? 51  LEU A CA  1 
ATOM   377  C C   . LEU A 1 46  ? 11.398  19.109  9.075   1.00 49.55 ? 51  LEU A C   1 
ATOM   378  O O   . LEU A 1 46  ? 10.370  19.052  9.754   1.00 48.69 ? 51  LEU A O   1 
ATOM   379  C CB  . LEU A 1 46  ? 11.255  17.312  7.370   1.00 43.03 ? 51  LEU A CB  1 
ATOM   380  C CG  . LEU A 1 46  ? 11.880  17.429  5.983   1.00 40.60 ? 51  LEU A CG  1 
ATOM   381  C CD1 . LEU A 1 46  ? 13.372  17.104  6.023   1.00 34.68 ? 51  LEU A CD1 1 
ATOM   382  C CD2 . LEU A 1 46  ? 11.150  16.493  5.048   1.00 34.41 ? 51  LEU A CD2 1 
ATOM   383  N N   . ILE A 1 47  ? 11.991  20.252  8.745   1.00 52.84 ? 52  ILE A N   1 
ATOM   384  C CA  . ILE A 1 47  ? 11.575  21.532  9.294   1.00 56.65 ? 52  ILE A CA  1 
ATOM   385  C C   . ILE A 1 47  ? 10.531  22.190  8.409   1.00 59.04 ? 52  ILE A C   1 
ATOM   386  O O   . ILE A 1 47  ? 10.623  23.383  8.103   1.00 66.76 ? 52  ILE A O   1 
ATOM   387  C CB  . ILE A 1 47  ? 12.783  22.475  9.408   1.00 60.46 ? 52  ILE A CB  1 
ATOM   388  C CG1 . ILE A 1 47  ? 14.030  21.674  9.791   1.00 59.58 ? 52  ILE A CG1 1 
ATOM   389  C CG2 . ILE A 1 47  ? 12.504  23.582  10.411  1.00 60.43 ? 52  ILE A CG2 1 
ATOM   390  C CD1 . ILE A 1 47  ? 15.331  22.434  9.614   1.00 62.70 ? 52  ILE A CD1 1 
ATOM   391  N N   . GLY A 1 48  ? 9.538   21.409  8.006   1.00 53.07 ? 53  GLY A N   1 
ATOM   392  C CA  . GLY A 1 48  ? 8.548   21.858  7.042   1.00 60.01 ? 53  GLY A CA  1 
ATOM   393  C C   . GLY A 1 48  ? 8.031   23.267  7.274   1.00 69.74 ? 53  GLY A C   1 
ATOM   394  O O   . GLY A 1 48  ? 7.701   23.631  8.401   1.00 69.08 ? 53  GLY A O   1 
ATOM   395  N N   . GLU A 1 49  ? 7.969   24.068  6.211   1.00 69.64 ? 54  GLU A N   1 
ATOM   396  C CA  . GLU A 1 49  ? 7.264   25.340  6.297   1.00 73.68 ? 54  GLU A CA  1 
ATOM   397  C C   . GLU A 1 49  ? 5.926   25.343  5.570   1.00 69.14 ? 54  GLU A C   1 
ATOM   398  O O   . GLU A 1 49  ? 5.797   24.938  4.418   1.00 63.88 ? 54  GLU A O   1 
ATOM   399  C CB  . GLU A 1 49  ? 8.119   26.543  5.867   1.00 72.04 ? 54  GLU A CB  1 
ATOM   400  C CG  . GLU A 1 49  ? 7.617   27.890  6.422   1.00 73.07 ? 54  GLU A CG  1 
ATOM   401  C CD  . GLU A 1 49  ? 8.001   28.132  7.888   1.00 83.14 ? 54  GLU A CD  1 
ATOM   402  O OE1 . GLU A 1 49  ? 9.212   28.278  8.180   1.00 82.39 ? 54  GLU A OE1 1 
ATOM   403  O OE2 . GLU A 1 49  ? 7.090   28.196  8.748   1.00 80.17 ? 54  GLU A OE2 1 
ATOM   404  N N   . HIS A 1 50  ? 4.930   25.804  6.305   1.00 75.62 ? 55  HIS A N   1 
ATOM   405  C CA  . HIS A 1 50  ? 3.616   26.118  5.797   1.00 72.24 ? 55  HIS A CA  1 
ATOM   406  C C   . HIS A 1 50  ? 3.642   27.428  5.031   1.00 76.69 ? 55  HIS A C   1 
ATOM   407  O O   . HIS A 1 50  ? 4.329   28.369  5.422   1.00 76.79 ? 55  HIS A O   1 
ATOM   408  C CB  . HIS A 1 50  ? 2.717   26.319  7.001   1.00 76.01 ? 55  HIS A CB  1 
ATOM   409  C CG  . HIS A 1 50  ? 3.454   26.787  8.217   1.00 77.86 ? 55  HIS A CG  1 
ATOM   410  N ND1 . HIS A 1 50  ? 3.651   28.122  8.500   1.00 74.34 ? 55  HIS A ND1 1 
ATOM   411  C CD2 . HIS A 1 50  ? 4.061   26.096  9.211   1.00 72.47 ? 55  HIS A CD2 1 
ATOM   412  C CE1 . HIS A 1 50  ? 4.338   28.232  9.625   1.00 78.39 ? 55  HIS A CE1 1 
ATOM   413  N NE2 . HIS A 1 50  ? 4.599   27.017  10.075  1.00 74.76 ? 55  HIS A NE2 1 
ATOM   414  N N   . HIS A 1 51  ? 2.887   27.485  3.943   1.00 75.74 ? 56  HIS A N   1 
ATOM   415  C CA  . HIS A 1 51  ? 2.569   28.754  3.323   1.00 74.72 ? 56  HIS A CA  1 
ATOM   416  C C   . HIS A 1 51  ? 1.070   28.800  3.072   1.00 73.66 ? 56  HIS A C   1 
ATOM   417  O O   . HIS A 1 51  ? 0.450   27.830  2.638   1.00 62.09 ? 56  HIS A O   1 
ATOM   418  C CB  . HIS A 1 51  ? 3.470   29.056  2.131   1.00 77.78 ? 56  HIS A CB  1 
ATOM   419  C CG  . HIS A 1 51  ? 4.913   29.172  2.515   1.00 78.16 ? 56  HIS A CG  1 
ATOM   420  N ND1 . HIS A 1 51  ? 5.933   28.587  1.795   1.00 83.31 ? 56  HIS A ND1 1 
ATOM   421  C CD2 . HIS A 1 51  ? 5.500   29.765  3.583   1.00 80.95 ? 56  HIS A CD2 1 
ATOM   422  C CE1 . HIS A 1 51  ? 7.088   28.836  2.390   1.00 87.23 ? 56  HIS A CE1 1 
ATOM   423  N NE2 . HIS A 1 51  ? 6.853   29.548  3.479   1.00 88.15 ? 56  HIS A NE2 1 
ATOM   424  N N   . ASP A 1 52  ? 0.514   29.964  3.358   1.00 73.07 ? 57  ASP A N   1 
ATOM   425  C CA  . ASP A 1 52  ? -0.644  30.037  4.243   1.00 73.05 ? 57  ASP A CA  1 
ATOM   426  C C   . ASP A 1 52  ? -1.988  29.367  3.945   1.00 73.30 ? 57  ASP A C   1 
ATOM   427  O O   . ASP A 1 52  ? -2.434  29.239  2.802   1.00 68.53 ? 57  ASP A O   1 
ATOM   428  C CB  . ASP A 1 52  ? -0.790  31.449  4.810   1.00 83.37 ? 57  ASP A CB  1 
ATOM   429  C CG  . ASP A 1 52  ? 0.348   31.790  5.754   1.00 84.79 ? 57  ASP A CG  1 
ATOM   430  O OD1 . ASP A 1 52  ? 0.962   30.823  6.277   1.00 77.34 ? 57  ASP A OD1 1 
ATOM   431  O OD2 . ASP A 1 52  ? 0.641   32.993  5.964   1.00 69.64 ? 57  ASP A OD2 1 
ATOM   432  N N   . GLY A 1 53  ? -2.611  28.960  5.047   1.00 68.65 ? 58  GLY A N   1 
ATOM   433  C CA  . GLY A 1 53  ? -3.761  28.087  5.056   1.00 67.06 ? 58  GLY A CA  1 
ATOM   434  C C   . GLY A 1 53  ? -3.287  26.735  5.553   1.00 76.11 ? 58  GLY A C   1 
ATOM   435  O O   . GLY A 1 53  ? -4.002  26.050  6.289   1.00 71.14 ? 58  GLY A O   1 
ATOM   436  N N   . VAL A 1 54  ? -2.059  26.375  5.168   1.00 73.83 ? 59  VAL A N   1 
ATOM   437  C CA  . VAL A 1 54  ? -1.562  24.998  5.277   1.00 67.66 ? 59  VAL A CA  1 
ATOM   438  C C   . VAL A 1 54  ? -0.073  24.898  5.648   1.00 68.20 ? 59  VAL A C   1 
ATOM   439  O O   . VAL A 1 54  ? 0.718   25.772  5.299   1.00 67.14 ? 59  VAL A O   1 
ATOM   440  C CB  . VAL A 1 54  ? -1.788  24.231  3.955   1.00 69.66 ? 59  VAL A CB  1 
ATOM   441  C CG1 . VAL A 1 54  ? -1.620  22.735  4.155   1.00 64.57 ? 59  VAL A CG1 1 
ATOM   442  C CG2 . VAL A 1 54  ? -3.168  24.537  3.366   1.00 68.04 ? 59  VAL A CG2 1 
ATOM   443  N N   . SER A 1 55  ? 0.291   23.821  6.353   1.00 70.78 ? 60  SER A N   1 
ATOM   444  C CA  . SER A 1 55  ? 1.689   23.510  6.695   1.00 68.17 ? 60  SER A CA  1 
ATOM   445  C C   . SER A 1 55  ? 2.089   22.155  6.120   1.00 64.42 ? 60  SER A C   1 
ATOM   446  O O   . SER A 1 55  ? 1.286   21.221  6.119   1.00 58.39 ? 60  SER A O   1 
ATOM   447  C CB  . SER A 1 55  ? 1.910   23.509  8.213   1.00 67.25 ? 60  SER A CB  1 
ATOM   448  O OG  . SER A 1 55  ? 3.287   23.379  8.531   1.00 64.47 ? 60  SER A OG  1 
ATOM   449  N N   . LYS A 1 56  ? 3.332   22.039  5.656   1.00 59.28 ? 61  LYS A N   1 
ATOM   450  C CA  . LYS A 1 56  ? 3.727   20.874  4.873   1.00 48.78 ? 61  LYS A CA  1 
ATOM   451  C C   . LYS A 1 56  ? 5.193   20.509  5.030   1.00 51.99 ? 61  LYS A C   1 
ATOM   452  O O   . LYS A 1 56  ? 6.049   21.382  5.136   1.00 51.39 ? 61  LYS A O   1 
ATOM   453  C CB  . LYS A 1 56  ? 3.469   21.155  3.397   1.00 50.62 ? 61  LYS A CB  1 
ATOM   454  C CG  . LYS A 1 56  ? 2.988   19.970  2.582   1.00 52.91 ? 61  LYS A CG  1 
ATOM   455  C CD  . LYS A 1 56  ? 2.981   20.311  1.091   1.00 52.95 ? 61  LYS A CD  1 
ATOM   456  C CE  . LYS A 1 56  ? 2.450   21.721  0.836   1.00 56.90 ? 61  LYS A CE  1 
ATOM   457  N NZ  . LYS A 1 56  ? 3.005   22.341  -0.414  1.00 57.26 ? 61  LYS A NZ  1 
ATOM   458  N N   . ALA A 1 57  ? 5.470   19.205  5.034   1.00 51.11 ? 62  ALA A N   1 
ATOM   459  C CA  . ALA A 1 57  ? 6.823   18.693  4.819   1.00 44.54 ? 62  ALA A CA  1 
ATOM   460  C C   . ALA A 1 57  ? 6.782   17.524  3.833   1.00 43.89 ? 62  ALA A C   1 
ATOM   461  O O   . ALA A 1 57  ? 5.872   16.698  3.894   1.00 47.56 ? 62  ALA A O   1 
ATOM   462  C CB  . ALA A 1 57  ? 7.470   18.291  6.120   1.00 42.63 ? 62  ALA A CB  1 
ATOM   463  N N   . ASN A 1 58  ? 7.758   17.470  2.926   1.00 40.46 ? 63  ASN A N   1 
ATOM   464  C CA  . ASN A 1 58  ? 7.877   16.381  1.956   1.00 37.78 ? 63  ASN A CA  1 
ATOM   465  C C   . ASN A 1 58  ? 9.098   15.515  2.247   1.00 36.95 ? 63  ASN A C   1 
ATOM   466  O O   . ASN A 1 58  ? 10.225  15.952  2.052   1.00 32.46 ? 63  ASN A O   1 
ATOM   467  C CB  . ASN A 1 58  ? 8.021   16.926  0.536   1.00 34.90 ? 63  ASN A CB  1 
ATOM   468  C CG  . ASN A 1 58  ? 6.826   17.724  0.078   1.00 38.63 ? 63  ASN A CG  1 
ATOM   469  O OD1 . ASN A 1 58  ? 5.676   17.348  0.300   1.00 39.33 ? 63  ASN A OD1 1 
ATOM   470  N ND2 . ASN A 1 58  ? 7.100   18.840  -0.590  1.00 43.52 ? 63  ASN A ND2 1 
ATOM   471  N N   . PHE A 1 59  ? 8.880   14.290  2.711   1.00 37.66 ? 64  PHE A N   1 
ATOM   472  C CA  . PHE A 1 59  ? 9.997   13.400  2.991   1.00 34.74 ? 64  PHE A CA  1 
ATOM   473  C C   . PHE A 1 59  ? 10.346  12.575  1.769   1.00 33.79 ? 64  PHE A C   1 
ATOM   474  O O   . PHE A 1 59  ? 9.473   12.004  1.118   1.00 36.20 ? 64  PHE A O   1 
ATOM   475  C CB  . PHE A 1 59  ? 9.688   12.477  4.162   1.00 35.05 ? 64  PHE A CB  1 
ATOM   476  C CG  . PHE A 1 59  ? 9.524   13.190  5.464   1.00 32.14 ? 64  PHE A CG  1 
ATOM   477  C CD1 . PHE A 1 59  ? 10.600  13.379  6.294   1.00 29.27 ? 64  PHE A CD1 1 
ATOM   478  C CD2 . PHE A 1 59  ? 8.288   13.675  5.852   1.00 35.09 ? 64  PHE A CD2 1 
ATOM   479  C CE1 . PHE A 1 59  ? 10.450  14.035  7.487   1.00 33.42 ? 64  PHE A CE1 1 
ATOM   480  C CE2 . PHE A 1 59  ? 8.136   14.327  7.039   1.00 33.21 ? 64  PHE A CE2 1 
ATOM   481  C CZ  . PHE A 1 59  ? 9.218   14.505  7.859   1.00 35.62 ? 64  PHE A CZ  1 
ATOM   482  N N   . SER A 1 60  ? 11.629  12.529  1.447   1.00 35.86 ? 65  SER A N   1 
ATOM   483  C CA  . SER A 1 60  ? 12.083  11.700  0.339   1.00 39.54 ? 65  SER A CA  1 
ATOM   484  C C   . SER A 1 60  ? 12.485  10.337  0.871   1.00 34.27 ? 65  SER A C   1 
ATOM   485  O O   . SER A 1 60  ? 13.240  10.247  1.832   1.00 32.24 ? 65  SER A O   1 
ATOM   486  C CB  . SER A 1 60  ? 13.259  12.353  -0.387  1.00 39.79 ? 65  SER A CB  1 
ATOM   487  O OG  . SER A 1 60  ? 13.656  11.571  -1.486  1.00 39.30 ? 65  SER A OG  1 
ATOM   488  N N   . ILE A 1 61  ? 11.968  9.283   0.247   1.00 36.92 ? 66  ILE A N   1 
ATOM   489  C CA  . ILE A 1 61  ? 12.268  7.922   0.661   1.00 36.88 ? 66  ILE A CA  1 
ATOM   490  C C   . ILE A 1 61  ? 12.754  7.100   -0.528  1.00 38.47 ? 66  ILE A C   1 
ATOM   491  O O   . ILE A 1 61  ? 12.084  7.008   -1.555  1.00 37.84 ? 66  ILE A O   1 
ATOM   492  C CB  . ILE A 1 61  ? 11.032  7.247   1.304   1.00 39.90 ? 66  ILE A CB  1 
ATOM   493  C CG1 . ILE A 1 61  ? 10.621  7.976   2.583   1.00 37.48 ? 66  ILE A CG1 1 
ATOM   494  C CG2 . ILE A 1 61  ? 11.314  5.796   1.641   1.00 37.21 ? 66  ILE A CG2 1 
ATOM   495  C CD1 . ILE A 1 61  ? 11.608  7.819   3.705   1.00 35.61 ? 66  ILE A CD1 1 
ATOM   496  N N   . GLY A 1 62  ? 13.930  6.507   -0.387  1.00 40.78 ? 67  GLY A N   1 
ATOM   497  C CA  . GLY A 1 62  ? 14.489  5.689   -1.444  1.00 40.66 ? 67  GLY A CA  1 
ATOM   498  C C   . GLY A 1 62  ? 15.904  6.092   -1.812  1.00 47.89 ? 67  GLY A C   1 
ATOM   499  O O   . GLY A 1 62  ? 16.471  6.998   -1.198  1.00 49.14 ? 67  GLY A O   1 
ATOM   500  N N   . PRO A 1 63  ? 16.486  5.424   -2.825  1.00 48.31 ? 68  PRO A N   1 
ATOM   501  C CA  . PRO A 1 63  ? 15.905  4.312   -3.583  1.00 44.19 ? 68  PRO A CA  1 
ATOM   502  C C   . PRO A 1 63  ? 15.356  3.181   -2.708  1.00 46.57 ? 68  PRO A C   1 
ATOM   503  O O   . PRO A 1 63  ? 15.984  2.741   -1.735  1.00 44.00 ? 68  PRO A O   1 
ATOM   504  C CB  . PRO A 1 63  ? 17.081  3.822   -4.418  1.00 46.28 ? 68  PRO A CB  1 
ATOM   505  C CG  . PRO A 1 63  ? 17.859  5.048   -4.665  1.00 41.76 ? 68  PRO A CG  1 
ATOM   506  C CD  . PRO A 1 63  ? 17.781  5.837   -3.391  1.00 43.58 ? 68  PRO A CD  1 
ATOM   507  N N   . MET A 1 64  ? 14.171  2.720   -3.093  1.00 38.49 ? 69  MET A N   1 
ATOM   508  C CA  . MET A 1 64  ? 13.379  1.832   -2.279  1.00 37.41 ? 69  MET A CA  1 
ATOM   509  C C   . MET A 1 64  ? 14.072  0.506   -2.007  1.00 39.07 ? 69  MET A C   1 
ATOM   510  O O   . MET A 1 64  ? 14.349  -0.264  -2.919  1.00 40.37 ? 69  MET A O   1 
ATOM   511  C CB  . MET A 1 64  ? 12.038  1.595   -2.952  1.00 35.25 ? 69  MET A CB  1 
ATOM   512  C CG  . MET A 1 64  ? 11.027  1.019   -2.025  1.00 37.96 ? 69  MET A CG  1 
ATOM   513  S SD  . MET A 1 64  ? 10.848  2.065   -0.571  1.00 37.28 ? 69  MET A SD  1 
ATOM   514  C CE  . MET A 1 64  ? 9.859   0.999   0.473   1.00 38.11 ? 69  MET A CE  1 
ATOM   515  N N   . MET A 1 65  ? 14.346  0.250   -0.736  1.00 38.81 ? 70  MET A N   1 
ATOM   516  C CA  . MET A 1 65  ? 14.918  -1.014  -0.313  1.00 37.27 ? 70  MET A CA  1 
ATOM   517  C C   . MET A 1 65  ? 14.030  -1.635  0.760   1.00 39.15 ? 70  MET A C   1 
ATOM   518  O O   . MET A 1 65  ? 13.282  -0.928  1.454   1.00 37.10 ? 70  MET A O   1 
ATOM   519  C CB  . MET A 1 65  ? 16.341  -0.816  0.214   1.00 39.56 ? 70  MET A CB  1 
ATOM   520  C CG  . MET A 1 65  ? 17.320  -0.239  -0.807  1.00 44.09 ? 70  MET A CG  1 
ATOM   521  S SD  . MET A 1 65  ? 17.867  -1.416  -2.069  1.00 46.12 ? 70  MET A SD  1 
ATOM   522  C CE  . MET A 1 65  ? 18.599  -0.320  -3.284  1.00 56.49 ? 70  MET A CE  1 
ATOM   523  N N   . PRO A 1 66  ? 14.104  -2.969  0.893   1.00 43.85 ? 71  PRO A N   1 
ATOM   524  C CA  . PRO A 1 66  ? 13.307  -3.754  1.847   1.00 41.36 ? 71  PRO A CA  1 
ATOM   525  C C   . PRO A 1 66  ? 13.312  -3.171  3.246   1.00 37.80 ? 71  PRO A C   1 
ATOM   526  O O   . PRO A 1 66  ? 12.459  -3.531  4.047   1.00 43.48 ? 71  PRO A O   1 
ATOM   527  C CB  . PRO A 1 66  ? 14.030  -5.109  1.873   1.00 35.36 ? 71  PRO A CB  1 
ATOM   528  C CG  . PRO A 1 66  ? 14.644  -5.230  0.528   1.00 34.80 ? 71  PRO A CG  1 
ATOM   529  C CD  . PRO A 1 66  ? 14.997  -3.822  0.083   1.00 41.63 ? 71  PRO A CD  1 
ATOM   530  N N   . VAL A 1 67  ? 14.271  -2.305  3.540   1.00 35.07 ? 72  VAL A N   1 
ATOM   531  C CA  . VAL A 1 67  ? 14.450  -1.830  4.900   1.00 32.67 ? 72  VAL A CA  1 
ATOM   532  C C   . VAL A 1 67  ? 13.718  -0.504  5.143   1.00 34.65 ? 72  VAL A C   1 
ATOM   533  O O   . VAL A 1 67  ? 13.531  -0.093  6.282   1.00 33.59 ? 72  VAL A O   1 
ATOM   534  C CB  . VAL A 1 67  ? 15.947  -1.757  5.276   1.00 37.18 ? 72  VAL A CB  1 
ATOM   535  C CG1 . VAL A 1 67  ? 16.574  -0.436  4.812   1.00 40.37 ? 72  VAL A CG1 1 
ATOM   536  C CG2 . VAL A 1 67  ? 16.115  -1.931  6.761   1.00 43.59 ? 72  VAL A CG2 1 
ATOM   537  N N   . LEU A 1 68  ? 13.294  0.149   4.067   1.00 34.59 ? 73  LEU A N   1 
ATOM   538  C CA  . LEU A 1 68  ? 12.472  1.349   4.170   1.00 31.80 ? 73  LEU A CA  1 
ATOM   539  C C   . LEU A 1 68  ? 11.006  0.998   4.003   1.00 34.02 ? 73  LEU A C   1 
ATOM   540  O O   . LEU A 1 68  ? 10.170  1.880   3.850   1.00 31.67 ? 73  LEU A O   1 
ATOM   541  C CB  . LEU A 1 68  ? 12.837  2.339   3.072   1.00 33.35 ? 73  LEU A CB  1 
ATOM   542  C CG  . LEU A 1 68  ? 14.314  2.596   2.817   1.00 36.80 ? 73  LEU A CG  1 
ATOM   543  C CD1 . LEU A 1 68  ? 14.485  3.220   1.446   1.00 38.26 ? 73  LEU A CD1 1 
ATOM   544  C CD2 . LEU A 1 68  ? 14.878  3.481   3.912   1.00 30.08 ? 73  LEU A CD2 1 
ATOM   545  N N   . ALA A 1 69  ? 10.695  -0.296  3.991   1.00 40.24 ? 74  ALA A N   1 
ATOM   546  C CA  . ALA A 1 69  ? 9.316   -0.744  3.798   1.00 33.99 ? 74  ALA A CA  1 
ATOM   547  C C   . ALA A 1 69  ? 8.685   -1.015  5.145   1.00 32.81 ? 74  ALA A C   1 
ATOM   548  O O   . ALA A 1 69  ? 9.367   -1.422  6.075   1.00 35.82 ? 74  ALA A O   1 
ATOM   549  C CB  . ALA A 1 69  ? 9.277   -1.973  2.930   1.00 34.81 ? 74  ALA A CB  1 
ATOM   550  N N   . GLY A 1 70  ? 7.390   -0.772  5.269   1.00 33.51 ? 75  GLY A N   1 
ATOM   551  C CA  . GLY A 1 70  ? 6.752   -0.904  6.564   1.00 30.66 ? 75  GLY A CA  1 
ATOM   552  C C   . GLY A 1 70  ? 5.698   0.162   6.756   1.00 36.42 ? 75  GLY A C   1 
ATOM   553  O O   . GLY A 1 70  ? 5.308   0.823   5.804   1.00 37.03 ? 75  GLY A O   1 
ATOM   554  N N   . THR A 1 71  ? 5.243   0.324   7.995   1.00 39.88 ? 76  THR A N   1 
ATOM   555  C CA  . THR A 1 71  ? 4.201   1.285   8.334   1.00 36.56 ? 76  THR A CA  1 
ATOM   556  C C   . THR A 1 71  ? 4.764   2.609   8.862   1.00 40.45 ? 76  THR A C   1 
ATOM   557  O O   . THR A 1 71  ? 5.557   2.619   9.807   1.00 38.83 ? 76  THR A O   1 
ATOM   558  C CB  . THR A 1 71  ? 3.259   0.714   9.397   1.00 37.32 ? 76  THR A CB  1 
ATOM   559  O OG1 . THR A 1 71  ? 2.718   -0.526  8.932   1.00 44.40 ? 76  THR A OG1 1 
ATOM   560  C CG2 . THR A 1 71  ? 2.132   1.678   9.671   1.00 36.83 ? 76  THR A CG2 1 
ATOM   561  N N   . TYR A 1 72  ? 4.331   3.716   8.257   1.00 35.53 ? 77  TYR A N   1 
ATOM   562  C CA  . TYR A 1 72  ? 4.807   5.043   8.621   1.00 35.38 ? 77  TYR A CA  1 
ATOM   563  C C   . TYR A 1 72  ? 3.689   5.888   9.213   1.00 35.77 ? 77  TYR A C   1 
ATOM   564  O O   . TYR A 1 72  ? 2.538   5.795   8.803   1.00 34.27 ? 77  TYR A O   1 
ATOM   565  C CB  . TYR A 1 72  ? 5.338   5.786   7.388   1.00 34.51 ? 77  TYR A CB  1 
ATOM   566  C CG  . TYR A 1 72  ? 6.661   5.314   6.839   1.00 35.81 ? 77  TYR A CG  1 
ATOM   567  C CD1 . TYR A 1 72  ? 7.746   6.171   6.791   1.00 32.58 ? 77  TYR A CD1 1 
ATOM   568  C CD2 . TYR A 1 72  ? 6.817   4.020   6.342   1.00 35.89 ? 77  TYR A CD2 1 
ATOM   569  C CE1 . TYR A 1 72  ? 8.957   5.766   6.276   1.00 34.29 ? 77  TYR A CE1 1 
ATOM   570  C CE2 . TYR A 1 72  ? 8.030   3.597   5.826   1.00 37.16 ? 77  TYR A CE2 1 
ATOM   571  C CZ  . TYR A 1 72  ? 9.097   4.480   5.793   1.00 37.66 ? 77  TYR A CZ  1 
ATOM   572  O OH  . TYR A 1 72  ? 10.311  4.083   5.289   1.00 32.00 ? 77  TYR A OH  1 
ATOM   573  N N   . ARG A 1 73  ? 4.047   6.745   10.156  1.00 32.04 ? 78  ARG A N   1 
ATOM   574  C CA  . ARG A 1 73  ? 3.130   7.769   10.621  1.00 41.55 ? 78  ARG A CA  1 
ATOM   575  C C   . ARG A 1 73  ? 3.881   9.085   10.754  1.00 39.40 ? 78  ARG A C   1 
ATOM   576  O O   . ARG A 1 73  ? 5.064   9.099   11.090  1.00 35.71 ? 78  ARG A O   1 
ATOM   577  C CB  . ARG A 1 73  ? 2.522   7.374   11.964  1.00 42.93 ? 78  ARG A CB  1 
ATOM   578  C CG  . ARG A 1 73  ? 1.717   6.107   11.923  1.00 41.60 ? 78  ARG A CG  1 
ATOM   579  C CD  . ARG A 1 73  ? 1.112   5.815   13.280  1.00 47.39 ? 78  ARG A CD  1 
ATOM   580  N NE  . ARG A 1 73  ? -0.035  4.910   13.185  1.00 51.63 ? 78  ARG A NE  1 
ATOM   581  C CZ  . ARG A 1 73  ? -1.300  5.277   13.380  1.00 48.18 ? 78  ARG A CZ  1 
ATOM   582  N NH1 . ARG A 1 73  ? -1.593  6.531   13.701  1.00 44.58 ? 78  ARG A NH1 1 
ATOM   583  N NH2 . ARG A 1 73  ? -2.271  4.385   13.268  1.00 51.31 ? 78  ARG A NH2 1 
ATOM   584  N N   . CYS A 1 74  ? 3.192   10.188  10.494  1.00 38.33 ? 79  CYS A N   1 
ATOM   585  C CA  . CYS A 1 74  ? 3.808   11.506  10.626  1.00 41.29 ? 79  CYS A CA  1 
ATOM   586  C C   . CYS A 1 74  ? 3.262   12.254  11.851  1.00 39.74 ? 79  CYS A C   1 
ATOM   587  O O   . CYS A 1 74  ? 2.087   12.132  12.199  1.00 42.77 ? 79  CYS A O   1 
ATOM   588  C CB  . CYS A 1 74  ? 3.604   12.327  9.343   1.00 40.36 ? 79  CYS A CB  1 
ATOM   589  S SG  . CYS A 1 74  ? 4.907   13.544  9.012   1.00 51.94 ? 79  CYS A SG  1 
ATOM   590  N N   . TYR A 1 75  ? 4.130   13.005  12.514  1.00 37.10 ? 80  TYR A N   1 
ATOM   591  C CA  . TYR A 1 75  ? 3.748   13.740  13.709  1.00 40.24 ? 80  TYR A CA  1 
ATOM   592  C C   . TYR A 1 75  ? 4.155   15.194  13.580  1.00 45.26 ? 80  TYR A C   1 
ATOM   593  O O   . TYR A 1 75  ? 5.294   15.502  13.226  1.00 43.66 ? 80  TYR A O   1 
ATOM   594  C CB  . TYR A 1 75  ? 4.401   13.136  14.961  1.00 43.73 ? 80  TYR A CB  1 
ATOM   595  C CG  . TYR A 1 75  ? 4.001   11.708  15.235  1.00 41.01 ? 80  TYR A CG  1 
ATOM   596  C CD1 . TYR A 1 75  ? 3.131   11.391  16.269  1.00 38.79 ? 80  TYR A CD1 1 
ATOM   597  C CD2 . TYR A 1 75  ? 4.495   10.672  14.450  1.00 40.04 ? 80  TYR A CD2 1 
ATOM   598  C CE1 . TYR A 1 75  ? 2.765   10.077  16.512  1.00 42.59 ? 80  TYR A CE1 1 
ATOM   599  C CE2 . TYR A 1 75  ? 4.131   9.363   14.680  1.00 40.59 ? 80  TYR A CE2 1 
ATOM   600  C CZ  . TYR A 1 75  ? 3.273   9.067   15.710  1.00 43.38 ? 80  TYR A CZ  1 
ATOM   601  O OH  . TYR A 1 75  ? 2.935   7.753   15.916  1.00 42.33 ? 80  TYR A OH  1 
ATOM   602  N N   . GLY A 1 76  ? 3.259   16.099  13.905  1.00 49.25 ? 81  GLY A N   1 
ATOM   603  C CA  . GLY A 1 76  ? 3.623   17.489  13.908  1.00 49.41 ? 81  GLY A CA  1 
ATOM   604  C C   . GLY A 1 76  ? 4.044   17.970  15.262  1.00 51.62 ? 81  GLY A C   1 
ATOM   605  O O   . GLY A 1 76  ? 3.620   17.453  16.236  1.00 56.35 ? 81  GLY A O   1 
ATOM   606  N N   . SER A 1 77  ? 4.881   18.975  15.317  1.00 53.48 ? 82  SER A N   1 
ATOM   607  C CA  . SER A 1 77  ? 5.181   19.635  16.557  1.00 57.14 ? 82  SER A CA  1 
ATOM   608  C C   . SER A 1 77  ? 5.261   21.118  16.321  1.00 65.28 ? 82  SER A C   1 
ATOM   609  O O   . SER A 1 77  ? 5.294   21.585  15.188  1.00 62.83 ? 82  SER A O   1 
ATOM   610  C CB  . SER A 1 77  ? 6.502   19.172  17.120  1.00 56.48 ? 82  SER A CB  1 
ATOM   611  O OG  . SER A 1 77  ? 7.049   20.126  17.997  1.00 59.36 ? 82  SER A OG  1 
ATOM   612  N N   . VAL A 1 78  ? 5.472   21.858  17.413  1.00 69.26 ? 83  VAL A N   1 
ATOM   613  C CA  . VAL A 1 78  ? 5.816   23.271  17.364  1.00 60.76 ? 83  VAL A CA  1 
ATOM   614  C C   . VAL A 1 78  ? 7.171   23.646  17.977  1.00 65.98 ? 83  VAL A C   1 
ATOM   615  O O   . VAL A 1 78  ? 7.900   24.460  17.442  1.00 68.62 ? 83  VAL A O   1 
ATOM   616  C CB  . VAL A 1 78  ? 4.786   24.083  18.042  1.00 66.14 ? 83  VAL A CB  1 
ATOM   617  C CG1 . VAL A 1 78  ? 5.274   25.477  18.187  1.00 68.72 ? 83  VAL A CG1 1 
ATOM   618  C CG2 . VAL A 1 78  ? 3.536   24.039  17.289  1.00 59.37 ? 83  VAL A CG2 1 
ATOM   619  N N   . PRO A 1 79  ? 7.536   23.072  19.095  1.00 61.91 ? 84  PRO A N   1 
ATOM   620  C CA  . PRO A 1 79  ? 8.832   23.428  19.647  1.00 65.03 ? 84  PRO A CA  1 
ATOM   621  C C   . PRO A 1 79  ? 9.935   22.634  18.979  1.00 70.24 ? 84  PRO A C   1 
ATOM   622  O O   . PRO A 1 79  ? 9.683   21.644  18.343  1.00 64.30 ? 84  PRO A O   1 
ATOM   623  C CB  . PRO A 1 79  ? 8.718   23.023  21.109  1.00 66.51 ? 84  PRO A CB  1 
ATOM   624  C CG  . PRO A 1 79  ? 7.325   23.013  21.372  1.00 62.30 ? 84  PRO A CG  1 
ATOM   625  C CD  . PRO A 1 79  ? 6.619   22.632  20.139  1.00 62.42 ? 84  PRO A CD  1 
ATOM   626  N N   . HIS A 1 80  ? 11.156  23.080  19.135  1.00 71.14 ? 85  HIS A N   1 
ATOM   627  C CA  . HIS A 1 80  ? 12.291  22.397  18.612  1.00 61.94 ? 85  HIS A CA  1 
ATOM   628  C C   . HIS A 1 80  ? 12.642  21.177  19.423  1.00 62.25 ? 85  HIS A C   1 
ATOM   629  O O   . HIS A 1 80  ? 12.074  20.919  20.450  1.00 64.13 ? 85  HIS A O   1 
ATOM   630  C CB  . HIS A 1 80  ? 13.442  23.364  18.683  1.00 60.85 ? 85  HIS A CB  1 
ATOM   631  C CG  . HIS A 1 80  ? 13.106  24.715  18.154  1.00 68.01 ? 85  HIS A CG  1 
ATOM   632  N ND1 . HIS A 1 80  ? 14.059  25.661  17.884  1.00 63.67 ? 85  HIS A ND1 1 
ATOM   633  C CD2 . HIS A 1 80  ? 11.922  25.265  17.812  1.00 66.18 ? 85  HIS A CD2 1 
ATOM   634  C CE1 . HIS A 1 80  ? 13.479  26.743  17.410  1.00 67.23 ? 85  HIS A CE1 1 
ATOM   635  N NE2 . HIS A 1 80  ? 12.180  26.531  17.367  1.00 69.56 ? 85  HIS A NE2 1 
ATOM   636  N N   . SER A 1 81  ? 13.617  20.428  18.971  1.00 59.69 ? 86  SER A N   1 
ATOM   637  C CA  . SER A 1 81  ? 14.060  19.314  19.748  1.00 54.94 ? 86  SER A CA  1 
ATOM   638  C C   . SER A 1 81  ? 13.923  19.766  21.179  1.00 58.29 ? 86  SER A C   1 
ATOM   639  O O   . SER A 1 81  ? 14.406  20.817  21.551  1.00 57.48 ? 86  SER A O   1 
ATOM   640  C CB  . SER A 1 81  ? 15.483  18.978  19.377  1.00 53.04 ? 86  SER A CB  1 
ATOM   641  O OG  . SER A 1 81  ? 16.047  18.028  20.236  1.00 50.36 ? 86  SER A OG  1 
ATOM   642  N N   . PRO A 1 82  ? 13.205  18.977  21.958  1.00 56.27 ? 87  PRO A N   1 
ATOM   643  C CA  . PRO A 1 82  ? 12.787  17.674  21.451  1.00 48.31 ? 87  PRO A CA  1 
ATOM   644  C C   . PRO A 1 82  ? 11.327  17.416  21.133  1.00 50.61 ? 87  PRO A C   1 
ATOM   645  O O   . PRO A 1 82  ? 11.014  16.268  21.053  1.00 47.45 ? 87  PRO A O   1 
ATOM   646  C CB  . PRO A 1 82  ? 13.224  16.731  22.556  1.00 50.82 ? 87  PRO A CB  1 
ATOM   647  C CG  . PRO A 1 82  ? 13.593  17.557  23.694  1.00 50.86 ? 87  PRO A CG  1 
ATOM   648  C CD  . PRO A 1 82  ? 14.014  18.841  23.179  1.00 50.77 ? 87  PRO A CD  1 
ATOM   649  N N   . TYR A 1 83  ? 10.588  18.487  20.872  1.00 56.57 ? 88  TYR A N   1 
ATOM   650  C CA  . TYR A 1 83  ? 9.259   18.522  20.284  1.00 53.41 ? 88  TYR A CA  1 
ATOM   651  C C   . TYR A 1 83  ? 8.220   18.186  21.287  1.00 57.63 ? 88  TYR A C   1 
ATOM   652  O O   . TYR A 1 83  ? 8.525   17.953  22.413  1.00 60.39 ? 88  TYR A O   1 
ATOM   653  C CB  . TYR A 1 83  ? 9.163   17.628  19.061  1.00 49.13 ? 88  TYR A CB  1 
ATOM   654  C CG  . TYR A 1 83  ? 10.363  17.713  18.192  1.00 52.21 ? 88  TYR A CG  1 
ATOM   655  C CD1 . TYR A 1 83  ? 10.654  18.860  17.505  1.00 53.75 ? 88  TYR A CD1 1 
ATOM   656  C CD2 . TYR A 1 83  ? 11.221  16.659  18.081  1.00 48.69 ? 88  TYR A CD2 1 
ATOM   657  C CE1 . TYR A 1 83  ? 11.751  18.953  16.742  1.00 53.86 ? 88  TYR A CE1 1 
ATOM   658  C CE2 . TYR A 1 83  ? 12.321  16.738  17.307  1.00 53.92 ? 88  TYR A CE2 1 
ATOM   659  C CZ  . TYR A 1 83  ? 12.586  17.886  16.628  1.00 56.96 ? 88  TYR A CZ  1 
ATOM   660  O OH  . TYR A 1 83  ? 13.707  17.967  15.859  1.00 52.03 ? 88  TYR A OH  1 
ATOM   661  N N   . GLN A 1 84  ? 6.978   18.203  20.864  1.00 60.10 ? 89  GLN A N   1 
ATOM   662  C CA  . GLN A 1 84  ? 5.877   17.728  21.643  1.00 58.35 ? 89  GLN A CA  1 
ATOM   663  C C   . GLN A 1 84  ? 5.026   17.285  20.527  1.00 58.32 ? 89  GLN A C   1 
ATOM   664  O O   . GLN A 1 84  ? 4.571   18.099  19.780  1.00 60.49 ? 89  GLN A O   1 
ATOM   665  C CB  . GLN A 1 84  ? 5.225   18.870  22.407  1.00 60.19 ? 89  GLN A CB  1 
ATOM   666  C CG  . GLN A 1 84  ? 6.215   19.601  23.297  1.00 65.78 ? 89  GLN A CG  1 
ATOM   667  C CD  . GLN A 1 84  ? 5.675   20.848  23.986  1.00 79.47 ? 89  GLN A CD  1 
ATOM   668  O OE1 . GLN A 1 84  ? 6.339   21.422  24.853  1.00 76.02 ? 89  GLN A OE1 1 
ATOM   669  N NE2 . GLN A 1 84  ? 4.470   21.278  23.601  1.00 77.58 ? 89  GLN A NE2 1 
ATOM   670  N N   . LEU A 1 85  ? 4.858   15.986  20.358  1.00 58.78 ? 90  LEU A N   1 
ATOM   671  C CA  . LEU A 1 85  ? 4.306   15.533  19.113  1.00 51.62 ? 90  LEU A CA  1 
ATOM   672  C C   . LEU A 1 85  ? 2.835   15.560  19.151  1.00 54.02 ? 90  LEU A C   1 
ATOM   673  O O   . LEU A 1 85  ? 2.242   15.192  20.119  1.00 58.70 ? 90  LEU A O   1 
ATOM   674  C CB  . LEU A 1 85  ? 4.690   14.087  18.878  1.00 50.13 ? 90  LEU A CB  1 
ATOM   675  C CG  . LEU A 1 85  ? 6.092   13.577  19.068  1.00 45.28 ? 90  LEU A CG  1 
ATOM   676  C CD1 . LEU A 1 85  ? 6.046   12.121  19.044  1.00 46.49 ? 90  LEU A CD1 1 
ATOM   677  C CD2 . LEU A 1 85  ? 6.962   14.052  17.991  1.00 47.22 ? 90  LEU A CD2 1 
ATOM   678  N N   . SER A 1 86  ? 2.244   15.950  18.053  1.00 53.08 ? 91  SER A N   1 
ATOM   679  C CA  . SER A 1 86  ? 0.802   16.003  17.918  1.00 50.78 ? 91  SER A CA  1 
ATOM   680  C C   . SER A 1 86  ? 0.302   14.587  17.753  1.00 52.95 ? 91  SER A C   1 
ATOM   681  O O   . SER A 1 86  ? 1.079   13.637  17.763  1.00 53.02 ? 91  SER A O   1 
ATOM   682  C CB  . SER A 1 86  ? 0.415   16.663  16.598  1.00 59.03 ? 91  SER A CB  1 
ATOM   683  O OG  . SER A 1 86  ? 0.331   15.694  15.561  1.00 61.29 ? 91  SER A OG  1 
ATOM   684  N N   . ALA A 1 87  ? -1.006  14.452  17.583  1.00 52.15 ? 92  ALA A N   1 
ATOM   685  C CA  . ALA A 1 87  ? -1.598  13.144  17.405  1.00 50.89 ? 92  ALA A CA  1 
ATOM   686  C C   . ALA A 1 87  ? -0.840  12.478  16.266  1.00 54.58 ? 92  ALA A C   1 
ATOM   687  O O   . ALA A 1 87  ? -0.173  13.170  15.486  1.00 52.58 ? 92  ALA A O   1 
ATOM   688  C CB  . ALA A 1 87  ? -3.069  13.282  17.064  1.00 47.85 ? 92  ALA A CB  1 
ATOM   689  N N   . PRO A 1 88  ? -0.923  11.134  16.163  1.00 53.74 ? 93  PRO A N   1 
ATOM   690  C CA  . PRO A 1 88  ? -0.285  10.480  15.020  1.00 47.52 ? 93  PRO A CA  1 
ATOM   691  C C   . PRO A 1 88  ? -1.074  10.856  13.788  1.00 49.69 ? 93  PRO A C   1 
ATOM   692  O O   . PRO A 1 88  ? -2.032  11.600  13.916  1.00 52.95 ? 93  PRO A O   1 
ATOM   693  C CB  . PRO A 1 88  ? -0.463  8.985   15.313  1.00 46.40 ? 93  PRO A CB  1 
ATOM   694  C CG  . PRO A 1 88  ? -0.921  8.895   16.736  1.00 43.72 ? 93  PRO A CG  1 
ATOM   695  C CD  . PRO A 1 88  ? -1.630  10.168  17.021  1.00 48.86 ? 93  PRO A CD  1 
ATOM   696  N N   . SER A 1 89  ? -0.675  10.357  12.627  1.00 51.54 ? 94  SER A N   1 
ATOM   697  C CA  . SER A 1 89  ? -1.417  10.550  11.396  1.00 43.92 ? 94  SER A CA  1 
ATOM   698  C C   . SER A 1 89  ? -1.911  9.173   11.067  1.00 41.69 ? 94  SER A C   1 
ATOM   699  O O   . SER A 1 89  ? -1.492  8.221   11.708  1.00 45.60 ? 94  SER A O   1 
ATOM   700  C CB  . SER A 1 89  ? -0.471  11.013  10.295  1.00 43.97 ? 94  SER A CB  1 
ATOM   701  O OG  . SER A 1 89  ? 0.383   9.947   9.896   1.00 46.05 ? 94  SER A OG  1 
ATOM   702  N N   . ASP A 1 90  ? -2.787  9.041   10.076  1.00 44.87 ? 95  ASP A N   1 
ATOM   703  C CA  . ASP A 1 90  ? -3.182  7.707   9.623   1.00 43.80 ? 95  ASP A CA  1 
ATOM   704  C C   . ASP A 1 90  ? -1.952  6.985   9.077   1.00 42.89 ? 95  ASP A C   1 
ATOM   705  O O   . ASP A 1 90  ? -1.215  7.530   8.267   1.00 42.94 ? 95  ASP A O   1 
ATOM   706  C CB  . ASP A 1 90  ? -4.247  7.773   8.525   1.00 47.11 ? 95  ASP A CB  1 
ATOM   707  C CG  . ASP A 1 90  ? -5.538  8.445   8.979   1.00 53.80 ? 95  ASP A CG  1 
ATOM   708  O OD1 . ASP A 1 90  ? -5.552  9.118   10.034  1.00 50.47 ? 95  ASP A OD1 1 
ATOM   709  O OD2 . ASP A 1 90  ? -6.545  8.306   8.250   1.00 51.14 ? 95  ASP A OD2 1 
ATOM   710  N N   . PRO A 1 91  ? -1.730  5.745   9.512   1.00 43.57 ? 96  PRO A N   1 
ATOM   711  C CA  . PRO A 1 91  ? -0.556  5.010   9.040   1.00 42.20 ? 96  PRO A CA  1 
ATOM   712  C C   . PRO A 1 91  ? -0.579  4.868   7.526   1.00 40.75 ? 96  PRO A C   1 
ATOM   713  O O   . PRO A 1 91  ? -1.637  4.948   6.910   1.00 43.07 ? 96  PRO A O   1 
ATOM   714  C CB  . PRO A 1 91  ? -0.746  3.631   9.677   1.00 44.99 ? 96  PRO A CB  1 
ATOM   715  C CG  . PRO A 1 91  ? -2.237  3.531   9.863   1.00 45.97 ? 96  PRO A CG  1 
ATOM   716  C CD  . PRO A 1 91  ? -2.599  4.895   10.340  1.00 44.86 ? 96  PRO A CD  1 
ATOM   717  N N   . LEU A 1 92  ? 0.590   4.660   6.939   1.00 38.26 ? 97  LEU A N   1 
ATOM   718  C CA  . LEU A 1 92  ? 0.687   4.328   5.530   1.00 39.63 ? 97  LEU A CA  1 
ATOM   719  C C   . LEU A 1 92  ? 1.600   3.140   5.443   1.00 36.74 ? 97  LEU A C   1 
ATOM   720  O O   . LEU A 1 92  ? 2.594   3.062   6.157   1.00 35.62 ? 97  LEU A O   1 
ATOM   721  C CB  . LEU A 1 92  ? 1.300   5.468   4.710   1.00 36.73 ? 97  LEU A CB  1 
ATOM   722  C CG  . LEU A 1 92  ? 0.504   6.685   4.245   1.00 41.35 ? 97  LEU A CG  1 
ATOM   723  C CD1 . LEU A 1 92  ? 1.403   7.552   3.393   1.00 39.41 ? 97  LEU A CD1 1 
ATOM   724  C CD2 . LEU A 1 92  ? -0.740  6.299   3.462   1.00 39.84 ? 97  LEU A CD2 1 
ATOM   725  N N   . ASP A 1 93  ? 1.269   2.217   4.558   1.00 35.80 ? 98  ASP A N   1 
ATOM   726  C CA  . ASP A 1 93  ? 2.090   1.043   4.386   1.00 37.82 ? 98  ASP A CA  1 
ATOM   727  C C   . ASP A 1 93  ? 2.919   1.147   3.120   1.00 37.31 ? 98  ASP A C   1 
ATOM   728  O O   . ASP A 1 93  ? 2.408   1.062   2.004   1.00 38.74 ? 98  ASP A O   1 
ATOM   729  C CB  . ASP A 1 93  ? 1.221   -0.217  4.422   1.00 42.71 ? 98  ASP A CB  1 
ATOM   730  C CG  . ASP A 1 93  ? 0.637   -0.465  5.812   1.00 45.65 ? 98  ASP A CG  1 
ATOM   731  O OD1 . ASP A 1 93  ? 1.412   -0.887  6.690   1.00 43.75 ? 98  ASP A OD1 1 
ATOM   732  O OD2 . ASP A 1 93  ? -0.572  -0.211  6.043   1.00 44.73 ? 98  ASP A OD2 1 
ATOM   733  N N   . MET A 1 94  ? 4.210   1.350   3.314   1.00 31.74 ? 99  MET A N   1 
ATOM   734  C CA  . MET A 1 94  ? 5.128   1.414   2.206   1.00 34.67 ? 99  MET A CA  1 
ATOM   735  C C   . MET A 1 94  ? 5.540   0.008   1.780   1.00 35.29 ? 99  MET A C   1 
ATOM   736  O O   . MET A 1 94  ? 6.249   -0.715  2.485   1.00 32.73 ? 99  MET A O   1 
ATOM   737  C CB  . MET A 1 94  ? 6.321   2.305   2.569   1.00 35.28 ? 99  MET A CB  1 
ATOM   738  C CG  . MET A 1 94  ? 5.862   3.694   2.966   1.00 36.42 ? 99  MET A CG  1 
ATOM   739  S SD  . MET A 1 94  ? 4.829   4.386   1.648   1.00 42.67 ? 99  MET A SD  1 
ATOM   740  C CE  . MET A 1 94  ? 3.538   5.162   2.576   1.00 34.03 ? 99  MET A CE  1 
ATOM   741  N N   . VAL A 1 95  ? 5.050   -0.373  0.614   1.00 37.47 ? 100 VAL A N   1 
ATOM   742  C CA  . VAL A 1 95  ? 5.216   -1.719  0.131   1.00 37.61 ? 100 VAL A CA  1 
ATOM   743  C C   . VAL A 1 95  ? 6.141   -1.676  -1.055  1.00 41.15 ? 100 VAL A C   1 
ATOM   744  O O   . VAL A 1 95  ? 5.936   -0.915  -2.009  1.00 38.81 ? 100 VAL A O   1 
ATOM   745  C CB  . VAL A 1 95  ? 3.879   -2.347  -0.319  1.00 31.29 ? 100 VAL A CB  1 
ATOM   746  C CG1 . VAL A 1 95  ? 4.153   -3.641  -1.043  1.00 33.45 ? 100 VAL A CG1 1 
ATOM   747  C CG2 . VAL A 1 95  ? 2.940   -2.560  0.865   1.00 27.24 ? 100 VAL A CG2 1 
ATOM   748  N N   . ILE A 1 96  ? 7.163   -2.511  -0.994  1.00 40.80 ? 101 ILE A N   1 
ATOM   749  C CA  . ILE A 1 96  ? 8.132   -2.593  -2.060  1.00 41.23 ? 101 ILE A CA  1 
ATOM   750  C C   . ILE A 1 96  ? 7.693   -3.731  -2.997  1.00 40.06 ? 101 ILE A C   1 
ATOM   751  O O   . ILE A 1 96  ? 7.699   -4.900  -2.615  1.00 42.73 ? 101 ILE A O   1 
ATOM   752  C CB  . ILE A 1 96  ? 9.556   -2.739  -1.436  1.00 35.42 ? 101 ILE A CB  1 
ATOM   753  C CG1 . ILE A 1 96  ? 10.629  -3.014  -2.471  1.00 37.14 ? 101 ILE A CG1 1 
ATOM   754  C CG2 . ILE A 1 96  ? 9.563   -3.780  -0.343  1.00 39.78 ? 101 ILE A CG2 1 
ATOM   755  C CD1 . ILE A 1 96  ? 11.988  -3.078  -1.830  1.00 37.46 ? 101 ILE A CD1 1 
ATOM   756  N N   . ILE A 1 97  ? 7.259   -3.371  -4.203  1.00 35.26 ? 102 ILE A N   1 
ATOM   757  C CA  . ILE A 1 97  ? 6.753   -4.347  -5.164  1.00 38.32 ? 102 ILE A CA  1 
ATOM   758  C C   . ILE A 1 97  ? 7.760   -4.653  -6.263  1.00 43.68 ? 102 ILE A C   1 
ATOM   759  O O   . ILE A 1 97  ? 8.872   -4.137  -6.255  1.00 42.80 ? 102 ILE A O   1 
ATOM   760  C CB  . ILE A 1 97  ? 5.461   -3.865  -5.866  1.00 37.70 ? 102 ILE A CB  1 
ATOM   761  C CG1 . ILE A 1 97  ? 5.777   -2.691  -6.800  1.00 40.80 ? 102 ILE A CG1 1 
ATOM   762  C CG2 . ILE A 1 97  ? 4.385   -3.518  -4.850  1.00 33.46 ? 102 ILE A CG2 1 
ATOM   763  C CD1 . ILE A 1 97  ? 4.657   -2.348  -7.764  1.00 36.93 ? 102 ILE A CD1 1 
ATOM   764  N N   . GLY A 1 98  ? 7.349   -5.489  -7.216  1.00 47.82 ? 103 GLY A N   1 
ATOM   765  C CA  . GLY A 1 98  ? 8.190   -5.858  -8.342  1.00 49.15 ? 103 GLY A CA  1 
ATOM   766  C C   . GLY A 1 98  ? 9.480   -6.496  -7.873  1.00 51.47 ? 103 GLY A C   1 
ATOM   767  O O   . GLY A 1 98  ? 10.573  -5.987  -8.126  1.00 57.51 ? 103 GLY A O   1 
ATOM   768  N N   . LEU A 1 99  ? 9.349   -7.627  -7.197  1.00 43.52 ? 104 LEU A N   1 
ATOM   769  C CA  . LEU A 1 99  ? 10.441  -8.159  -6.405  1.00 42.32 ? 104 LEU A CA  1 
ATOM   770  C C   . LEU A 1 99  ? 10.534  -9.685  -6.547  1.00 49.64 ? 104 LEU A C   1 
ATOM   771  O O   . LEU A 1 99  ? 11.587  -10.280 -6.305  1.00 51.32 ? 104 LEU A O   1 
ATOM   772  C CB  . LEU A 1 99  ? 10.224  -7.727  -4.958  1.00 38.44 ? 104 LEU A CB  1 
ATOM   773  C CG  . LEU A 1 99  ? 11.316  -7.845  -3.922  1.00 41.75 ? 104 LEU A CG  1 
ATOM   774  C CD1 . LEU A 1 99  ? 11.014  -6.929  -2.759  1.00 38.37 ? 104 LEU A CD1 1 
ATOM   775  C CD2 . LEU A 1 99  ? 11.384  -9.281  -3.462  1.00 48.48 ? 104 LEU A CD2 1 
ATOM   776  N N   . TYR A 1 100 ? 9.423   -10.296 -6.960  1.00 48.63 ? 105 TYR A N   1 
ATOM   777  C CA  . TYR A 1 100 ? 9.348   -11.721 -7.249  1.00 41.06 ? 105 TYR A CA  1 
ATOM   778  C C   . TYR A 1 100 ? 8.574   -11.900 -8.547  1.00 47.77 ? 105 TYR A C   1 
ATOM   779  O O   . TYR A 1 100 ? 8.191   -10.911 -9.177  1.00 45.76 ? 105 TYR A O   1 
ATOM   780  C CB  . TYR A 1 100 ? 8.627   -12.465 -6.123  1.00 43.02 ? 105 TYR A CB  1 
ATOM   781  C CG  . TYR A 1 100 ? 9.228   -12.261 -4.747  1.00 42.93 ? 105 TYR A CG  1 
ATOM   782  C CD1 . TYR A 1 100 ? 10.470  -12.791 -4.426  1.00 41.07 ? 105 TYR A CD1 1 
ATOM   783  C CD2 . TYR A 1 100 ? 8.542   -11.558 -3.764  1.00 42.39 ? 105 TYR A CD2 1 
ATOM   784  C CE1 . TYR A 1 100 ? 11.016  -12.617 -3.167  1.00 47.57 ? 105 TYR A CE1 1 
ATOM   785  C CE2 . TYR A 1 100 ? 9.079   -11.377 -2.502  1.00 42.96 ? 105 TYR A CE2 1 
ATOM   786  C CZ  . TYR A 1 100 ? 10.319  -11.905 -2.206  1.00 48.39 ? 105 TYR A CZ  1 
ATOM   787  O OH  . TYR A 1 100 ? 10.871  -11.719 -0.950  1.00 46.57 ? 105 TYR A OH  1 
ATOM   788  N N   . GLU A 1 101 ? 8.318   -13.152 -8.939  1.00 48.59 ? 106 GLU A N   1 
ATOM   789  C CA  . GLU A 1 101 ? 7.609   -13.407 -10.193 1.00 46.05 ? 106 GLU A CA  1 
ATOM   790  C C   . GLU A 1 101 ? 6.107   -13.160 -10.050 1.00 46.42 ? 106 GLU A C   1 
ATOM   791  O O   . GLU A 1 101 ? 5.466   -13.624 -9.108  1.00 43.29 ? 106 GLU A O   1 
ATOM   792  C CB  . GLU A 1 101 ? 7.877   -14.812 -10.729 1.00 45.05 ? 106 GLU A CB  1 
ATOM   793  C CG  . GLU A 1 101 ? 6.746   -15.819 -10.486 1.00 51.92 ? 106 GLU A CG  1 
ATOM   794  C CD  . GLU A 1 101 ? 7.044   -17.202 -11.063 1.00 56.18 ? 106 GLU A CD  1 
ATOM   795  O OE1 . GLU A 1 101 ? 7.454   -17.293 -12.246 1.00 50.99 ? 106 GLU A OE1 1 
ATOM   796  O OE2 . GLU A 1 101 ? 6.857   -18.198 -10.325 1.00 53.48 ? 106 GLU A OE2 1 
ATOM   797  N N   . LYS A 1 102 ? 5.550   -12.431 -11.008 1.00 48.21 ? 107 LYS A N   1 
ATOM   798  C CA  . LYS A 1 102 ? 4.160   -12.007 -10.921 1.00 49.01 ? 107 LYS A CA  1 
ATOM   799  C C   . LYS A 1 102 ? 3.210   -13.190 -10.841 1.00 47.82 ? 107 LYS A C   1 
ATOM   800  O O   . LYS A 1 102 ? 3.413   -14.192 -11.520 1.00 51.09 ? 107 LYS A O   1 
ATOM   801  C CB  . LYS A 1 102 ? 3.795   -11.088 -12.093 1.00 49.06 ? 107 LYS A CB  1 
ATOM   802  C CG  . LYS A 1 102 ? 3.705   -11.765 -13.444 1.00 50.10 ? 107 LYS A CG  1 
ATOM   803  C CD  . LYS A 1 102 ? 3.420   -10.752 -14.542 1.00 51.44 ? 107 LYS A CD  1 
ATOM   804  C CE  . LYS A 1 102 ? 3.522   -11.398 -15.918 1.00 61.40 ? 107 LYS A CE  1 
ATOM   805  N NZ  . LYS A 1 102 ? 3.673   -10.391 -17.016 1.00 54.80 ? 107 LYS A NZ  1 
ATOM   806  N N   . PRO A 1 103 ? 2.171   -13.077 -9.993  1.00 47.80 ? 108 PRO A N   1 
ATOM   807  C CA  . PRO A 1 103 ? 1.124   -14.095 -9.920  1.00 43.65 ? 108 PRO A CA  1 
ATOM   808  C C   . PRO A 1 103 ? 0.243   -14.007 -11.146 1.00 40.43 ? 108 PRO A C   1 
ATOM   809  O O   . PRO A 1 103 ? 0.327   -13.050 -11.903 1.00 42.99 ? 108 PRO A O   1 
ATOM   810  C CB  . PRO A 1 103 ? 0.315   -13.684 -8.682  1.00 44.99 ? 108 PRO A CB  1 
ATOM   811  C CG  . PRO A 1 103 ? 1.143   -12.651 -7.973  1.00 43.28 ? 108 PRO A CG  1 
ATOM   812  C CD  . PRO A 1 103 ? 1.937   -11.984 -9.034  1.00 45.89 ? 108 PRO A CD  1 
ATOM   813  N N   . SER A 1 104 ? -0.591  -15.016 -11.328 1.00 40.39 ? 109 SER A N   1 
ATOM   814  C CA  . SER A 1 104 ? -1.597  -15.036 -12.369 1.00 39.87 ? 109 SER A CA  1 
ATOM   815  C C   . SER A 1 104 ? -2.909  -14.589 -11.715 1.00 41.83 ? 109 SER A C   1 
ATOM   816  O O   . SER A 1 104 ? -3.141  -14.843 -10.534 1.00 41.61 ? 109 SER A O   1 
ATOM   817  C CB  . SER A 1 104 ? -1.690  -16.460 -12.955 1.00 45.93 ? 109 SER A CB  1 
ATOM   818  O OG  . SER A 1 104 ? -2.993  -16.802 -13.416 1.00 46.55 ? 109 SER A OG  1 
ATOM   819  N N   . LEU A 1 105 ? -3.743  -13.881 -12.461 1.00 41.39 ? 110 LEU A N   1 
ATOM   820  C CA  . LEU A 1 105 ? -4.996  -13.355 -11.914 1.00 42.48 ? 110 LEU A CA  1 
ATOM   821  C C   . LEU A 1 105 ? -6.100  -13.588 -12.921 1.00 41.41 ? 110 LEU A C   1 
ATOM   822  O O   . LEU A 1 105 ? -5.929  -13.343 -14.120 1.00 42.95 ? 110 LEU A O   1 
ATOM   823  C CB  . LEU A 1 105 ? -4.883  -11.859 -11.587 1.00 42.04 ? 110 LEU A CB  1 
ATOM   824  C CG  . LEU A 1 105 ? -6.164  -11.072 -11.274 1.00 37.86 ? 110 LEU A CG  1 
ATOM   825  C CD1 . LEU A 1 105 ? -7.039  -11.791 -10.268 1.00 37.54 ? 110 LEU A CD1 1 
ATOM   826  C CD2 . LEU A 1 105 ? -5.831  -9.666  -10.789 1.00 35.25 ? 110 LEU A CD2 1 
ATOM   827  N N   . SER A 1 106 ? -7.233  -14.077 -12.441 1.00 38.89 ? 111 SER A N   1 
ATOM   828  C CA  . SER A 1 106 ? -8.241  -14.575 -13.349 1.00 41.13 ? 111 SER A CA  1 
ATOM   829  C C   . SER A 1 106 ? -9.616  -14.454 -12.733 1.00 37.43 ? 111 SER A C   1 
ATOM   830  O O   . SER A 1 106 ? -9.783  -14.581 -11.518 1.00 36.84 ? 111 SER A O   1 
ATOM   831  C CB  . SER A 1 106 ? -7.948  -16.033 -13.695 1.00 37.81 ? 111 SER A CB  1 
ATOM   832  O OG  . SER A 1 106 ? -8.337  -16.881 -12.631 1.00 42.83 ? 111 SER A OG  1 
ATOM   833  N N   . ALA A 1 107 ? -10.601 -14.209 -13.584 1.00 39.14 ? 112 ALA A N   1 
ATOM   834  C CA  . ALA A 1 107 ? -11.943 -13.929 -13.115 1.00 42.41 ? 112 ALA A CA  1 
ATOM   835  C C   . ALA A 1 107 ? -12.810 -15.157 -13.274 1.00 40.15 ? 112 ALA A C   1 
ATOM   836  O O   . ALA A 1 107 ? -12.703 -15.883 -14.256 1.00 40.88 ? 112 ALA A O   1 
ATOM   837  C CB  . ALA A 1 107 ? -12.546 -12.746 -13.871 1.00 37.91 ? 112 ALA A CB  1 
ATOM   838  N N   . GLN A 1 108 ? -13.684 -15.358 -12.301 1.00 39.25 ? 113 GLN A N   1 
ATOM   839  C CA  . GLN A 1 108 ? -14.633 -16.452 -12.306 1.00 40.02 ? 113 GLN A CA  1 
ATOM   840  C C   . GLN A 1 108 ? -16.006 -15.870 -12.001 1.00 41.78 ? 113 GLN A C   1 
ATOM   841  O O   . GLN A 1 108 ? -16.202 -15.280 -10.943 1.00 44.09 ? 113 GLN A O   1 
ATOM   842  C CB  . GLN A 1 108 ? -14.249 -17.449 -11.223 1.00 46.28 ? 113 GLN A CB  1 
ATOM   843  C CG  . GLN A 1 108 ? -15.109 -18.683 -11.173 1.00 47.45 ? 113 GLN A CG  1 
ATOM   844  C CD  . GLN A 1 108 ? -14.789 -19.615 -12.295 1.00 47.79 ? 113 GLN A CD  1 
ATOM   845  O OE1 . GLN A 1 108 ? -13.670 -20.141 -12.381 1.00 47.55 ? 113 GLN A OE1 1 
ATOM   846  N NE2 . GLN A 1 108 ? -15.759 -19.824 -13.183 1.00 44.93 ? 113 GLN A NE2 1 
ATOM   847  N N   . PRO A 1 109 ? -16.970 -16.027 -12.925 1.00 43.58 ? 114 PRO A N   1 
ATOM   848  C CA  . PRO A 1 109 ? -16.878 -16.815 -14.155 1.00 47.20 ? 114 PRO A CA  1 
ATOM   849  C C   . PRO A 1 109 ? -16.291 -16.049 -15.340 1.00 46.00 ? 114 PRO A C   1 
ATOM   850  O O   . PRO A 1 109 ? -15.824 -16.669 -16.293 1.00 48.99 ? 114 PRO A O   1 
ATOM   851  C CB  . PRO A 1 109 ? -18.343 -17.144 -14.430 1.00 47.13 ? 114 PRO A CB  1 
ATOM   852  C CG  . PRO A 1 109 ? -19.030 -15.871 -14.053 1.00 40.67 ? 114 PRO A CG  1 
ATOM   853  C CD  . PRO A 1 109 ? -18.262 -15.319 -12.859 1.00 42.81 ? 114 PRO A CD  1 
ATOM   854  N N   . GLY A 1 110 ? -16.311 -14.725 -15.292 1.00 44.58 ? 115 GLY A N   1 
ATOM   855  C CA  . GLY A 1 110 ? -15.760 -13.950 -16.390 1.00 43.00 ? 115 GLY A CA  1 
ATOM   856  C C   . GLY A 1 110 ? -15.493 -12.527 -15.981 1.00 40.08 ? 115 GLY A C   1 
ATOM   857  O O   . GLY A 1 110 ? -15.934 -12.098 -14.916 1.00 41.64 ? 115 GLY A O   1 
ATOM   858  N N   . PRO A 1 111 ? -14.773 -11.780 -16.827 1.00 44.23 ? 116 PRO A N   1 
ATOM   859  C CA  . PRO A 1 111 ? -14.433 -10.399 -16.466 1.00 41.43 ? 116 PRO A CA  1 
ATOM   860  C C   . PRO A 1 111 ? -15.640 -9.471  -16.579 1.00 38.41 ? 116 PRO A C   1 
ATOM   861  O O   . PRO A 1 111 ? -15.552 -8.340  -16.141 1.00 41.75 ? 116 PRO A O   1 
ATOM   862  C CB  . PRO A 1 111 ? -13.350 -10.011 -17.478 1.00 34.49 ? 116 PRO A CB  1 
ATOM   863  C CG  . PRO A 1 111 ? -13.073 -11.215 -18.281 1.00 39.06 ? 116 PRO A CG  1 
ATOM   864  C CD  . PRO A 1 111 ? -14.241 -12.146 -18.144 1.00 42.41 ? 116 PRO A CD  1 
ATOM   865  N N   . THR A 1 112 ? -16.753 -9.955  -17.121 1.00 39.41 ? 117 THR A N   1 
ATOM   866  C CA  . THR A 1 112 ? -17.967 -9.156  -17.226 1.00 39.98 ? 117 THR A CA  1 
ATOM   867  C C   . THR A 1 112 ? -19.107 -9.739  -16.396 1.00 42.44 ? 117 THR A C   1 
ATOM   868  O O   . THR A 1 112 ? -19.345 -10.944 -16.415 1.00 48.24 ? 117 THR A O   1 
ATOM   869  C CB  . THR A 1 112 ? -18.416 -9.003  -18.700 1.00 47.92 ? 117 THR A CB  1 
ATOM   870  O OG1 . THR A 1 112 ? -17.379 -8.361  -19.463 1.00 47.04 ? 117 THR A OG1 1 
ATOM   871  C CG2 . THR A 1 112 ? -19.688 -8.173  -18.786 1.00 39.79 ? 117 THR A CG2 1 
ATOM   872  N N   . VAL A 1 113 ? -19.826 -8.876  -15.684 1.00 46.14 ? 118 VAL A N   1 
ATOM   873  C CA  . VAL A 1 113 ? -20.850 -9.324  -14.737 1.00 47.73 ? 118 VAL A CA  1 
ATOM   874  C C   . VAL A 1 113 ? -22.080 -8.424  -14.728 1.00 45.56 ? 118 VAL A C   1 
ATOM   875  O O   . VAL A 1 113 ? -21.980 -7.221  -14.959 1.00 49.60 ? 118 VAL A O   1 
ATOM   876  C CB  . VAL A 1 113 ? -20.288 -9.365  -13.301 1.00 47.47 ? 118 VAL A CB  1 
ATOM   877  C CG1 . VAL A 1 113 ? -19.589 -8.043  -12.953 1.00 46.56 ? 118 VAL A CG1 1 
ATOM   878  C CG2 . VAL A 1 113 ? -21.391 -9.649  -12.307 1.00 48.47 ? 118 VAL A CG2 1 
ATOM   879  N N   . GLN A 1 114 ? -23.241 -9.009  -14.455 1.00 43.47 ? 119 GLN A N   1 
ATOM   880  C CA  . GLN A 1 114 ? -24.458 -8.226  -14.285 1.00 50.72 ? 119 GLN A CA  1 
ATOM   881  C C   . GLN A 1 114 ? -24.459 -7.545  -12.916 1.00 51.14 ? 119 GLN A C   1 
ATOM   882  O O   . GLN A 1 114 ? -24.107 -8.161  -11.905 1.00 50.72 ? 119 GLN A O   1 
ATOM   883  C CB  . GLN A 1 114 ? -25.705 -9.105  -14.443 1.00 53.33 ? 119 GLN A CB  1 
ATOM   884  C CG  . GLN A 1 114 ? -27.032 -8.408  -14.081 1.00 56.54 ? 119 GLN A CG  1 
ATOM   885  C CD  . GLN A 1 114 ? -27.538 -7.436  -15.155 1.00 59.71 ? 119 GLN A CD  1 
ATOM   886  O OE1 . GLN A 1 114 ? -27.207 -7.560  -16.340 1.00 60.93 ? 119 GLN A OE1 1 
ATOM   887  N NE2 . GLN A 1 114 ? -28.359 -6.469  -14.735 1.00 59.18 ? 119 GLN A NE2 1 
ATOM   888  N N   . ALA A 1 115 ? -24.835 -6.270  -12.893 1.00 46.44 ? 120 ALA A N   1 
ATOM   889  C CA  . ALA A 1 115 ? -24.957 -5.531  -11.646 1.00 44.58 ? 120 ALA A CA  1 
ATOM   890  C C   . ALA A 1 115 ? -25.561 -6.428  -10.557 1.00 45.18 ? 120 ALA A C   1 
ATOM   891  O O   . ALA A 1 115 ? -26.451 -7.227  -10.830 1.00 46.07 ? 120 ALA A O   1 
ATOM   892  C CB  . ALA A 1 115 ? -25.812 -4.281  -11.859 1.00 39.44 ? 120 ALA A CB  1 
ATOM   893  N N   . GLY A 1 116 ? -25.058 -6.307  -9.333  1.00 41.60 ? 121 GLY A N   1 
ATOM   894  C CA  . GLY A 1 116 ? -25.563 -7.077  -8.216  1.00 35.71 ? 121 GLY A CA  1 
ATOM   895  C C   . GLY A 1 116 ? -25.033 -8.495  -8.095  1.00 45.44 ? 121 GLY A C   1 
ATOM   896  O O   . GLY A 1 116 ? -25.144 -9.095  -7.032  1.00 48.20 ? 121 GLY A O   1 
ATOM   897  N N   . GLU A 1 117 ? -24.474 -9.046  -9.169  1.00 43.78 ? 122 GLU A N   1 
ATOM   898  C CA  . GLU A 1 117 ? -23.954 -10.414 -9.127  1.00 44.12 ? 122 GLU A CA  1 
ATOM   899  C C   . GLU A 1 117 ? -22.511 -10.438 -8.622  1.00 44.19 ? 122 GLU A C   1 
ATOM   900  O O   . GLU A 1 117 ? -21.806 -9.428  -8.696  1.00 40.46 ? 122 GLU A O   1 
ATOM   901  C CB  . GLU A 1 117 ? -24.031 -11.086 -10.508 1.00 45.28 ? 122 GLU A CB  1 
ATOM   902  C CG  . GLU A 1 117 ? -25.318 -10.827 -11.321 1.00 51.00 ? 122 GLU A CG  1 
ATOM   903  C CD  . GLU A 1 117 ? -26.596 -11.321 -10.630 1.00 60.79 ? 122 GLU A CD  1 
ATOM   904  O OE1 . GLU A 1 117 ? -26.493 -12.091 -9.644  1.00 67.04 ? 122 GLU A OE1 1 
ATOM   905  O OE2 . GLU A 1 117 ? -27.711 -10.940 -11.069 1.00 56.62 ? 122 GLU A OE2 1 
ATOM   906  N N   . ASN A 1 118 ? -22.069 -11.588 -8.113  1.00 43.55 ? 123 ASN A N   1 
ATOM   907  C CA  . ASN A 1 118 ? -20.699 -11.708 -7.617  1.00 41.15 ? 123 ASN A CA  1 
ATOM   908  C C   . ASN A 1 118 ? -19.694 -12.104 -8.677  1.00 37.57 ? 123 ASN A C   1 
ATOM   909  O O   . ASN A 1 118 ? -19.988 -12.921 -9.541  1.00 37.75 ? 123 ASN A O   1 
ATOM   910  C CB  . ASN A 1 118 ? -20.580 -12.706 -6.459  1.00 41.36 ? 123 ASN A CB  1 
ATOM   911  C CG  . ASN A 1 118 ? -19.130 -12.867 -5.987  1.00 41.81 ? 123 ASN A CG  1 
ATOM   912  O OD1 . ASN A 1 118 ? -18.638 -12.063 -5.195  1.00 40.54 ? 123 ASN A OD1 1 
ATOM   913  N ND2 . ASN A 1 118 ? -18.436 -13.883 -6.501  1.00 36.40 ? 123 ASN A ND2 1 
ATOM   914  N N   . VAL A 1 119 ? -18.504 -11.520 -8.591  1.00 37.41 ? 124 VAL A N   1 
ATOM   915  C CA  . VAL A 1 119 ? -17.353 -12.024 -9.320  1.00 37.97 ? 124 VAL A CA  1 
ATOM   916  C C   . VAL A 1 119 ? -16.308 -12.461 -8.306  1.00 38.55 ? 124 VAL A C   1 
ATOM   917  O O   . VAL A 1 119 ? -16.180 -11.859 -7.245  1.00 35.43 ? 124 VAL A O   1 
ATOM   918  C CB  . VAL A 1 119 ? -16.737 -10.962 -10.210 1.00 38.50 ? 124 VAL A CB  1 
ATOM   919  C CG1 . VAL A 1 119 ? -15.681 -11.583 -11.113 1.00 39.96 ? 124 VAL A CG1 1 
ATOM   920  C CG2 . VAL A 1 119 ? -17.815 -10.298 -11.032 1.00 45.28 ? 124 VAL A CG2 1 
ATOM   921  N N   . THR A 1 120 ? -15.581 -13.526 -8.612  1.00 38.90 ? 125 THR A N   1 
ATOM   922  C CA  . THR A 1 120 ? -14.457 -13.910 -7.779  1.00 37.23 ? 125 THR A CA  1 
ATOM   923  C C   . THR A 1 120 ? -13.194 -13.806 -8.602  1.00 36.67 ? 125 THR A C   1 
ATOM   924  O O   . THR A 1 120 ? -13.113 -14.346 -9.701  1.00 38.20 ? 125 THR A O   1 
ATOM   925  C CB  . THR A 1 120 ? -14.605 -15.341 -7.186  1.00 38.84 ? 125 THR A CB  1 
ATOM   926  O OG1 . THR A 1 120 ? -15.813 -15.419 -6.426  1.00 35.46 ? 125 THR A OG1 1 
ATOM   927  C CG2 . THR A 1 120 ? -13.457 -15.649 -6.247  1.00 33.93 ? 125 THR A CG2 1 
ATOM   928  N N   . LEU A 1 121 ? -12.214 -13.085 -8.072  1.00 37.40 ? 126 LEU A N   1 
ATOM   929  C CA  . LEU A 1 121 ? -10.918 -12.977 -8.712  1.00 35.43 ? 126 LEU A CA  1 
ATOM   930  C C   . LEU A 1 121 ? -9.941  -13.889 -7.994  1.00 36.03 ? 126 LEU A C   1 
ATOM   931  O O   . LEU A 1 121 ? -9.846  -13.861 -6.767  1.00 37.42 ? 126 LEU A O   1 
ATOM   932  C CB  . LEU A 1 121 ? -10.425 -11.525 -8.702  1.00 35.59 ? 126 LEU A CB  1 
ATOM   933  C CG  . LEU A 1 121 ? -11.287 -10.483 -9.428  1.00 32.47 ? 126 LEU A CG  1 
ATOM   934  C CD1 . LEU A 1 121 ? -10.477 -9.240  -9.697  1.00 28.78 ? 126 LEU A CD1 1 
ATOM   935  C CD2 . LEU A 1 121 ? -11.827 -11.045 -10.731 1.00 37.91 ? 126 LEU A CD2 1 
ATOM   936  N N   . SER A 1 122 ? -9.224  -14.698 -8.770  1.00 37.89 ? 127 SER A N   1 
ATOM   937  C CA  . SER A 1 122 ? -8.330  -15.711 -8.222  1.00 37.16 ? 127 SER A CA  1 
ATOM   938  C C   . SER A 1 122 ? -6.880  -15.344 -8.443  1.00 33.89 ? 127 SER A C   1 
ATOM   939  O O   . SER A 1 122 ? -6.478  -15.001 -9.546  1.00 35.95 ? 127 SER A O   1 
ATOM   940  C CB  . SER A 1 122 ? -8.610  -17.076 -8.867  1.00 40.86 ? 127 SER A CB  1 
ATOM   941  O OG  . SER A 1 122 ? -9.782  -17.688 -8.344  1.00 38.60 ? 127 SER A OG  1 
ATOM   942  N N   . CYS A 1 123 ? -6.087  -15.414 -7.385  1.00 37.94 ? 128 CYS A N   1 
ATOM   943  C CA  . CYS A 1 123 ? -4.656  -15.167 -7.512  1.00 42.21 ? 128 CYS A CA  1 
ATOM   944  C C   . CYS A 1 123 ? -3.951  -16.507 -7.444  1.00 39.23 ? 128 CYS A C   1 
ATOM   945  O O   . CYS A 1 123 ? -4.201  -17.291 -6.534  1.00 41.03 ? 128 CYS A O   1 
ATOM   946  C CB  . CYS A 1 123 ? -4.145  -14.236 -6.399  1.00 42.67 ? 128 CYS A CB  1 
ATOM   947  S SG  . CYS A 1 123 ? -4.082  -12.469 -6.794  1.00 53.60 ? 128 CYS A SG  1 
ATOM   948  N N   . SER A 1 124 ? -3.079  -16.766 -8.412  1.00 39.02 ? 129 SER A N   1 
ATOM   949  C CA  . SER A 1 124 ? -2.429  -18.064 -8.539  1.00 43.07 ? 129 SER A CA  1 
ATOM   950  C C   . SER A 1 124 ? -0.950  -17.923 -8.822  1.00 44.45 ? 129 SER A C   1 
ATOM   951  O O   . SER A 1 124 ? -0.498  -16.933 -9.396  1.00 44.40 ? 129 SER A O   1 
ATOM   952  C CB  . SER A 1 124 ? -3.053  -18.887 -9.670  1.00 43.17 ? 129 SER A CB  1 
ATOM   953  O OG  . SER A 1 124 ? -4.455  -19.002 -9.522  1.00 47.94 ? 129 SER A OG  1 
ATOM   954  N N   . SER A 1 125 ? -0.199  -18.933 -8.410  1.00 46.08 ? 130 SER A N   1 
ATOM   955  C CA  . SER A 1 125 ? 1.192   -19.065 -8.804  1.00 45.99 ? 130 SER A CA  1 
ATOM   956  C C   . SER A 1 125 ? 1.702   -20.425 -8.343  1.00 48.56 ? 130 SER A C   1 
ATOM   957  O O   . SER A 1 125 ? 1.071   -21.104 -7.521  1.00 47.90 ? 130 SER A O   1 
ATOM   958  C CB  . SER A 1 125 ? 2.053   -17.937 -8.228  1.00 43.23 ? 130 SER A CB  1 
ATOM   959  O OG  . SER A 1 125 ? 3.199   -17.711 -9.034  1.00 41.51 ? 130 SER A OG  1 
ATOM   960  N N   . ARG A 1 126 ? 2.825   -20.843 -8.905  1.00 45.29 ? 131 ARG A N   1 
ATOM   961  C CA  . ARG A 1 126 ? 3.432   -22.075 -8.472  1.00 48.61 ? 131 ARG A CA  1 
ATOM   962  C C   . ARG A 1 126 ? 4.493   -21.747 -7.444  1.00 50.09 ? 131 ARG A C   1 
ATOM   963  O O   . ARG A 1 126 ? 4.966   -22.626 -6.731  1.00 56.89 ? 131 ARG A O   1 
ATOM   964  C CB  . ARG A 1 126 ? 3.982   -22.857 -9.664  1.00 55.39 ? 131 ARG A CB  1 
ATOM   965  C CG  . ARG A 1 126 ? 2.866   -23.292 -10.629 1.00 62.13 ? 131 ARG A CG  1 
ATOM   966  C CD  . ARG A 1 126 ? 3.291   -24.399 -11.578 1.00 47.90 ? 131 ARG A CD  1 
ATOM   967  N NE  . ARG A 1 126 ? 3.733   -25.573 -10.839 1.00 53.97 ? 131 ARG A NE  1 
ATOM   968  C CZ  . ARG A 1 126 ? 2.916   -26.471 -10.295 1.00 53.42 ? 131 ARG A CZ  1 
ATOM   969  N NH1 . ARG A 1 126 ? 1.595   -26.350 -10.399 1.00 51.00 ? 131 ARG A NH1 1 
ATOM   970  N NH2 . ARG A 1 126 ? 3.432   -27.494 -9.639  1.00 45.35 ? 131 ARG A NH2 1 
ATOM   971  N N   . SER A 1 127 ? 4.844   -20.469 -7.358  1.00 47.78 ? 132 SER A N   1 
ATOM   972  C CA  . SER A 1 127 ? 5.688   -19.990 -6.273  1.00 46.69 ? 132 SER A CA  1 
ATOM   973  C C   . SER A 1 127 ? 4.916   -20.137 -4.973  1.00 48.16 ? 132 SER A C   1 
ATOM   974  O O   . SER A 1 127 ? 3.685   -20.124 -4.974  1.00 47.85 ? 132 SER A O   1 
ATOM   975  C CB  . SER A 1 127 ? 6.084   -18.529 -6.486  1.00 46.80 ? 132 SER A CB  1 
ATOM   976  O OG  . SER A 1 127 ? 6.967   -18.385 -7.583  1.00 48.89 ? 132 SER A OG  1 
ATOM   977  N N   . SER A 1 128 ? 5.645   -20.249 -3.867  1.00 47.91 ? 133 SER A N   1 
ATOM   978  C CA  . SER A 1 128 ? 5.069   -20.625 -2.581  1.00 47.89 ? 133 SER A CA  1 
ATOM   979  C C   . SER A 1 128 ? 4.640   -19.436 -1.694  1.00 49.31 ? 133 SER A C   1 
ATOM   980  O O   . SER A 1 128 ? 4.934   -19.402 -0.496  1.00 49.01 ? 133 SER A O   1 
ATOM   981  C CB  . SER A 1 128 ? 6.063   -21.519 -1.836  1.00 44.49 ? 133 SER A CB  1 
ATOM   982  O OG  . SER A 1 128 ? 5.492   -22.030 -0.650  1.00 55.54 ? 133 SER A OG  1 
ATOM   983  N N   . TYR A 1 129 ? 3.927   -18.478 -2.280  1.00 44.22 ? 134 TYR A N   1 
ATOM   984  C CA  . TYR A 1 129 ? 3.447   -17.320 -1.540  1.00 37.96 ? 134 TYR A CA  1 
ATOM   985  C C   . TYR A 1 129 ? 2.542   -17.742 -0.396  1.00 37.81 ? 134 TYR A C   1 
ATOM   986  O O   . TYR A 1 129 ? 1.789   -18.697 -0.529  1.00 41.25 ? 134 TYR A O   1 
ATOM   987  C CB  . TYR A 1 129 ? 2.705   -16.366 -2.475  1.00 38.54 ? 134 TYR A CB  1 
ATOM   988  C CG  . TYR A 1 129 ? 3.598   -15.776 -3.534  1.00 41.94 ? 134 TYR A CG  1 
ATOM   989  C CD1 . TYR A 1 129 ? 4.654   -14.932 -3.186  1.00 40.00 ? 134 TYR A CD1 1 
ATOM   990  C CD2 . TYR A 1 129 ? 3.404   -16.064 -4.874  1.00 38.93 ? 134 TYR A CD2 1 
ATOM   991  C CE1 . TYR A 1 129 ? 5.482   -14.396 -4.143  1.00 35.32 ? 134 TYR A CE1 1 
ATOM   992  C CE2 . TYR A 1 129 ? 4.225   -15.521 -5.842  1.00 37.60 ? 134 TYR A CE2 1 
ATOM   993  C CZ  . TYR A 1 129 ? 5.264   -14.695 -5.469  1.00 38.21 ? 134 TYR A CZ  1 
ATOM   994  O OH  . TYR A 1 129 ? 6.096   -14.160 -6.431  1.00 46.00 ? 134 TYR A OH  1 
ATOM   995  N N   . ASP A 1 130 ? 2.648   -17.034 0.727   1.00 32.22 ? 135 ASP A N   1 
ATOM   996  C CA  . ASP A 1 130 ? 1.842   -17.290 1.908   1.00 29.08 ? 135 ASP A CA  1 
ATOM   997  C C   . ASP A 1 130 ? 0.609   -16.409 1.905   1.00 35.14 ? 135 ASP A C   1 
ATOM   998  O O   . ASP A 1 130 ? -0.412  -16.742 2.506   1.00 36.07 ? 135 ASP A O   1 
ATOM   999  C CB  . ASP A 1 130 ? 2.652   -17.028 3.179   1.00 29.40 ? 135 ASP A CB  1 
ATOM   1000 C CG  . ASP A 1 130 ? 3.822   -17.993 3.343   1.00 42.62 ? 135 ASP A CG  1 
ATOM   1001 O OD1 . ASP A 1 130 ? 3.601   -19.233 3.344   1.00 47.58 ? 135 ASP A OD1 1 
ATOM   1002 O OD2 . ASP A 1 130 ? 4.967   -17.513 3.488   1.00 44.25 ? 135 ASP A OD2 1 
ATOM   1003 N N   . MET A 1 131 ? 0.711   -15.281 1.218   1.00 35.00 ? 136 MET A N   1 
ATOM   1004 C CA  . MET A 1 131 ? -0.340  -14.283 1.227   1.00 37.50 ? 136 MET A CA  1 
ATOM   1005 C C   . MET A 1 131 ? -0.528  -13.699 -0.177  1.00 37.40 ? 136 MET A C   1 
ATOM   1006 O O   . MET A 1 131 ? 0.419   -13.638 -0.964  1.00 35.34 ? 136 MET A O   1 
ATOM   1007 C CB  . MET A 1 131 ? 0.016   -13.164 2.205   1.00 35.34 ? 136 MET A CB  1 
ATOM   1008 C CG  . MET A 1 131 ? -1.156  -12.278 2.579   1.00 40.03 ? 136 MET A CG  1 
ATOM   1009 S SD  . MET A 1 131 ? -2.110  -12.994 3.932   1.00 45.45 ? 136 MET A SD  1 
ATOM   1010 C CE  . MET A 1 131 ? -0.771  -13.600 4.941   1.00 34.21 ? 136 MET A CE  1 
ATOM   1011 N N   . TYR A 1 132 ? -1.751  -13.281 -0.488  1.00 30.33 ? 137 TYR A N   1 
ATOM   1012 C CA  . TYR A 1 132 ? -2.010  -12.549 -1.723  1.00 34.62 ? 137 TYR A CA  1 
ATOM   1013 C C   . TYR A 1 132 ? -2.675  -11.216 -1.403  1.00 30.89 ? 137 TYR A C   1 
ATOM   1014 O O   . TYR A 1 132 ? -3.315  -11.055 -0.370  1.00 29.24 ? 137 TYR A O   1 
ATOM   1015 C CB  . TYR A 1 132 ? -2.865  -13.372 -2.705  1.00 38.80 ? 137 TYR A CB  1 
ATOM   1016 C CG  . TYR A 1 132 ? -2.092  -14.450 -3.442  1.00 38.17 ? 137 TYR A CG  1 
ATOM   1017 C CD1 . TYR A 1 132 ? -1.079  -14.116 -4.326  1.00 38.00 ? 137 TYR A CD1 1 
ATOM   1018 C CD2 . TYR A 1 132 ? -2.366  -15.800 -3.241  1.00 43.56 ? 137 TYR A CD2 1 
ATOM   1019 C CE1 . TYR A 1 132 ? -0.364  -15.085 -4.994  1.00 40.62 ? 137 TYR A CE1 1 
ATOM   1020 C CE2 . TYR A 1 132 ? -1.647  -16.792 -3.914  1.00 39.68 ? 137 TYR A CE2 1 
ATOM   1021 C CZ  . TYR A 1 132 ? -0.651  -16.422 -4.786  1.00 39.86 ? 137 TYR A CZ  1 
ATOM   1022 O OH  . TYR A 1 132 ? 0.071   -17.371 -5.465  1.00 42.85 ? 137 TYR A OH  1 
ATOM   1023 N N   . HIS A 1 133 ? -2.498  -10.254 -2.291  1.00 29.54 ? 138 HIS A N   1 
ATOM   1024 C CA  . HIS A 1 133 ? -3.021  -8.914  -2.078  1.00 31.55 ? 138 HIS A CA  1 
ATOM   1025 C C   . HIS A 1 133 ? -3.709  -8.466  -3.342  1.00 31.79 ? 138 HIS A C   1 
ATOM   1026 O O   . HIS A 1 133 ? -3.129  -8.534  -4.425  1.00 30.61 ? 138 HIS A O   1 
ATOM   1027 C CB  . HIS A 1 133 ? -1.891  -7.939  -1.722  1.00 29.05 ? 138 HIS A CB  1 
ATOM   1028 C CG  . HIS A 1 133 ? -1.056  -8.390  -0.568  1.00 27.26 ? 138 HIS A CG  1 
ATOM   1029 N ND1 . HIS A 1 133 ? -0.007  -9.270  -0.711  1.00 29.15 ? 138 HIS A ND1 1 
ATOM   1030 C CD2 . HIS A 1 133 ? -1.136  -8.110  0.752   1.00 28.28 ? 138 HIS A CD2 1 
ATOM   1031 C CE1 . HIS A 1 133 ? 0.530   -9.507  0.471   1.00 28.05 ? 138 HIS A CE1 1 
ATOM   1032 N NE2 . HIS A 1 133 ? -0.131  -8.808  1.376   1.00 27.94 ? 138 HIS A NE2 1 
ATOM   1033 N N   . LEU A 1 134 ? -4.955  -8.023  -3.199  1.00 32.59 ? 139 LEU A N   1 
ATOM   1034 C CA  . LEU A 1 134 ? -5.756  -7.592  -4.337  1.00 31.20 ? 139 LEU A CA  1 
ATOM   1035 C C   . LEU A 1 134 ? -5.822  -6.070  -4.439  1.00 29.92 ? 139 LEU A C   1 
ATOM   1036 O O   . LEU A 1 134 ? -6.271  -5.393  -3.526  1.00 29.59 ? 139 LEU A O   1 
ATOM   1037 C CB  . LEU A 1 134 ? -7.170  -8.153  -4.232  1.00 28.97 ? 139 LEU A CB  1 
ATOM   1038 C CG  . LEU A 1 134 ? -7.999  -8.015  -5.502  1.00 28.13 ? 139 LEU A CG  1 
ATOM   1039 C CD1 . LEU A 1 134 ? -7.434  -8.907  -6.608  1.00 28.24 ? 139 LEU A CD1 1 
ATOM   1040 C CD2 . LEU A 1 134 ? -9.449  -8.334  -5.221  1.00 29.57 ? 139 LEU A CD2 1 
ATOM   1041 N N   . SER A 1 135 ? -5.389  -5.537  -5.568  1.00 29.78 ? 140 SER A N   1 
ATOM   1042 C CA  . SER A 1 135 ? -5.477  -4.113  -5.787  1.00 30.36 ? 140 SER A CA  1 
ATOM   1043 C C   . SER A 1 135 ? -6.458  -3.778  -6.885  1.00 31.03 ? 140 SER A C   1 
ATOM   1044 O O   . SER A 1 135 ? -6.392  -4.333  -7.974  1.00 34.20 ? 140 SER A O   1 
ATOM   1045 C CB  . SER A 1 135 ? -4.110  -3.548  -6.156  1.00 33.29 ? 140 SER A CB  1 
ATOM   1046 O OG  . SER A 1 135 ? -4.248  -2.286  -6.771  1.00 36.98 ? 140 SER A OG  1 
ATOM   1047 N N   . ARG A 1 136 ? -7.384  -2.879  -6.577  1.00 30.61 ? 141 ARG A N   1 
ATOM   1048 C CA  . ARG A 1 136 ? -8.208  -2.228  -7.585  1.00 32.81 ? 141 ARG A CA  1 
ATOM   1049 C C   . ARG A 1 136 ? -7.557  -0.886  -7.925  1.00 33.36 ? 141 ARG A C   1 
ATOM   1050 O O   . ARG A 1 136 ? -7.317  -0.068  -7.038  1.00 31.32 ? 141 ARG A O   1 
ATOM   1051 C CB  . ARG A 1 136 ? -9.617  -2.005  -7.043  1.00 33.36 ? 141 ARG A CB  1 
ATOM   1052 C CG  . ARG A 1 136 ? -10.628 -1.616  -8.089  1.00 33.32 ? 141 ARG A CG  1 
ATOM   1053 C CD  . ARG A 1 136 ? -12.014 -1.430  -7.498  1.00 32.66 ? 141 ARG A CD  1 
ATOM   1054 N NE  . ARG A 1 136 ? -12.858 -0.704  -8.437  1.00 37.28 ? 141 ARG A NE  1 
ATOM   1055 C CZ  . ARG A 1 136 ? -12.971 0.623   -8.467  1.00 42.82 ? 141 ARG A CZ  1 
ATOM   1056 N NH1 . ARG A 1 136 ? -12.325 1.375   -7.583  1.00 40.59 ? 141 ARG A NH1 1 
ATOM   1057 N NH2 . ARG A 1 136 ? -13.741 1.205   -9.376  1.00 42.71 ? 141 ARG A NH2 1 
ATOM   1058 N N   . GLU A 1 137 ? -7.241  -0.679  -9.200  1.00 34.81 ? 142 GLU A N   1 
ATOM   1059 C CA  . GLU A 1 137 ? -6.652  0.588   -9.636  1.00 39.87 ? 142 GLU A CA  1 
ATOM   1060 C C   . GLU A 1 137 ? -7.381  1.777   -9.041  1.00 43.86 ? 142 GLU A C   1 
ATOM   1061 O O   . GLU A 1 137 ? -8.615  1.870   -9.090  1.00 36.05 ? 142 GLU A O   1 
ATOM   1062 C CB  . GLU A 1 137 ? -6.683  0.730   -11.154 1.00 42.38 ? 142 GLU A CB  1 
ATOM   1063 C CG  . GLU A 1 137 ? -5.296  0.722   -11.807 1.00 52.84 ? 142 GLU A CG  1 
ATOM   1064 C CD  . GLU A 1 137 ? -5.291  1.289   -13.229 1.00 51.37 ? 142 GLU A CD  1 
ATOM   1065 O OE1 . GLU A 1 137 ? -4.367  0.994   -14.020 1.00 50.58 ? 142 GLU A OE1 1 
ATOM   1066 O OE2 . GLU A 1 137 ? -6.227  2.036   -13.556 1.00 52.56 ? 142 GLU A OE2 1 
ATOM   1067 N N   . GLY A 1 138 ? -6.612  2.689   -8.469  1.00 44.62 ? 143 GLY A N   1 
ATOM   1068 C CA  . GLY A 1 138 ? -7.176  3.930   -7.993  1.00 39.84 ? 143 GLY A CA  1 
ATOM   1069 C C   . GLY A 1 138 ? -7.521  3.895   -6.525  1.00 40.02 ? 143 GLY A C   1 
ATOM   1070 O O   . GLY A 1 138 ? -8.112  4.835   -6.009  1.00 40.57 ? 143 GLY A O   1 
ATOM   1071 N N   . GLU A 1 139 ? -7.162  2.810   -5.849  1.00 39.90 ? 144 GLU A N   1 
ATOM   1072 C CA  . GLU A 1 139 ? -7.377  2.726   -4.414  1.00 33.03 ? 144 GLU A CA  1 
ATOM   1073 C C   . GLU A 1 139 ? -6.059  2.645   -3.658  1.00 37.89 ? 144 GLU A C   1 
ATOM   1074 O O   . GLU A 1 139 ? -5.029  2.309   -4.228  1.00 39.78 ? 144 GLU A O   1 
ATOM   1075 C CB  . GLU A 1 139 ? -8.270  1.544   -4.077  1.00 36.99 ? 144 GLU A CB  1 
ATOM   1076 C CG  . GLU A 1 139 ? -9.692  1.704   -4.561  1.00 39.40 ? 144 GLU A CG  1 
ATOM   1077 C CD  . GLU A 1 139 ? -10.588 0.605   -4.026  1.00 39.49 ? 144 GLU A CD  1 
ATOM   1078 O OE1 . GLU A 1 139 ? -10.076 -0.252  -3.277  1.00 39.36 ? 144 GLU A OE1 1 
ATOM   1079 O OE2 . GLU A 1 139 ? -11.794 0.598   -4.351  1.00 43.69 ? 144 GLU A OE2 1 
ATOM   1080 N N   . ALA A 1 140 ? -6.119  2.920   -2.360  1.00 41.45 ? 145 ALA A N   1 
ATOM   1081 C CA  . ALA A 1 140 ? -4.934  3.146   -1.548  1.00 44.86 ? 145 ALA A CA  1 
ATOM   1082 C C   . ALA A 1 140 ? -4.725  2.010   -0.560  1.00 42.44 ? 145 ALA A C   1 
ATOM   1083 O O   . ALA A 1 140 ? -3.776  2.008   0.220   1.00 48.13 ? 145 ALA A O   1 
ATOM   1084 C CB  . ALA A 1 140 ? -5.056  4.477   -0.803  1.00 50.61 ? 145 ALA A CB  1 
ATOM   1085 N N   . HIS A 1 141 ? -5.645  1.063   -0.572  1.00 39.79 ? 146 HIS A N   1 
ATOM   1086 C CA  . HIS A 1 141 ? -5.549  -0.102  0.276   1.00 37.85 ? 146 HIS A CA  1 
ATOM   1087 C C   . HIS A 1 141 ? -5.722  -1.331  -0.591  1.00 39.27 ? 146 HIS A C   1 
ATOM   1088 O O   . HIS A 1 141 ? -6.235  -1.245  -1.708  1.00 39.00 ? 146 HIS A O   1 
ATOM   1089 C CB  . HIS A 1 141 ? -6.610  -0.060  1.372   1.00 43.87 ? 146 HIS A CB  1 
ATOM   1090 C CG  . HIS A 1 141 ? -6.303  0.906   2.478   1.00 53.06 ? 146 HIS A CG  1 
ATOM   1091 N ND1 . HIS A 1 141 ? -7.041  2.051   2.694   1.00 51.92 ? 146 HIS A ND1 1 
ATOM   1092 C CD2 . HIS A 1 141 ? -5.342  0.893   3.434   1.00 49.98 ? 146 HIS A CD2 1 
ATOM   1093 C CE1 . HIS A 1 141 ? -6.546  2.705   3.730   1.00 47.62 ? 146 HIS A CE1 1 
ATOM   1094 N NE2 . HIS A 1 141 ? -5.515  2.024   4.197   1.00 49.98 ? 146 HIS A NE2 1 
ATOM   1095 N N   . GLU A 1 142 ? -5.273  -2.473  -0.085  1.00 37.84 ? 147 GLU A N   1 
ATOM   1096 C CA  . GLU A 1 142 ? -5.435  -3.732  -0.794  1.00 33.78 ? 147 GLU A CA  1 
ATOM   1097 C C   . GLU A 1 142 ? -5.906  -4.842  0.129   1.00 31.62 ? 147 GLU A C   1 
ATOM   1098 O O   . GLU A 1 142 ? -5.345  -5.043  1.208   1.00 34.34 ? 147 GLU A O   1 
ATOM   1099 C CB  . GLU A 1 142 ? -4.117  -4.142  -1.432  1.00 33.02 ? 147 GLU A CB  1 
ATOM   1100 C CG  . GLU A 1 142 ? -3.650  -3.214  -2.510  1.00 34.35 ? 147 GLU A CG  1 
ATOM   1101 C CD  . GLU A 1 142 ? -2.843  -2.081  -1.967  1.00 34.40 ? 147 GLU A CD  1 
ATOM   1102 O OE1 . GLU A 1 142 ? -2.370  -2.183  -0.822  1.00 36.42 ? 147 GLU A OE1 1 
ATOM   1103 O OE2 . GLU A 1 142 ? -2.681  -1.081  -2.687  1.00 43.42 ? 147 GLU A OE2 1 
ATOM   1104 N N   . ARG A 1 143 ? -6.922  -5.581  -0.299  1.00 35.36 ? 148 ARG A N   1 
ATOM   1105 C CA  . ARG A 1 143 ? -7.365  -6.748  0.464   1.00 31.72 ? 148 ARG A CA  1 
ATOM   1106 C C   . ARG A 1 143 ? -6.242  -7.741  0.483   1.00 31.96 ? 148 ARG A C   1 
ATOM   1107 O O   . ARG A 1 143 ? -5.461  -7.811  -0.465  1.00 30.46 ? 148 ARG A O   1 
ATOM   1108 C CB  . ARG A 1 143 ? -8.557  -7.422  -0.191  1.00 29.36 ? 148 ARG A CB  1 
ATOM   1109 C CG  . ARG A 1 143 ? -9.674  -6.495  -0.554  1.00 35.99 ? 148 ARG A CG  1 
ATOM   1110 C CD  . ARG A 1 143 ? -10.746 -7.252  -1.316  1.00 36.36 ? 148 ARG A CD  1 
ATOM   1111 N NE  . ARG A 1 143 ? -11.599 -6.330  -2.046  1.00 42.29 ? 148 ARG A NE  1 
ATOM   1112 C CZ  . ARG A 1 143 ? -12.727 -6.677  -2.648  1.00 46.04 ? 148 ARG A CZ  1 
ATOM   1113 N NH1 . ARG A 1 143 ? -13.138 -7.939  -2.597  1.00 42.07 ? 148 ARG A NH1 1 
ATOM   1114 N NH2 . ARG A 1 143 ? -13.445 -5.761  -3.296  1.00 42.93 ? 148 ARG A NH2 1 
ATOM   1115 N N   . ARG A 1 144 ? -6.173  -8.523  1.551   1.00 31.65 ? 149 ARG A N   1 
ATOM   1116 C CA  . ARG A 1 144 ? -5.278  -9.661  1.577   1.00 31.69 ? 149 ARG A CA  1 
ATOM   1117 C C   . ARG A 1 144 ? -5.957  -10.927 2.078   1.00 36.83 ? 149 ARG A C   1 
ATOM   1118 O O   . ARG A 1 144 ? -6.837  -10.907 2.948   1.00 36.89 ? 149 ARG A O   1 
ATOM   1119 C CB  . ARG A 1 144 ? -4.032  -9.369  2.406   1.00 33.15 ? 149 ARG A CB  1 
ATOM   1120 C CG  . ARG A 1 144 ? -4.321  -9.050  3.844   1.00 37.40 ? 149 ARG A CG  1 
ATOM   1121 C CD  . ARG A 1 144 ? -3.047  -8.986  4.648   1.00 41.96 ? 149 ARG A CD  1 
ATOM   1122 N NE  . ARG A 1 144 ? -3.096  -7.887  5.602   1.00 52.48 ? 149 ARG A NE  1 
ATOM   1123 C CZ  . ARG A 1 144 ? -3.746  -7.928  6.763   1.00 64.98 ? 149 ARG A CZ  1 
ATOM   1124 N NH1 . ARG A 1 144 ? -4.394  -9.032  7.130   1.00 55.69 ? 149 ARG A NH1 1 
ATOM   1125 N NH2 . ARG A 1 144 ? -3.742  -6.862  7.558   1.00 68.04 ? 149 ARG A NH2 1 
ATOM   1126 N N   . LEU A 1 145 ? -5.523  -12.042 1.518   1.00 36.18 ? 150 LEU A N   1 
ATOM   1127 C CA  . LEU A 1 145 ? -6.069  -13.333 1.860   1.00 34.46 ? 150 LEU A CA  1 
ATOM   1128 C C   . LEU A 1 145 ? -4.897  -14.295 1.931   1.00 34.99 ? 150 LEU A C   1 
ATOM   1129 O O   . LEU A 1 145 ? -3.939  -14.154 1.190   1.00 38.66 ? 150 LEU A O   1 
ATOM   1130 C CB  . LEU A 1 145 ? -7.076  -13.782 0.799   1.00 29.72 ? 150 LEU A CB  1 
ATOM   1131 C CG  . LEU A 1 145 ? -8.549  -13.371 0.936   1.00 31.84 ? 150 LEU A CG  1 
ATOM   1132 C CD1 . LEU A 1 145 ? -9.391  -14.056 -0.137  1.00 29.92 ? 150 LEU A CD1 1 
ATOM   1133 C CD2 . LEU A 1 145 ? -9.119  -13.688 2.311   1.00 29.37 ? 150 LEU A CD2 1 
ATOM   1134 N N   . PRO A 1 146 ? -4.960  -15.268 2.839   1.00 34.85 ? 151 PRO A N   1 
ATOM   1135 C CA  . PRO A 1 146 ? -3.894  -16.270 2.906   1.00 35.71 ? 151 PRO A CA  1 
ATOM   1136 C C   . PRO A 1 146 ? -3.935  -17.183 1.689   1.00 35.20 ? 151 PRO A C   1 
ATOM   1137 O O   . PRO A 1 146 ? -5.008  -17.675 1.330   1.00 36.13 ? 151 PRO A O   1 
ATOM   1138 C CB  . PRO A 1 146 ? -4.251  -17.085 4.154   1.00 33.61 ? 151 PRO A CB  1 
ATOM   1139 C CG  . PRO A 1 146 ? -5.385  -16.356 4.827   1.00 37.07 ? 151 PRO A CG  1 
ATOM   1140 C CD  . PRO A 1 146 ? -6.059  -15.553 3.773   1.00 37.66 ? 151 PRO A CD  1 
ATOM   1141 N N   . ALA A 1 147 ? -2.790  -17.412 1.062   1.00 32.08 ? 152 ALA A N   1 
ATOM   1142 C CA  . ALA A 1 147 ? -2.721  -18.409 0.003   1.00 39.47 ? 152 ALA A CA  1 
ATOM   1143 C C   . ALA A 1 147 ? -2.864  -19.837 0.556   1.00 43.08 ? 152 ALA A C   1 
ATOM   1144 O O   . ALA A 1 147 ? -2.095  -20.273 1.414   1.00 38.95 ? 152 ALA A O   1 
ATOM   1145 C CB  . ALA A 1 147 ? -1.434  -18.270 -0.788  1.00 38.33 ? 152 ALA A CB  1 
ATOM   1146 N N   . VAL A 1 148 ? -3.874  -20.547 0.071   1.00 43.33 ? 153 VAL A N   1 
ATOM   1147 C CA  . VAL A 1 148 ? -3.992  -21.970 0.320   1.00 43.42 ? 153 VAL A CA  1 
ATOM   1148 C C   . VAL A 1 148 ? -3.419  -22.723 -0.882  1.00 49.46 ? 153 VAL A C   1 
ATOM   1149 O O   . VAL A 1 148 ? -3.503  -22.258 -2.021  1.00 51.19 ? 153 VAL A O   1 
ATOM   1150 C CB  . VAL A 1 148 ? -5.442  -22.395 0.592   1.00 42.65 ? 153 VAL A CB  1 
ATOM   1151 C CG1 . VAL A 1 148 ? -6.403  -21.554 -0.216  1.00 45.12 ? 153 VAL A CG1 1 
ATOM   1152 C CG2 . VAL A 1 148 ? -5.620  -23.869 0.273   1.00 45.41 ? 153 VAL A CG2 1 
ATOM   1153 N N   . ARG A 1 149 ? -2.811  -23.872 -0.616  1.00 51.36 ? 154 ARG A N   1 
ATOM   1154 C CA  . ARG A 1 149 ? -2.114  -24.638 -1.642  1.00 52.89 ? 154 ARG A CA  1 
ATOM   1155 C C   . ARG A 1 149 ? -2.957  -25.846 -2.115  1.00 53.54 ? 154 ARG A C   1 
ATOM   1156 O O   . ARG A 1 149 ? -3.595  -26.529 -1.303  1.00 46.26 ? 154 ARG A O   1 
ATOM   1157 C CB  . ARG A 1 149 ? -0.765  -25.089 -1.080  1.00 58.74 ? 154 ARG A CB  1 
ATOM   1158 C CG  . ARG A 1 149 ? 0.000   -26.083 -1.951  1.00 57.12 ? 154 ARG A CG  1 
ATOM   1159 C CD  . ARG A 1 149 ? 1.038   -26.820 -1.109  1.00 61.81 ? 154 ARG A CD  1 
ATOM   1160 N NE  . ARG A 1 149 ? 2.033   -27.529 -1.918  1.00 69.33 ? 154 ARG A NE  1 
ATOM   1161 C CZ  . ARG A 1 149 ? 1.783   -28.587 -2.688  1.00 64.56 ? 154 ARG A CZ  1 
ATOM   1162 N NH1 . ARG A 1 149 ? 0.552   -29.072 -2.793  1.00 58.85 ? 154 ARG A NH1 1 
ATOM   1163 N NH2 . ARG A 1 149 ? 2.771   -29.157 -3.371  1.00 63.60 ? 154 ARG A NH2 1 
ATOM   1164 N N   . SER A 1 150 ? -2.972  -26.091 -3.424  1.00 47.61 ? 155 SER A N   1 
ATOM   1165 C CA  . SER A 1 150 ? -3.788  -27.163 -3.987  1.00 51.50 ? 155 SER A CA  1 
ATOM   1166 C C   . SER A 1 150 ? -2.962  -28.407 -4.342  1.00 52.61 ? 155 SER A C   1 
ATOM   1167 O O   . SER A 1 150 ? -1.781  -28.306 -4.668  1.00 49.80 ? 155 SER A O   1 
ATOM   1168 C CB  . SER A 1 150 ? -4.555  -26.662 -5.207  1.00 43.40 ? 155 SER A CB  1 
ATOM   1169 O OG  . SER A 1 150 ? -3.672  -26.240 -6.219  1.00 50.60 ? 155 SER A OG  1 
ATOM   1170 N N   . ILE A 1 151 ? -3.589  -29.579 -4.279  1.00 52.79 ? 156 ILE A N   1 
ATOM   1171 C CA  . ILE A 1 151 ? -2.900  -30.834 -4.581  1.00 48.15 ? 156 ILE A CA  1 
ATOM   1172 C C   . ILE A 1 151 ? -2.048  -30.721 -5.837  1.00 52.41 ? 156 ILE A C   1 
ATOM   1173 O O   . ILE A 1 151 ? -0.943  -31.282 -5.919  1.00 47.98 ? 156 ILE A O   1 
ATOM   1174 C CB  . ILE A 1 151 ? -3.890  -31.982 -4.784  1.00 49.02 ? 156 ILE A CB  1 
ATOM   1175 C CG1 . ILE A 1 151 ? -4.939  -31.985 -3.668  1.00 52.25 ? 156 ILE A CG1 1 
ATOM   1176 C CG2 . ILE A 1 151 ? -3.146  -33.326 -4.845  1.00 48.10 ? 156 ILE A CG2 1 
ATOM   1177 C CD1 . ILE A 1 151 ? -5.943  -33.102 -3.781  1.00 44.22 ? 156 ILE A CD1 1 
ATOM   1178 N N   . ASN A 1 152 ? -2.572  -29.980 -6.807  1.00 55.62 ? 157 ASN A N   1 
ATOM   1179 C CA  . ASN A 1 152 ? -1.928  -29.817 -8.104  1.00 54.27 ? 157 ASN A CA  1 
ATOM   1180 C C   . ASN A 1 152 ? -0.626  -29.026 -8.013  1.00 52.64 ? 157 ASN A C   1 
ATOM   1181 O O   . ASN A 1 152 ? 0.135   -28.960 -8.981  1.00 48.94 ? 157 ASN A O   1 
ATOM   1182 C CB  . ASN A 1 152 ? -2.898  -29.143 -9.069  1.00 57.76 ? 157 ASN A CB  1 
ATOM   1183 C CG  . ASN A 1 152 ? -4.267  -29.814 -9.082  1.00 52.77 ? 157 ASN A CG  1 
ATOM   1184 O OD1 . ASN A 1 152 ? -4.393  -30.996 -9.438  1.00 47.30 ? 157 ASN A OD1 1 
ATOM   1185 N ND2 . ASN A 1 152 ? -5.303  -29.059 -8.703  1.00 39.56 ? 157 ASN A ND2 1 
ATOM   1186 N N   . GLY A 1 153 ? -0.385  -28.428 -6.847  1.00 52.56 ? 158 GLY A N   1 
ATOM   1187 C CA  . GLY A 1 153 ? 0.827   -27.666 -6.589  1.00 51.50 ? 158 GLY A CA  1 
ATOM   1188 C C   . GLY A 1 153 ? 0.681   -26.155 -6.721  1.00 55.12 ? 158 GLY A C   1 
ATOM   1189 O O   . GLY A 1 153 ? 1.688   -25.426 -6.718  1.00 56.41 ? 158 GLY A O   1 
ATOM   1190 N N   . THR A 1 154 ? -0.560  -25.677 -6.828  1.00 51.86 ? 159 THR A N   1 
ATOM   1191 C CA  . THR A 1 154 ? -0.807  -24.252 -7.066  1.00 52.09 ? 159 THR A CA  1 
ATOM   1192 C C   . THR A 1 154 ? -1.176  -23.490 -5.799  1.00 48.67 ? 159 THR A C   1 
ATOM   1193 O O   . THR A 1 154 ? -1.950  -23.969 -4.976  1.00 48.50 ? 159 THR A O   1 
ATOM   1194 C CB  . THR A 1 154 ? -1.887  -24.025 -8.136  1.00 50.19 ? 159 THR A CB  1 
ATOM   1195 O OG1 . THR A 1 154 ? -1.469  -24.623 -9.366  1.00 52.70 ? 159 THR A OG1 1 
ATOM   1196 C CG2 . THR A 1 154 ? -2.087  -22.549 -8.379  1.00 48.86 ? 159 THR A CG2 1 
ATOM   1197 N N   . PHE A 1 155 ? -0.592  -22.307 -5.639  1.00 50.43 ? 160 PHE A N   1 
ATOM   1198 C CA  . PHE A 1 155 ? -0.874  -21.462 -4.475  1.00 49.26 ? 160 PHE A CA  1 
ATOM   1199 C C   . PHE A 1 155 ? -1.862  -20.380 -4.867  1.00 43.69 ? 160 PHE A C   1 
ATOM   1200 O O   . PHE A 1 155 ? -1.638  -19.616 -5.810  1.00 43.37 ? 160 PHE A O   1 
ATOM   1201 C CB  . PHE A 1 155 ? 0.414   -20.866 -3.903  1.00 45.74 ? 160 PHE A CB  1 
ATOM   1202 C CG  . PHE A 1 155 ? 1.372   -21.902 -3.393  1.00 50.74 ? 160 PHE A CG  1 
ATOM   1203 C CD1 . PHE A 1 155 ? 1.212   -22.437 -2.131  1.00 48.92 ? 160 PHE A CD1 1 
ATOM   1204 C CD2 . PHE A 1 155 ? 2.414   -22.364 -4.189  1.00 53.25 ? 160 PHE A CD2 1 
ATOM   1205 C CE1 . PHE A 1 155 ? 2.080   -23.400 -1.661  1.00 54.29 ? 160 PHE A CE1 1 
ATOM   1206 C CE2 . PHE A 1 155 ? 3.288   -23.324 -3.727  1.00 52.14 ? 160 PHE A CE2 1 
ATOM   1207 C CZ  . PHE A 1 155 ? 3.121   -23.846 -2.463  1.00 57.76 ? 160 PHE A CZ  1 
ATOM   1208 N N   . GLN A 1 156 ? -2.966  -20.325 -4.146  1.00 38.59 ? 161 GLN A N   1 
ATOM   1209 C CA  . GLN A 1 156 ? -4.101  -19.583 -4.639  1.00 44.66 ? 161 GLN A CA  1 
ATOM   1210 C C   . GLN A 1 156 ? -4.928  -18.949 -3.529  1.00 43.30 ? 161 GLN A C   1 
ATOM   1211 O O   . GLN A 1 156 ? -5.055  -19.497 -2.437  1.00 42.04 ? 161 GLN A O   1 
ATOM   1212 C CB  . GLN A 1 156 ? -4.979  -20.526 -5.466  1.00 47.24 ? 161 GLN A CB  1 
ATOM   1213 C CG  . GLN A 1 156 ? -5.912  -19.839 -6.454  1.00 48.19 ? 161 GLN A CG  1 
ATOM   1214 C CD  . GLN A 1 156 ? -6.311  -20.762 -7.588  1.00 50.04 ? 161 GLN A CD  1 
ATOM   1215 O OE1 . GLN A 1 156 ? -5.736  -21.846 -7.747  1.00 49.95 ? 161 GLN A OE1 1 
ATOM   1216 N NE2 . GLN A 1 156 ? -7.288  -20.340 -8.388  1.00 46.56 ? 161 GLN A NE2 1 
ATOM   1217 N N   . ALA A 1 157 ? -5.489  -17.785 -3.827  1.00 37.98 ? 162 ALA A N   1 
ATOM   1218 C CA  . ALA A 1 157 ? -6.492  -17.172 -2.966  1.00 39.39 ? 162 ALA A CA  1 
ATOM   1219 C C   . ALA A 1 157 ? -7.619  -16.621 -3.831  1.00 38.15 ? 162 ALA A C   1 
ATOM   1220 O O   . ALA A 1 157 ? -7.390  -16.132 -4.943  1.00 38.25 ? 162 ALA A O   1 
ATOM   1221 C CB  . ALA A 1 157 ? -5.882  -16.073 -2.124  1.00 34.36 ? 162 ALA A CB  1 
ATOM   1222 N N   . ASP A 1 158 ? -8.837  -16.697 -3.319  1.00 35.89 ? 163 ASP A N   1 
ATOM   1223 C CA  . ASP A 1 158 ? -10.004 -16.291 -4.082  1.00 34.60 ? 163 ASP A CA  1 
ATOM   1224 C C   . ASP A 1 158 ? -10.734 -15.114 -3.430  1.00 39.87 ? 163 ASP A C   1 
ATOM   1225 O O   . ASP A 1 158 ? -11.314 -15.249 -2.348  1.00 36.17 ? 163 ASP A O   1 
ATOM   1226 C CB  . ASP A 1 158 ? -10.942 -17.483 -4.250  1.00 38.81 ? 163 ASP A CB  1 
ATOM   1227 C CG  . ASP A 1 158 ? -10.324 -18.600 -5.094  1.00 42.23 ? 163 ASP A CG  1 
ATOM   1228 O OD1 . ASP A 1 158 ? -9.563  -18.278 -6.030  1.00 41.81 ? 163 ASP A OD1 1 
ATOM   1229 O OD2 . ASP A 1 158 ? -10.598 -19.792 -4.828  1.00 35.40 ? 163 ASP A OD2 1 
ATOM   1230 N N   . PHE A 1 159 ? -10.695 -13.957 -4.093  1.00 36.86 ? 164 PHE A N   1 
ATOM   1231 C CA  . PHE A 1 159 ? -11.351 -12.758 -3.584  1.00 33.62 ? 164 PHE A CA  1 
ATOM   1232 C C   . PHE A 1 159 ? -12.715 -12.548 -4.226  1.00 35.39 ? 164 PHE A C   1 
ATOM   1233 O O   . PHE A 1 159 ? -12.804 -12.192 -5.392  1.00 35.77 ? 164 PHE A O   1 
ATOM   1234 C CB  . PHE A 1 159 ? -10.509 -11.517 -3.873  1.00 36.49 ? 164 PHE A CB  1 
ATOM   1235 C CG  . PHE A 1 159 ? -9.136  -11.540 -3.262  1.00 32.35 ? 164 PHE A CG  1 
ATOM   1236 C CD1 . PHE A 1 159 ? -8.048  -12.021 -3.986  1.00 32.36 ? 164 PHE A CD1 1 
ATOM   1237 C CD2 . PHE A 1 159 ? -8.922  -11.055 -1.987  1.00 30.10 ? 164 PHE A CD2 1 
ATOM   1238 C CE1 . PHE A 1 159 ? -6.777  -12.039 -3.448  1.00 29.95 ? 164 PHE A CE1 1 
ATOM   1239 C CE2 . PHE A 1 159 ? -7.634  -11.064 -1.437  1.00 34.12 ? 164 PHE A CE2 1 
ATOM   1240 C CZ  . PHE A 1 159 ? -6.562  -11.561 -2.178  1.00 30.86 ? 164 PHE A CZ  1 
ATOM   1241 N N   . PRO A 1 160 ? -13.791 -12.758 -3.465  1.00 36.88 ? 165 PRO A N   1 
ATOM   1242 C CA  . PRO A 1 160 ? -15.105 -12.423 -4.015  1.00 35.91 ? 165 PRO A CA  1 
ATOM   1243 C C   . PRO A 1 160 ? -15.310 -10.910 -3.984  1.00 35.92 ? 165 PRO A C   1 
ATOM   1244 O O   . PRO A 1 160 ? -15.064 -10.294 -2.946  1.00 37.28 ? 165 PRO A O   1 
ATOM   1245 C CB  . PRO A 1 160 ? -16.069 -13.118 -3.043  1.00 32.44 ? 165 PRO A CB  1 
ATOM   1246 C CG  . PRO A 1 160 ? -15.298 -13.176 -1.769  1.00 31.41 ? 165 PRO A CG  1 
ATOM   1247 C CD  . PRO A 1 160 ? -13.906 -13.506 -2.205  1.00 35.56 ? 165 PRO A CD  1 
ATOM   1248 N N   . LEU A 1 161 ? -15.765 -10.332 -5.095  1.00 34.25 ? 166 LEU A N   1 
ATOM   1249 C CA  . LEU A 1 161 ? -15.936 -8.884  -5.214  1.00 34.77 ? 166 LEU A CA  1 
ATOM   1250 C C   . LEU A 1 161 ? -17.262 -8.407  -4.652  1.00 35.38 ? 166 LEU A C   1 
ATOM   1251 O O   . LEU A 1 161 ? -17.484 -7.212  -4.507  1.00 37.56 ? 166 LEU A O   1 
ATOM   1252 C CB  . LEU A 1 161 ? -15.835 -8.448  -6.673  1.00 31.25 ? 166 LEU A CB  1 
ATOM   1253 C CG  . LEU A 1 161 ? -14.510 -8.684  -7.393  1.00 33.46 ? 166 LEU A CG  1 
ATOM   1254 C CD1 . LEU A 1 161 ? -14.460 -7.867  -8.675  1.00 31.20 ? 166 LEU A CD1 1 
ATOM   1255 C CD2 . LEU A 1 161 ? -13.333 -8.351  -6.492  1.00 33.37 ? 166 LEU A CD2 1 
ATOM   1256 N N   . GLY A 1 162 ? -18.155 -9.339  -4.354  1.00 38.39 ? 167 GLY A N   1 
ATOM   1257 C CA  . GLY A 1 162 ? -19.449 -8.982  -3.804  1.00 36.82 ? 167 GLY A CA  1 
ATOM   1258 C C   . GLY A 1 162 ? -20.402 -8.535  -4.887  1.00 36.03 ? 167 GLY A C   1 
ATOM   1259 O O   . GLY A 1 162 ? -20.103 -8.685  -6.066  1.00 39.55 ? 167 GLY A O   1 
ATOM   1260 N N   . PRO A 1 163 ? -21.560 -7.989  -4.492  1.00 42.83 ? 168 PRO A N   1 
ATOM   1261 C CA  . PRO A 1 163 ? -22.547 -7.519  -5.474  1.00 39.98 ? 168 PRO A CA  1 
ATOM   1262 C C   . PRO A 1 163 ? -21.933 -6.476  -6.405  1.00 36.78 ? 168 PRO A C   1 
ATOM   1263 O O   . PRO A 1 163 ? -21.618 -5.365  -5.970  1.00 40.80 ? 168 PRO A O   1 
ATOM   1264 C CB  . PRO A 1 163 ? -23.630 -6.882  -4.594  1.00 32.69 ? 168 PRO A CB  1 
ATOM   1265 C CG  . PRO A 1 163 ? -22.921 -6.579  -3.268  1.00 33.72 ? 168 PRO A CG  1 
ATOM   1266 C CD  . PRO A 1 163 ? -22.013 -7.752  -3.108  1.00 40.22 ? 168 PRO A CD  1 
ATOM   1267 N N   . ALA A 1 164 ? -21.756 -6.829  -7.670  1.00 35.88 ? 169 ALA A N   1 
ATOM   1268 C CA  . ALA A 1 164 ? -21.168 -5.909  -8.639  1.00 38.09 ? 169 ALA A CA  1 
ATOM   1269 C C   . ALA A 1 164 ? -21.856 -4.541  -8.704  1.00 39.19 ? 169 ALA A C   1 
ATOM   1270 O O   . ALA A 1 164 ? -23.049 -4.440  -8.984  1.00 37.40 ? 169 ALA A O   1 
ATOM   1271 C CB  . ALA A 1 164 ? -21.125 -6.543  -10.016 1.00 38.98 ? 169 ALA A CB  1 
ATOM   1272 N N   . THR A 1 165 ? -21.086 -3.493  -8.435  1.00 40.81 ? 170 THR A N   1 
ATOM   1273 C CA  . THR A 1 165 ? -21.545 -2.125  -8.652  1.00 43.82 ? 170 THR A CA  1 
ATOM   1274 C C   . THR A 1 165 ? -20.810 -1.487  -9.831  1.00 41.21 ? 170 THR A C   1 
ATOM   1275 O O   . THR A 1 165 ? -21.357 -1.357  -10.915 1.00 42.06 ? 170 THR A O   1 
ATOM   1276 C CB  . THR A 1 165 ? -21.344 -1.266  -7.400  1.00 44.89 ? 170 THR A CB  1 
ATOM   1277 O OG1 . THR A 1 165 ? -22.395 -1.543  -6.473  1.00 44.32 ? 170 THR A OG1 1 
ATOM   1278 C CG2 . THR A 1 165 ? -21.394 0.200   -7.753  1.00 51.64 ? 170 THR A CG2 1 
ATOM   1279 N N   . HIS A 1 166 ? -19.559 -1.112  -9.624  1.00 37.63 ? 171 HIS A N   1 
ATOM   1280 C CA  . HIS A 1 166 ? -18.799 -0.498  -10.690 1.00 40.80 ? 171 HIS A CA  1 
ATOM   1281 C C   . HIS A 1 166 ? -17.633 -1.379  -11.060 1.00 39.32 ? 171 HIS A C   1 
ATOM   1282 O O   . HIS A 1 166 ? -17.194 -2.212  -10.270 1.00 39.20 ? 171 HIS A O   1 
ATOM   1283 C CB  . HIS A 1 166 ? -18.302 0.887   -10.261 1.00 47.98 ? 171 HIS A CB  1 
ATOM   1284 C CG  . HIS A 1 166 ? -19.404 1.877   -10.026 1.00 55.79 ? 171 HIS A CG  1 
ATOM   1285 N ND1 . HIS A 1 166 ? -19.720 2.361   -8.774  1.00 55.80 ? 171 HIS A ND1 1 
ATOM   1286 C CD2 . HIS A 1 166 ? -20.275 2.463   -10.884 1.00 53.88 ? 171 HIS A CD2 1 
ATOM   1287 C CE1 . HIS A 1 166 ? -20.732 3.205   -8.871  1.00 58.10 ? 171 HIS A CE1 1 
ATOM   1288 N NE2 . HIS A 1 166 ? -21.089 3.282   -10.140 1.00 61.58 ? 171 HIS A NE2 1 
ATOM   1289 N N   . GLY A 1 167 ? -17.122 -1.191  -12.266 1.00 37.19 ? 172 GLY A N   1 
ATOM   1290 C CA  . GLY A 1 167 ? -15.981 -1.962  -12.708 1.00 39.36 ? 172 GLY A CA  1 
ATOM   1291 C C   . GLY A 1 167 ? -14.729 -1.652  -11.915 1.00 37.10 ? 172 GLY A C   1 
ATOM   1292 O O   . GLY A 1 167 ? -14.796 -1.145  -10.797 1.00 38.41 ? 172 GLY A O   1 
ATOM   1293 N N   . GLY A 1 168 ? -13.582 -1.960  -12.510 1.00 34.02 ? 173 GLY A N   1 
ATOM   1294 C CA  . GLY A 1 168 ? -12.292 -1.754  -11.884 1.00 27.96 ? 173 GLY A CA  1 
ATOM   1295 C C   . GLY A 1 168 ? -11.228 -2.536  -12.633 1.00 33.84 ? 173 GLY A C   1 
ATOM   1296 O O   . GLY A 1 168 ? -11.525 -3.560  -13.253 1.00 31.15 ? 173 GLY A O   1 
ATOM   1297 N N   . THR A 1 169 ? -9.993  -2.040  -12.598 1.00 34.51 ? 174 THR A N   1 
ATOM   1298 C CA  . THR A 1 169 ? -8.857  -2.761  -13.148 1.00 34.42 ? 174 THR A CA  1 
ATOM   1299 C C   . THR A 1 169 ? -8.130  -3.386  -11.972 1.00 34.03 ? 174 THR A C   1 
ATOM   1300 O O   . THR A 1 169 ? -7.710  -2.695  -11.046 1.00 35.13 ? 174 THR A O   1 
ATOM   1301 C CB  . THR A 1 169 ? -7.898  -1.829  -13.923 1.00 39.97 ? 174 THR A CB  1 
ATOM   1302 O OG1 . THR A 1 169 ? -8.539  -1.361  -15.115 1.00 41.73 ? 174 THR A OG1 1 
ATOM   1303 C CG2 . THR A 1 169 ? -6.633  -2.566  -14.311 1.00 35.65 ? 174 THR A CG2 1 
ATOM   1304 N N   . TYR A 1 170 ? -7.996  -4.701  -11.992 1.00 33.80 ? 175 TYR A N   1 
ATOM   1305 C CA  . TYR A 1 170 ? -7.499  -5.395  -10.808 1.00 34.40 ? 175 TYR A CA  1 
ATOM   1306 C C   . TYR A 1 170 ? -6.093  -5.943  -11.007 1.00 35.84 ? 175 TYR A C   1 
ATOM   1307 O O   . TYR A 1 170 ? -5.731  -6.376  -12.099 1.00 36.15 ? 175 TYR A O   1 
ATOM   1308 C CB  . TYR A 1 170 ? -8.468  -6.499  -10.382 1.00 28.28 ? 175 TYR A CB  1 
ATOM   1309 C CG  . TYR A 1 170 ? -9.765  -5.969  -9.836  1.00 29.04 ? 175 TYR A CG  1 
ATOM   1310 C CD1 . TYR A 1 170 ? -10.815 -5.622  -10.680 1.00 31.84 ? 175 TYR A CD1 1 
ATOM   1311 C CD2 . TYR A 1 170 ? -9.946  -5.802  -8.476  1.00 29.85 ? 175 TYR A CD2 1 
ATOM   1312 C CE1 . TYR A 1 170 ? -12.002 -5.127  -10.176 1.00 24.75 ? 175 TYR A CE1 1 
ATOM   1313 C CE2 . TYR A 1 170 ? -11.135 -5.309  -7.979  1.00 26.42 ? 175 TYR A CE2 1 
ATOM   1314 C CZ  . TYR A 1 170 ? -12.145 -4.976  -8.830  1.00 24.00 ? 175 TYR A CZ  1 
ATOM   1315 O OH  . TYR A 1 170 ? -13.312 -4.489  -8.307  1.00 28.24 ? 175 TYR A OH  1 
ATOM   1316 N N   . ARG A 1 171 ? -5.300  -5.889  -9.945  1.00 31.93 ? 176 ARG A N   1 
ATOM   1317 C CA  . ARG A 1 171 ? -3.972  -6.476  -9.948  1.00 36.66 ? 176 ARG A CA  1 
ATOM   1318 C C   . ARG A 1 171 ? -3.766  -7.214  -8.637  1.00 36.31 ? 176 ARG A C   1 
ATOM   1319 O O   . ARG A 1 171 ? -4.400  -6.887  -7.639  1.00 37.58 ? 176 ARG A O   1 
ATOM   1320 C CB  . ARG A 1 171 ? -2.909  -5.394  -10.095 1.00 37.39 ? 176 ARG A CB  1 
ATOM   1321 C CG  . ARG A 1 171 ? -2.987  -4.608  -11.373 1.00 40.27 ? 176 ARG A CG  1 
ATOM   1322 C CD  . ARG A 1 171 ? -1.844  -3.607  -11.430 1.00 43.07 ? 176 ARG A CD  1 
ATOM   1323 N NE  . ARG A 1 171 ? -1.785  -2.934  -12.719 1.00 47.42 ? 176 ARG A NE  1 
ATOM   1324 C CZ  . ARG A 1 171 ? -2.665  -2.022  -13.125 1.00 50.71 ? 176 ARG A CZ  1 
ATOM   1325 N NH1 . ARG A 1 171 ? -3.679  -1.676  -12.336 1.00 42.06 ? 176 ARG A NH1 1 
ATOM   1326 N NH2 . ARG A 1 171 ? -2.533  -1.459  -14.324 1.00 47.36 ? 176 ARG A NH2 1 
ATOM   1327 N N   . CYS A 1 172 ? -2.882  -8.204  -8.631  1.00 33.31 ? 177 CYS A N   1 
ATOM   1328 C CA  . CYS A 1 172 ? -2.559  -8.884  -7.384  1.00 36.83 ? 177 CYS A CA  1 
ATOM   1329 C C   . CYS A 1 172 ? -1.077  -9.203  -7.205  1.00 39.20 ? 177 CYS A C   1 
ATOM   1330 O O   . CYS A 1 172 ? -0.312  -9.309  -8.166  1.00 40.76 ? 177 CYS A O   1 
ATOM   1331 C CB  . CYS A 1 172 ? -3.406  -10.143 -7.187  1.00 38.98 ? 177 CYS A CB  1 
ATOM   1332 S SG  . CYS A 1 172 ? -2.886  -11.537 -8.180  1.00 52.14 ? 177 CYS A SG  1 
ATOM   1333 N N   . PHE A 1 173 ? -0.684  -9.351  -5.947  1.00 35.83 ? 178 PHE A N   1 
ATOM   1334 C CA  . PHE A 1 173 ? 0.704   -9.576  -5.624  1.00 36.51 ? 178 PHE A CA  1 
ATOM   1335 C C   . PHE A 1 173 ? 0.783   -10.688 -4.609  1.00 34.81 ? 178 PHE A C   1 
ATOM   1336 O O   . PHE A 1 173 ? -0.081  -10.813 -3.748  1.00 32.34 ? 178 PHE A O   1 
ATOM   1337 C CB  . PHE A 1 173 ? 1.343   -8.320  -5.023  1.00 34.28 ? 178 PHE A CB  1 
ATOM   1338 C CG  . PHE A 1 173 ? 1.076   -7.054  -5.793  1.00 35.78 ? 178 PHE A CG  1 
ATOM   1339 C CD1 . PHE A 1 173 ? -0.178  -6.455  -5.762  1.00 36.44 ? 178 PHE A CD1 1 
ATOM   1340 C CD2 . PHE A 1 173 ? 2.096   -6.437  -6.508  1.00 34.97 ? 178 PHE A CD2 1 
ATOM   1341 C CE1 . PHE A 1 173 ? -0.420  -5.278  -6.448  1.00 36.28 ? 178 PHE A CE1 1 
ATOM   1342 C CE2 . PHE A 1 173 ? 1.871   -5.264  -7.191  1.00 31.89 ? 178 PHE A CE2 1 
ATOM   1343 C CZ  . PHE A 1 173 ? 0.612   -4.675  -7.162  1.00 36.45 ? 178 PHE A CZ  1 
ATOM   1344 N N   . GLY A 1 174 ? 1.840   -11.484 -4.700  1.00 40.42 ? 179 GLY A N   1 
ATOM   1345 C CA  . GLY A 1 174 ? 2.126   -12.477 -3.686  1.00 36.53 ? 179 GLY A CA  1 
ATOM   1346 C C   . GLY A 1 174 ? 3.149   -11.947 -2.701  1.00 36.25 ? 179 GLY A C   1 
ATOM   1347 O O   . GLY A 1 174 ? 3.958   -11.070 -3.037  1.00 36.01 ? 179 GLY A O   1 
ATOM   1348 N N   . SER A 1 175 ? 3.105   -12.472 -1.479  1.00 37.32 ? 180 SER A N   1 
ATOM   1349 C CA  . SER A 1 175 ? 4.127   -12.185 -0.481  1.00 36.33 ? 180 SER A CA  1 
ATOM   1350 C C   . SER A 1 175 ? 4.332   -13.360 0.494   1.00 36.48 ? 180 SER A C   1 
ATOM   1351 O O   . SER A 1 175 ? 3.440   -14.175 0.710   1.00 33.02 ? 180 SER A O   1 
ATOM   1352 C CB  . SER A 1 175 ? 3.800   -10.889 0.266   1.00 33.07 ? 180 SER A CB  1 
ATOM   1353 O OG  . SER A 1 175 ? 2.633   -11.045 1.057   1.00 34.17 ? 180 SER A OG  1 
ATOM   1354 N N   . PHE A 1 176 ? 5.528   -13.421 1.067   1.00 37.03 ? 181 PHE A N   1 
ATOM   1355 C CA  . PHE A 1 176 ? 5.894   -14.407 2.070   1.00 36.65 ? 181 PHE A CA  1 
ATOM   1356 C C   . PHE A 1 176 ? 5.720   -13.870 3.489   1.00 42.40 ? 181 PHE A C   1 
ATOM   1357 O O   . PHE A 1 176 ? 5.878   -12.674 3.748   1.00 38.87 ? 181 PHE A O   1 
ATOM   1358 C CB  . PHE A 1 176 ? 7.329   -14.840 1.821   1.00 34.76 ? 181 PHE A CB  1 
ATOM   1359 C CG  . PHE A 1 176 ? 7.534   -15.409 0.457   1.00 33.98 ? 181 PHE A CG  1 
ATOM   1360 C CD1 . PHE A 1 176 ? 7.016   -16.658 0.129   1.00 37.61 ? 181 PHE A CD1 1 
ATOM   1361 C CD2 . PHE A 1 176 ? 8.205   -14.695 -0.509  1.00 38.41 ? 181 PHE A CD2 1 
ATOM   1362 C CE1 . PHE A 1 176 ? 7.181   -17.187 -1.134  1.00 36.38 ? 181 PHE A CE1 1 
ATOM   1363 C CE2 . PHE A 1 176 ? 8.373   -15.220 -1.778  1.00 40.17 ? 181 PHE A CE2 1 
ATOM   1364 C CZ  . PHE A 1 176 ? 7.860   -16.475 -2.088  1.00 32.94 ? 181 PHE A CZ  1 
ATOM   1365 N N   . ARG A 1 177 ? 5.394   -14.765 4.410   1.00 44.21 ? 182 ARG A N   1 
ATOM   1366 C CA  . ARG A 1 177 ? 4.901   -14.357 5.719   1.00 47.25 ? 182 ARG A CA  1 
ATOM   1367 C C   . ARG A 1 177 ? 5.945   -13.733 6.630   1.00 46.46 ? 182 ARG A C   1 
ATOM   1368 O O   . ARG A 1 177 ? 5.603   -13.157 7.656   1.00 47.42 ? 182 ARG A O   1 
ATOM   1369 C CB  . ARG A 1 177 ? 4.265   -15.545 6.431   1.00 53.16 ? 182 ARG A CB  1 
ATOM   1370 C CG  . ARG A 1 177 ? 5.257   -16.599 6.909   1.00 57.17 ? 182 ARG A CG  1 
ATOM   1371 C CD  . ARG A 1 177 ? 4.775   -17.195 8.223   1.00 65.71 ? 182 ARG A CD  1 
ATOM   1372 N NE  . ARG A 1 177 ? 4.789   -16.173 9.270   1.00 72.51 ? 182 ARG A NE  1 
ATOM   1373 C CZ  . ARG A 1 177 ? 3.960   -16.140 10.310  1.00 75.10 ? 182 ARG A CZ  1 
ATOM   1374 N NH1 . ARG A 1 177 ? 3.028   -17.078 10.456  1.00 76.87 ? 182 ARG A NH1 1 
ATOM   1375 N NH2 . ARG A 1 177 ? 4.064   -15.160 11.202  1.00 67.16 ? 182 ARG A NH2 1 
ATOM   1376 N N   . ASP A 1 178 ? 7.215   -13.869 6.277   1.00 46.26 ? 183 ASP A N   1 
ATOM   1377 C CA  . ASP A 1 178 ? 8.285   -13.274 7.077   1.00 52.94 ? 183 ASP A CA  1 
ATOM   1378 C C   . ASP A 1 178 ? 8.485   -11.801 6.704   1.00 57.40 ? 183 ASP A C   1 
ATOM   1379 O O   . ASP A 1 178 ? 8.952   -10.994 7.518   1.00 62.69 ? 183 ASP A O   1 
ATOM   1380 C CB  . ASP A 1 178 ? 9.594   -14.055 6.905   1.00 54.51 ? 183 ASP A CB  1 
ATOM   1381 C CG  . ASP A 1 178 ? 9.862   -14.437 5.457   1.00 58.77 ? 183 ASP A CG  1 
ATOM   1382 O OD1 . ASP A 1 178 ? 9.069   -15.236 4.909   1.00 54.68 ? 183 ASP A OD1 1 
ATOM   1383 O OD2 . ASP A 1 178 ? 10.860  -13.949 4.866   1.00 63.72 ? 183 ASP A OD2 1 
ATOM   1384 N N   . ALA A 1 179 ? 8.105   -11.463 5.473   1.00 49.67 ? 184 ALA A N   1 
ATOM   1385 C CA  . ALA A 1 179 ? 8.288   -10.130 4.918   1.00 42.07 ? 184 ALA A CA  1 
ATOM   1386 C C   . ALA A 1 179 ? 6.974   -9.561  4.404   1.00 38.62 ? 184 ALA A C   1 
ATOM   1387 O O   . ALA A 1 179 ? 6.790   -9.441  3.205   1.00 44.06 ? 184 ALA A O   1 
ATOM   1388 C CB  . ALA A 1 179 ? 9.294   -10.187 3.779   1.00 43.00 ? 184 ALA A CB  1 
ATOM   1389 N N   . PRO A 1 180 ? 6.052   -9.210  5.305   1.00 37.87 ? 185 PRO A N   1 
ATOM   1390 C CA  . PRO A 1 180 ? 4.730   -8.772  4.845   1.00 35.24 ? 185 PRO A CA  1 
ATOM   1391 C C   . PRO A 1 180 ? 4.753   -7.553  3.915   1.00 40.01 ? 185 PRO A C   1 
ATOM   1392 O O   . PRO A 1 180 ? 3.784   -7.333  3.181   1.00 36.68 ? 185 PRO A O   1 
ATOM   1393 C CB  . PRO A 1 180 ? 3.986   -8.447  6.157   1.00 32.14 ? 185 PRO A CB  1 
ATOM   1394 C CG  . PRO A 1 180 ? 5.049   -8.427  7.230   1.00 33.40 ? 185 PRO A CG  1 
ATOM   1395 C CD  . PRO A 1 180 ? 6.074   -9.416  6.761   1.00 40.16 ? 185 PRO A CD  1 
ATOM   1396 N N   . TYR A 1 181 ? 5.832   -6.777  3.932   1.00 40.16 ? 186 TYR A N   1 
ATOM   1397 C CA  . TYR A 1 181 ? 5.863   -5.542  3.150   1.00 36.42 ? 186 TYR A CA  1 
ATOM   1398 C C   . TYR A 1 181 ? 6.618   -5.674  1.836   1.00 38.67 ? 186 TYR A C   1 
ATOM   1399 O O   . TYR A 1 181 ? 6.850   -4.680  1.147   1.00 42.00 ? 186 TYR A O   1 
ATOM   1400 C CB  . TYR A 1 181 ? 6.449   -4.394  3.976   1.00 37.15 ? 186 TYR A CB  1 
ATOM   1401 C CG  . TYR A 1 181 ? 5.645   -4.060  5.211   1.00 37.26 ? 186 TYR A CG  1 
ATOM   1402 C CD1 . TYR A 1 181 ? 4.639   -3.110  5.166   1.00 34.94 ? 186 TYR A CD1 1 
ATOM   1403 C CD2 . TYR A 1 181 ? 5.888   -4.704  6.423   1.00 36.41 ? 186 TYR A CD2 1 
ATOM   1404 C CE1 . TYR A 1 181 ? 3.894   -2.805  6.292   1.00 41.75 ? 186 TYR A CE1 1 
ATOM   1405 C CE2 . TYR A 1 181 ? 5.149   -4.404  7.562   1.00 28.27 ? 186 TYR A CE2 1 
ATOM   1406 C CZ  . TYR A 1 181 ? 4.151   -3.455  7.489   1.00 42.68 ? 186 TYR A CZ  1 
ATOM   1407 O OH  . TYR A 1 181 ? 3.409   -3.133  8.614   1.00 48.30 ? 186 TYR A OH  1 
ATOM   1408 N N   . GLU A 1 182 ? 7.003   -6.895  1.484   1.00 36.47 ? 187 GLU A N   1 
ATOM   1409 C CA  . GLU A 1 182 ? 7.775   -7.111  0.267   1.00 35.36 ? 187 GLU A CA  1 
ATOM   1410 C C   . GLU A 1 182 ? 7.012   -7.992  -0.699  1.00 35.39 ? 187 GLU A C   1 
ATOM   1411 O O   . GLU A 1 182 ? 6.719   -9.148  -0.396  1.00 38.35 ? 187 GLU A O   1 
ATOM   1412 C CB  . GLU A 1 182 ? 9.125   -7.726  0.612   1.00 41.36 ? 187 GLU A CB  1 
ATOM   1413 C CG  . GLU A 1 182 ? 9.932   -6.883  1.601   1.00 43.89 ? 187 GLU A CG  1 
ATOM   1414 C CD  . GLU A 1 182 ? 11.034  -7.672  2.289   1.00 44.11 ? 187 GLU A CD  1 
ATOM   1415 O OE1 . GLU A 1 182 ? 11.573  -8.613  1.668   1.00 49.57 ? 187 GLU A OE1 1 
ATOM   1416 O OE2 . GLU A 1 182 ? 11.361  -7.350  3.450   1.00 43.82 ? 187 GLU A OE2 1 
ATOM   1417 N N   . TRP A 1 183 ? 6.694   -7.444  -1.867  1.00 34.09 ? 188 TRP A N   1 
ATOM   1418 C CA  . TRP A 1 183 ? 5.730   -8.068  -2.761  1.00 32.78 ? 188 TRP A CA  1 
ATOM   1419 C C   . TRP A 1 183 ? 6.321   -8.443  -4.100  1.00 38.69 ? 188 TRP A C   1 
ATOM   1420 O O   . TRP A 1 183 ? 7.302   -7.871  -4.544  1.00 39.27 ? 188 TRP A O   1 
ATOM   1421 C CB  . TRP A 1 183 ? 4.519   -7.152  -2.983  1.00 32.33 ? 188 TRP A CB  1 
ATOM   1422 C CG  . TRP A 1 183 ? 3.638   -6.974  -1.775  1.00 32.25 ? 188 TRP A CG  1 
ATOM   1423 C CD1 . TRP A 1 183 ? 3.876   -7.427  -0.521  1.00 31.88 ? 188 TRP A CD1 1 
ATOM   1424 C CD2 . TRP A 1 183 ? 2.400   -6.252  -1.710  1.00 29.41 ? 188 TRP A CD2 1 
ATOM   1425 N NE1 . TRP A 1 183 ? 2.862   -7.057  0.318   1.00 29.75 ? 188 TRP A NE1 1 
ATOM   1426 C CE2 . TRP A 1 183 ? 1.943   -6.329  -0.389  1.00 27.65 ? 188 TRP A CE2 1 
ATOM   1427 C CE3 . TRP A 1 183 ? 1.633   -5.546  -2.644  1.00 32.20 ? 188 TRP A CE3 1 
ATOM   1428 C CZ2 . TRP A 1 183 ? 0.765   -5.732  0.029   1.00 28.01 ? 188 TRP A CZ2 1 
ATOM   1429 C CZ3 . TRP A 1 183 ? 0.464   -4.954  -2.231  1.00 29.62 ? 188 TRP A CZ3 1 
ATOM   1430 C CH2 . TRP A 1 183 ? 0.040   -5.048  -0.905  1.00 29.49 ? 188 TRP A CH2 1 
ATOM   1431 N N   . SER A 1 184 ? 5.690   -9.411  -4.752  1.00 45.25 ? 189 SER A N   1 
ATOM   1432 C CA  . SER A 1 184 ? 6.086   -9.836  -6.080  1.00 40.87 ? 189 SER A CA  1 
ATOM   1433 C C   . SER A 1 184 ? 5.873   -8.725  -7.106  1.00 46.14 ? 189 SER A C   1 
ATOM   1434 O O   . SER A 1 184 ? 5.519   -7.597  -6.763  1.00 47.54 ? 189 SER A O   1 
ATOM   1435 C CB  . SER A 1 184 ? 5.263   -11.050 -6.480  1.00 39.37 ? 189 SER A CB  1 
ATOM   1436 O OG  . SER A 1 184 ? 3.899   -10.708 -6.601  1.00 38.12 ? 189 SER A OG  1 
ATOM   1437 N N   . ASN A 1 185 ? 6.119   -9.047  -8.369  1.00 47.37 ? 190 ASN A N   1 
ATOM   1438 C CA  . ASN A 1 185 ? 5.668   -8.207  -9.458  1.00 46.35 ? 190 ASN A CA  1 
ATOM   1439 C C   . ASN A 1 185 ? 4.163   -8.292  -9.470  1.00 46.02 ? 190 ASN A C   1 
ATOM   1440 O O   . ASN A 1 185 ? 3.582   -9.307  -9.076  1.00 45.04 ? 190 ASN A O   1 
ATOM   1441 C CB  . ASN A 1 185 ? 6.183   -8.722  -10.803 1.00 47.33 ? 190 ASN A CB  1 
ATOM   1442 C CG  . ASN A 1 185 ? 7.533   -8.142  -11.187 1.00 50.86 ? 190 ASN A CG  1 
ATOM   1443 O OD1 . ASN A 1 185 ? 7.716   -6.928  -11.215 1.00 56.53 ? 190 ASN A OD1 1 
ATOM   1444 N ND2 . ASN A 1 185 ? 8.481   -9.014  -11.508 1.00 54.24 ? 190 ASN A ND2 1 
ATOM   1445 N N   . SER A 1 186 ? 3.530   -7.226  -9.926  1.00 40.85 ? 191 SER A N   1 
ATOM   1446 C CA  . SER A 1 186 ? 2.103   -7.245  -10.117 1.00 41.09 ? 191 SER A CA  1 
ATOM   1447 C C   . SER A 1 186 ? 1.752   -8.278  -11.170 1.00 40.87 ? 191 SER A C   1 
ATOM   1448 O O   . SER A 1 186 ? 2.504   -8.497  -12.109 1.00 42.10 ? 191 SER A O   1 
ATOM   1449 C CB  . SER A 1 186 ? 1.619   -5.871  -10.574 1.00 39.23 ? 191 SER A CB  1 
ATOM   1450 O OG  . SER A 1 186 ? 0.315   -5.966  -11.123 1.00 42.27 ? 191 SER A OG  1 
ATOM   1451 N N   . SER A 1 187 ? 0.599   -8.908  -11.004 1.00 41.33 ? 192 SER A N   1 
ATOM   1452 C CA  . SER A 1 187 ? 0.004   -9.710  -12.056 1.00 39.58 ? 192 SER A CA  1 
ATOM   1453 C C   . SER A 1 187 ? -0.427  -8.828  -13.218 1.00 44.63 ? 192 SER A C   1 
ATOM   1454 O O   . SER A 1 187 ? -0.506  -7.597  -13.099 1.00 40.47 ? 192 SER A O   1 
ATOM   1455 C CB  . SER A 1 187 ? -1.243  -10.404 -11.526 1.00 39.46 ? 192 SER A CB  1 
ATOM   1456 O OG  . SER A 1 187 ? -2.306  -9.479  -11.404 1.00 36.26 ? 192 SER A OG  1 
ATOM   1457 N N   . ASP A 1 188 ? -0.738  -9.462  -14.341 1.00 44.10 ? 193 ASP A N   1 
ATOM   1458 C CA  . ASP A 1 188 ? -1.348  -8.752  -15.457 1.00 50.18 ? 193 ASP A CA  1 
ATOM   1459 C C   . ASP A 1 188 ? -2.703  -8.169  -15.041 1.00 49.24 ? 193 ASP A C   1 
ATOM   1460 O O   . ASP A 1 188 ? -3.522  -8.860  -14.437 1.00 49.54 ? 193 ASP A O   1 
ATOM   1461 C CB  . ASP A 1 188 ? -1.524  -9.692  -16.646 1.00 51.25 ? 193 ASP A CB  1 
ATOM   1462 C CG  . ASP A 1 188 ? -0.221  -9.956  -17.376 1.00 52.15 ? 193 ASP A CG  1 
ATOM   1463 O OD1 . ASP A 1 188 ? 0.710   -9.130  -17.242 1.00 53.49 ? 193 ASP A OD1 1 
ATOM   1464 O OD2 . ASP A 1 188 ? -0.136  -10.985 -18.085 1.00 47.86 ? 193 ASP A OD2 1 
ATOM   1465 N N   . PRO A 1 189 ? -2.942  -6.897  -15.372 1.00 40.83 ? 194 PRO A N   1 
ATOM   1466 C CA  . PRO A 1 189 ? -4.167  -6.189  -14.985 1.00 43.82 ? 194 PRO A CA  1 
ATOM   1467 C C   . PRO A 1 189 ? -5.394  -6.846  -15.572 1.00 42.82 ? 194 PRO A C   1 
ATOM   1468 O O   . PRO A 1 189 ? -5.404  -7.131  -16.758 1.00 48.48 ? 194 PRO A O   1 
ATOM   1469 C CB  . PRO A 1 189 ? -3.979  -4.798  -15.602 1.00 46.70 ? 194 PRO A CB  1 
ATOM   1470 C CG  . PRO A 1 189 ? -2.499  -4.664  -15.802 1.00 47.10 ? 194 PRO A CG  1 
ATOM   1471 C CD  . PRO A 1 189 ? -2.029  -6.046  -16.148 1.00 45.76 ? 194 PRO A CD  1 
ATOM   1472 N N   . LEU A 1 190 ? -6.406  -7.090  -14.744 1.00 43.32 ? 195 LEU A N   1 
ATOM   1473 C CA  . LEU A 1 190 ? -7.670  -7.657  -15.198 1.00 39.01 ? 195 LEU A CA  1 
ATOM   1474 C C   . LEU A 1 190 ? -8.789  -6.628  -15.078 1.00 39.28 ? 195 LEU A C   1 
ATOM   1475 O O   . LEU A 1 190 ? -8.921  -5.963  -14.051 1.00 39.06 ? 195 LEU A O   1 
ATOM   1476 C CB  . LEU A 1 190 ? -8.015  -8.898  -14.381 1.00 37.80 ? 195 LEU A CB  1 
ATOM   1477 C CG  . LEU A 1 190 ? -9.173  -9.748  -14.910 1.00 40.22 ? 195 LEU A CG  1 
ATOM   1478 C CD1 . LEU A 1 190 ? -8.976  -11.206 -14.533 1.00 41.06 ? 195 LEU A CD1 1 
ATOM   1479 C CD2 . LEU A 1 190 ? -10.527 -9.241  -14.422 1.00 37.45 ? 195 LEU A CD2 1 
ATOM   1480 N N   . LEU A 1 191 ? -9.603  -6.511  -16.120 1.00 39.85 ? 196 LEU A N   1 
ATOM   1481 C CA  . LEU A 1 191 ? -10.630 -5.481  -16.157 1.00 33.91 ? 196 LEU A CA  1 
ATOM   1482 C C   . LEU A 1 191 ? -12.005 -6.087  -16.008 1.00 32.67 ? 196 LEU A C   1 
ATOM   1483 O O   . LEU A 1 191 ? -12.455 -6.877  -16.838 1.00 35.12 ? 196 LEU A O   1 
ATOM   1484 C CB  . LEU A 1 191 ? -10.546 -4.646  -17.442 1.00 30.75 ? 196 LEU A CB  1 
ATOM   1485 C CG  . LEU A 1 191 ? -11.752 -3.722  -17.682 1.00 37.09 ? 196 LEU A CG  1 
ATOM   1486 C CD1 . LEU A 1 191 ? -11.637 -2.418  -16.877 1.00 33.40 ? 196 LEU A CD1 1 
ATOM   1487 C CD2 . LEU A 1 191 ? -11.949 -3.418  -19.171 1.00 31.54 ? 196 LEU A CD2 1 
ATOM   1488 N N   . VAL A 1 192 ? -12.672 -5.703  -14.935 1.00 32.80 ? 197 VAL A N   1 
ATOM   1489 C CA  . VAL A 1 192 ? -14.028 -6.143  -14.684 1.00 34.74 ? 197 VAL A CA  1 
ATOM   1490 C C   . VAL A 1 192 ? -15.022 -5.110  -15.213 1.00 34.57 ? 197 VAL A C   1 
ATOM   1491 O O   . VAL A 1 192 ? -14.999 -3.959  -14.786 1.00 35.99 ? 197 VAL A O   1 
ATOM   1492 C CB  . VAL A 1 192 ? -14.262 -6.352  -13.168 1.00 29.98 ? 197 VAL A CB  1 
ATOM   1493 C CG1 . VAL A 1 192 ? -15.673 -6.806  -12.897 1.00 30.05 ? 197 VAL A CG1 1 
ATOM   1494 C CG2 . VAL A 1 192 ? -13.274 -7.340  -12.635 1.00 34.44 ? 197 VAL A CG2 1 
ATOM   1495 N N   . SER A 1 193 ? -15.894 -5.531  -16.128 1.00 36.89 ? 198 SER A N   1 
ATOM   1496 C CA  . SER A 1 193 ? -16.995 -4.694  -16.596 1.00 37.85 ? 198 SER A CA  1 
ATOM   1497 C C   . SER A 1 193 ? -18.312 -5.124  -15.984 1.00 41.36 ? 198 SER A C   1 
ATOM   1498 O O   . SER A 1 193 ? -18.690 -6.285  -16.069 1.00 42.31 ? 198 SER A O   1 
ATOM   1499 C CB  . SER A 1 193 ? -17.111 -4.742  -18.117 1.00 38.85 ? 198 SER A CB  1 
ATOM   1500 O OG  . SER A 1 193 ? -15.880 -4.395  -18.733 1.00 44.12 ? 198 SER A OG  1 
ATOM   1501 N N   . VAL A 1 194 ? -19.008 -4.171  -15.373 1.00 42.36 ? 199 VAL A N   1 
ATOM   1502 C CA  . VAL A 1 194 ? -20.324 -4.404  -14.806 1.00 38.88 ? 199 VAL A CA  1 
ATOM   1503 C C   . VAL A 1 194 ? -21.395 -3.961  -15.801 1.00 45.00 ? 199 VAL A C   1 
ATOM   1504 O O   . VAL A 1 194 ? -21.224 -2.949  -16.485 1.00 40.07 ? 199 VAL A O   1 
ATOM   1505 C CB  . VAL A 1 194 ? -20.485 -3.620  -13.507 1.00 38.16 ? 199 VAL A CB  1 
ATOM   1506 C CG1 . VAL A 1 194 ? -21.863 -3.851  -12.906 1.00 39.75 ? 199 VAL A CG1 1 
ATOM   1507 C CG2 . VAL A 1 194 ? -19.406 -4.013  -12.538 1.00 39.15 ? 199 VAL A CG2 1 
ATOM   1508 N N   . THR A 1 195 ? -22.495 -4.715  -15.878 1.00 45.55 ? 200 THR A N   1 
ATOM   1509 C CA  . THR A 1 195 ? -23.564 -4.428  -16.840 1.00 43.39 ? 200 THR A CA  1 
ATOM   1510 C C   . THR A 1 195 ? -24.921 -4.190  -16.170 1.00 45.91 ? 200 THR A C   1 
ATOM   1511 O O   . THR A 1 195 ? -25.575 -3.164  -16.409 1.00 50.19 ? 200 THR A O   1 
ATOM   1512 C CB  . THR A 1 195 ? -23.694 -5.545  -17.908 1.00 48.30 ? 200 THR A CB  1 
ATOM   1513 O OG1 . THR A 1 195 ? -24.200 -6.740  -17.309 1.00 50.82 ? 200 THR A OG1 1 
ATOM   1514 C CG2 . THR A 1 195 ? -22.355 -5.848  -18.548 1.00 45.45 ? 200 THR A CG2 1 
HETATM 1515 O O   . HOH B 2 .   ? 8.345   -6.793  5.590   1.00 36.49 ? 1   HOH A O   1 
HETATM 1516 O O   . HOH B 2 .   ? 3.107   -11.925 3.596   1.00 37.31 ? 2   HOH A O   1 
HETATM 1517 O O   . HOH B 2 .   ? -8.209  -2.164  -3.611  1.00 29.08 ? 3   HOH A O   1 
HETATM 1518 O O   . HOH B 2 .   ? 15.890  5.037   6.965   1.00 29.08 ? 4   HOH A O   1 
HETATM 1519 O O   . HOH B 2 .   ? -2.868  -6.090  1.591   1.00 31.99 ? 5   HOH A O   1 
HETATM 1520 O O   . HOH B 2 .   ? 7.315   -11.101 1.083   1.00 33.55 ? 201 HOH A O   1 
HETATM 1521 O O   . HOH B 2 .   ? -18.507 -3.774  -8.338  1.00 30.58 ? 202 HOH A O   1 
HETATM 1522 O O   . HOH B 2 .   ? -7.068  -11.806 5.301   1.00 42.75 ? 203 HOH A O   1 
HETATM 1523 O O   . HOH B 2 .   ? -12.925 -20.074 -3.570  1.00 36.97 ? 204 HOH A O   1 
HETATM 1524 O O   . HOH B 2 .   ? -1.449  4.894   -1.770  1.00 43.88 ? 205 HOH A O   1 
HETATM 1525 O O   . HOH B 2 .   ? 13.764  -8.557  4.196   1.00 37.34 ? 206 HOH A O   1 
HETATM 1526 O O   . HOH B 2 .   ? -3.766  3.915   6.048   1.00 46.90 ? 207 HOH A O   1 
HETATM 1527 O O   . HOH B 2 .   ? 7.344   6.253   -6.318  1.00 35.88 ? 208 HOH A O   1 
HETATM 1528 O O   . HOH B 2 .   ? 9.016   18.545  -2.408  1.00 40.23 ? 209 HOH A O   1 
HETATM 1529 O O   . HOH B 2 .   ? -7.496  -17.610 1.647   1.00 36.46 ? 210 HOH A O   1 
HETATM 1530 O O   . HOH B 2 .   ? -1.895  -5.912  4.256   1.00 48.71 ? 211 HOH A O   1 
HETATM 1531 O O   . HOH B 2 .   ? -17.254 -6.069  -9.135  1.00 36.64 ? 212 HOH A O   1 
HETATM 1532 O O   . HOH B 2 .   ? -14.385 2.078   -11.901 1.00 45.58 ? 213 HOH A O   1 
HETATM 1533 O O   . HOH B 2 .   ? -14.947 -4.147  -9.876  1.00 36.30 ? 214 HOH A O   1 
HETATM 1534 O O   . HOH B 2 .   ? 12.097  -1.225  7.967   1.00 37.74 ? 215 HOH A O   1 
HETATM 1535 O O   . HOH B 2 .   ? -2.671  3.830   1.969   1.00 41.37 ? 216 HOH A O   1 
HETATM 1536 O O   . HOH B 2 .   ? 10.264  -11.815 1.547   1.00 34.58 ? 217 HOH A O   1 
HETATM 1537 O O   . HOH B 2 .   ? -12.979 -9.773  -1.071  1.00 39.84 ? 218 HOH A O   1 
HETATM 1538 O O   . HOH B 2 .   ? 4.119   5.593   14.950  1.00 40.46 ? 219 HOH A O   1 
HETATM 1539 O O   . HOH B 2 .   ? -17.571 -12.652 -18.835 1.00 46.53 ? 220 HOH A O   1 
HETATM 1540 O O   . HOH B 2 .   ? -18.981 -8.430  -8.487  1.00 40.75 ? 221 HOH A O   1 
HETATM 1541 O O   . HOH B 2 .   ? -10.006 0.304   -11.200 1.00 37.47 ? 222 HOH A O   1 
HETATM 1542 O O   . HOH B 2 .   ? 16.724  10.988  11.810  1.00 37.31 ? 223 HOH A O   1 
HETATM 1543 O O   . HOH B 2 .   ? 0.871   -2.388  11.184  1.00 47.02 ? 224 HOH A O   1 
HETATM 1544 O O   . HOH B 2 .   ? -3.448  9.296   2.287   1.00 42.08 ? 225 HOH A O   1 
HETATM 1545 O O   . HOH B 2 .   ? -3.736  11.356  9.231   1.00 46.70 ? 226 HOH A O   1 
HETATM 1546 O O   . HOH B 2 .   ? -18.214 0.771   -14.196 1.00 45.21 ? 227 HOH A O   1 
HETATM 1547 O O   . HOH B 2 .   ? -18.284 -15.257 -18.505 1.00 46.03 ? 228 HOH A O   1 
HETATM 1548 O O   . HOH B 2 .   ? 12.536  -0.465  -10.673 1.00 53.53 ? 229 HOH A O   1 
HETATM 1549 O O   . HOH B 2 .   ? 9.533   20.995  -1.962  1.00 42.61 ? 230 HOH A O   1 
HETATM 1550 O O   . HOH B 2 .   ? -7.431  -6.950  3.750   1.00 41.20 ? 231 HOH A O   1 
HETATM 1551 O O   . HOH B 2 .   ? 5.641   -20.247 2.150   1.00 50.20 ? 232 HOH A O   1 
HETATM 1552 O O   . HOH B 2 .   ? -17.912 -1.236  -15.877 1.00 40.59 ? 233 HOH A O   1 
HETATM 1553 O O   . HOH B 2 .   ? 22.047  -0.835  -8.047  1.00 45.77 ? 234 HOH A O   1 
HETATM 1554 O O   . HOH B 2 .   ? -4.445  -0.636  -4.623  1.00 32.26 ? 235 HOH A O   1 
HETATM 1555 O O   . HOH B 2 .   ? -1.412  2.071   3.435   1.00 43.49 ? 236 HOH A O   1 
HETATM 1556 O O   . HOH B 2 .   ? -24.287 -13.785 -7.766  1.00 52.18 ? 237 HOH A O   1 
HETATM 1557 O O   . HOH B 2 .   ? -1.223  -3.244  9.796   1.00 49.06 ? 238 HOH A O   1 
HETATM 1558 O O   . HOH B 2 .   ? 17.830  8.610   11.509  1.00 30.05 ? 239 HOH A O   1 
HETATM 1559 O O   . HOH B 2 .   ? -24.682 0.246   -9.869  1.00 46.43 ? 240 HOH A O   1 
HETATM 1560 O O   . HOH B 2 .   ? -26.498 -2.048  -8.903  1.00 47.52 ? 241 HOH A O   1 
HETATM 1561 O O   . HOH B 2 .   ? 10.278  -17.132 -11.419 1.00 56.51 ? 242 HOH A O   1 
HETATM 1562 O O   . HOH B 2 .   ? -3.039  9.403   5.756   1.00 50.27 ? 243 HOH A O   1 
HETATM 1563 O O   . HOH B 2 .   ? 21.394  -0.982  -10.643 1.00 54.10 ? 244 HOH A O   1 
HETATM 1564 O O   . HOH B 2 .   ? 2.096   -11.605 5.834   1.00 40.33 ? 245 HOH A O   1 
HETATM 1565 O O   . HOH B 2 .   ? -2.395  -32.571 -9.799  1.00 40.68 ? 246 HOH A O   1 
HETATM 1566 O O   . HOH B 2 .   ? 13.829  -4.097  9.770   1.00 61.24 ? 247 HOH A O   1 
HETATM 1567 O O   . HOH B 2 .   ? 16.793  21.544  21.028  1.00 51.11 ? 248 HOH A O   1 
# 
